data_2XP4
# 
_entry.id   2XP4 
# 
_audit_conform.dict_name       mmcif_pdbx.dic 
_audit_conform.dict_version    5.383 
_audit_conform.dict_location   http://mmcif.pdb.org/dictionaries/ascii/mmcif_pdbx.dic 
# 
loop_
_database_2.database_id 
_database_2.database_code 
_database_2.pdbx_database_accession 
_database_2.pdbx_DOI 
PDB   2XP4         pdb_00002xp4 10.2210/pdb2xp4/pdb 
PDBE  EBI-45157    ?            ?                   
WWPDB D_1290045157 ?            ?                   
# 
loop_
_pdbx_database_related.db_name 
_pdbx_database_related.db_id 
_pdbx_database_related.content_type 
_pdbx_database_related.details 
PDB 1F8A unspecified 'STRUCTURAL BASIS FOR THE PHOSPHOSERINE-PROLINE RECOGNITIONBY GROUP IV WW DOMAINS'                 
PDB 1I8G unspecified 'SOLUTION STRUCTURE OF PIN1 WW DOMAIN COMPLEXED WITH CDC25PHOSPHOTHREONINE PEPTIDE'                
PDB 1PIN unspecified 'PIN1 PEPTIDYL-PROLYL CIS-TRANS ISOMERASE FROM HOMO SAPIENS'                                       
PDB 2XPB unspecified 'DISCOVERY OF CELL-ACTIVE PHENYL-IMIDAZOLE PIN1 INHIBITORS BY STRUCTURE-GUIDED FRAGMENT EVOLUTION' 
PDB 2XP3 unspecified 'DISCOVERY OF CELL-ACTIVE PHENYL-IMIDAZOLE PIN1 INHIBITORS BY STRUCTURE-GUIDED FRAGMENT EVOLUTION' 
PDB 2XP5 unspecified 'DISCOVERY OF CELL-ACTIVE PHENYL-IMIDAZOLE PIN1 INHIBITORS BY STRUCTURE-GUIDED FRAGMENT EVOLUTION' 
PDB 1NMW unspecified 'SOLUTION STRUCTURE OF THE PPIASE DOMAIN OF HUMAN PIN1'                                            
PDB 1ZCN unspecified 'HUMAN PIN1 NG MUTANT'                                                                             
PDB 2F21 unspecified 'HUMAN PIN1 FIP MUTANT'                                                                            
PDB 2XP6 unspecified 'DISCOVERY OF CELL-ACTIVE PHENYL-IMIDAZOLE PIN1 INHIBITORS BY STRUCTURE-GUIDED FRAGMENT EVOLUTION' 
PDB 2XP8 unspecified 'DISCOVERY OF CELL-ACTIVE PHENYL-IMIDAZOLE PIN1 INHIBITORS BY STRUCTURE-GUIDED FRAGMENT EVOLUTION' 
PDB 1NMV unspecified 'SOLUTION STRUCTURE OF HUMAN PIN1'                                                                 
PDB 2XP9 unspecified 'DISCOVERY OF CELL-ACTIVE PHENYL-IMIDAZOLE PIN1 INHIBITORS BY STRUCTURE-GUIDED FRAGMENT EVOLUTION' 
PDB 2XP7 unspecified 'DISCOVERY OF CELL-ACTIVE PHENYL-IMIDAZOLE PIN1 INHIBITORS BY STRUCTURE-GUIDED FRAGMENT EVOLUTION' 
PDB 1I8H unspecified 'SOLUTION STRUCTURE OF PIN1 WW DOMAIN COMPLEXED WITH HUMANTAU PHOSPHOTHREONINE PEPTIDE'            
PDB 2XPA unspecified 'DISCOVERY OF CELL-ACTIVE PHENYL-IMIDAZOLE PIN1 INHIBITORS BY STRUCTURE-GUIDED FRAGMENT EVOLUTION' 
PDB 1I6C unspecified 'SOLUTION STRUCTURE OF PIN1 WW DOMAIN'                                                             
# 
_pdbx_database_status.status_code                     REL 
_pdbx_database_status.entry_id                        2XP4 
_pdbx_database_status.deposit_site                    PDBE 
_pdbx_database_status.process_site                    PDBE 
_pdbx_database_status.SG_entry                        . 
_pdbx_database_status.recvd_initial_deposition_date   2010-08-25 
_pdbx_database_status.pdb_format_compatible           Y 
_pdbx_database_status.status_code_sf                  REL 
_pdbx_database_status.status_code_mr                  ? 
_pdbx_database_status.status_code_cs                  ? 
_pdbx_database_status.methods_development_category    ? 
_pdbx_database_status.status_code_nmr_data            ? 
# 
loop_
_audit_author.name 
_audit_author.pdbx_ordinal 
'Potter, A.'       1  
'Oldfield, V.'     2  
'Nunns, C.'        3  
'Fromont, C.'      4  
'Ray, S.'          5  
'Northfield, C.J.' 6  
'Bryant, C.J.'     7  
'Scrace, S.F.'     8  
'Robinson, D.'     9  
'Matossova, N.'    10 
'Baker, L.'        11 
'Dokurno, P.'      12 
'Surgenor, A.E.'   13 
'Davis, B.E.'      14 
'Richardson, C.M.' 15 
'Murray, J.B.'     16 
'Moore, J.D.'      17 
# 
_citation.id                        primary 
_citation.title                     
'Discovery of Cell-Active Phenyl-Imidazole Pin1 Inhibitors by Structure-Guided Fragment Evolution.' 
_citation.journal_abbrev            Bioorg.Med.Chem.Lett. 
_citation.journal_volume            20 
_citation.page_first                6483 
_citation.page_last                 ? 
_citation.year                      2010 
_citation.journal_id_ASTM           BMCLE8 
_citation.country                   UK 
_citation.journal_id_ISSN           0960-894X 
_citation.journal_id_CSD            1127 
_citation.book_publisher            ? 
_citation.pdbx_database_id_PubMed   20932746 
_citation.pdbx_database_id_DOI      10.1016/J.BMCL.2010.09.063 
# 
loop_
_citation_author.citation_id 
_citation_author.name 
_citation_author.ordinal 
_citation_author.identifier_ORCID 
primary 'Potter, A.'       1  ? 
primary 'Oldfield, V.'     2  ? 
primary 'Nunns, C.'        3  ? 
primary 'Fromont, C.'      4  ? 
primary 'Ray, S.'          5  ? 
primary 'Northfield, C.J.' 6  ? 
primary 'Bryant, C.J.'     7  ? 
primary 'Scrace, S.F.'     8  ? 
primary 'Robinson, D.'     9  ? 
primary 'Matossova, N.'    10 ? 
primary 'Baker, L.'        11 ? 
primary 'Dokurno, P.'      12 ? 
primary 'Surgenor, A.E.'   13 ? 
primary 'Davis, B.'        14 ? 
primary 'Richardson, C.M.' 15 ? 
primary 'Murray, J.B.'     16 ? 
primary 'Moore, J.D.'      17 ? 
# 
_cell.entry_id           2XP4 
_cell.length_a           68.542 
_cell.length_b           68.542 
_cell.length_c           79.722 
_cell.angle_alpha        90.00 
_cell.angle_beta         90.00 
_cell.angle_gamma        120.00 
_cell.Z_PDB              6 
_cell.pdbx_unique_axis   ? 
# 
_symmetry.entry_id                         2XP4 
_symmetry.space_group_name_H-M             'P 31 2 1' 
_symmetry.pdbx_full_space_group_name_H-M   ? 
_symmetry.cell_setting                     ? 
_symmetry.Int_Tables_number                152 
# 
loop_
_entity.id 
_entity.type 
_entity.src_method 
_entity.pdbx_description 
_entity.formula_weight 
_entity.pdbx_number_of_molecules 
_entity.pdbx_ec 
_entity.pdbx_mutation 
_entity.pdbx_fragment 
_entity.details 
1 polymer     man 'PEPTIDYL-PROLYL CIS-TRANS ISOMERASE NIMA-INTERACTING 1' 18524.525 1   5.2.1.8 YES ? ? 
2 non-polymer syn 'DODECAETHYLENE GLYCOL'                                  546.646   1   ?       ?   ? ? 
3 non-polymer syn '2-phenyl-1H-imidazole-4-carboxylic acid'                188.183   1   ?       ?   ? ? 
4 water       nat water                                                    18.015    119 ?       ?   ? ? 
# 
_entity_name_com.entity_id   1 
_entity_name_com.name        'PIN1, PEPTIDYL-PROLYL CIS-TRANS ISOMERASE PIN1, PPIASE PIN1, ROTAMASE PIN1' 
# 
_entity_poly.entity_id                      1 
_entity_poly.type                           'polypeptide(L)' 
_entity_poly.nstd_linkage                   no 
_entity_poly.nstd_monomer                   no 
_entity_poly.pdbx_seq_one_letter_code       
;GSHGMADEEKLPPGWEKAMSRSSGRVYYFNHITNASQWERPSGNSSSGGKNGQGEPARVRCSHLLVKHSQSRRPSSWRQE
KITRTKEEALELINGYIQKIKSGEEDFESLASQFSDCSSAKARGDLGAFSRGQMQKPFEDASFALRTGEMSGPVFTDSGI
HIILRTE
;
_entity_poly.pdbx_seq_one_letter_code_can   
;GSHGMADEEKLPPGWEKAMSRSSGRVYYFNHITNASQWERPSGNSSSGGKNGQGEPARVRCSHLLVKHSQSRRPSSWRQE
KITRTKEEALELINGYIQKIKSGEEDFESLASQFSDCSSAKARGDLGAFSRGQMQKPFEDASFALRTGEMSGPVFTDSGI
HIILRTE
;
_entity_poly.pdbx_strand_id                 A 
_entity_poly.pdbx_target_identifier         ? 
# 
loop_
_entity_poly_seq.entity_id 
_entity_poly_seq.num 
_entity_poly_seq.mon_id 
_entity_poly_seq.hetero 
1 1   GLY n 
1 2   SER n 
1 3   HIS n 
1 4   GLY n 
1 5   MET n 
1 6   ALA n 
1 7   ASP n 
1 8   GLU n 
1 9   GLU n 
1 10  LYS n 
1 11  LEU n 
1 12  PRO n 
1 13  PRO n 
1 14  GLY n 
1 15  TRP n 
1 16  GLU n 
1 17  LYS n 
1 18  ALA n 
1 19  MET n 
1 20  SER n 
1 21  ARG n 
1 22  SER n 
1 23  SER n 
1 24  GLY n 
1 25  ARG n 
1 26  VAL n 
1 27  TYR n 
1 28  TYR n 
1 29  PHE n 
1 30  ASN n 
1 31  HIS n 
1 32  ILE n 
1 33  THR n 
1 34  ASN n 
1 35  ALA n 
1 36  SER n 
1 37  GLN n 
1 38  TRP n 
1 39  GLU n 
1 40  ARG n 
1 41  PRO n 
1 42  SER n 
1 43  GLY n 
1 44  ASN n 
1 45  SER n 
1 46  SER n 
1 47  SER n 
1 48  GLY n 
1 49  GLY n 
1 50  LYS n 
1 51  ASN n 
1 52  GLY n 
1 53  GLN n 
1 54  GLY n 
1 55  GLU n 
1 56  PRO n 
1 57  ALA n 
1 58  ARG n 
1 59  VAL n 
1 60  ARG n 
1 61  CYS n 
1 62  SER n 
1 63  HIS n 
1 64  LEU n 
1 65  LEU n 
1 66  VAL n 
1 67  LYS n 
1 68  HIS n 
1 69  SER n 
1 70  GLN n 
1 71  SER n 
1 72  ARG n 
1 73  ARG n 
1 74  PRO n 
1 75  SER n 
1 76  SER n 
1 77  TRP n 
1 78  ARG n 
1 79  GLN n 
1 80  GLU n 
1 81  LYS n 
1 82  ILE n 
1 83  THR n 
1 84  ARG n 
1 85  THR n 
1 86  LYS n 
1 87  GLU n 
1 88  GLU n 
1 89  ALA n 
1 90  LEU n 
1 91  GLU n 
1 92  LEU n 
1 93  ILE n 
1 94  ASN n 
1 95  GLY n 
1 96  TYR n 
1 97  ILE n 
1 98  GLN n 
1 99  LYS n 
1 100 ILE n 
1 101 LYS n 
1 102 SER n 
1 103 GLY n 
1 104 GLU n 
1 105 GLU n 
1 106 ASP n 
1 107 PHE n 
1 108 GLU n 
1 109 SER n 
1 110 LEU n 
1 111 ALA n 
1 112 SER n 
1 113 GLN n 
1 114 PHE n 
1 115 SER n 
1 116 ASP n 
1 117 CYS n 
1 118 SER n 
1 119 SER n 
1 120 ALA n 
1 121 LYS n 
1 122 ALA n 
1 123 ARG n 
1 124 GLY n 
1 125 ASP n 
1 126 LEU n 
1 127 GLY n 
1 128 ALA n 
1 129 PHE n 
1 130 SER n 
1 131 ARG n 
1 132 GLY n 
1 133 GLN n 
1 134 MET n 
1 135 GLN n 
1 136 LYS n 
1 137 PRO n 
1 138 PHE n 
1 139 GLU n 
1 140 ASP n 
1 141 ALA n 
1 142 SER n 
1 143 PHE n 
1 144 ALA n 
1 145 LEU n 
1 146 ARG n 
1 147 THR n 
1 148 GLY n 
1 149 GLU n 
1 150 MET n 
1 151 SER n 
1 152 GLY n 
1 153 PRO n 
1 154 VAL n 
1 155 PHE n 
1 156 THR n 
1 157 ASP n 
1 158 SER n 
1 159 GLY n 
1 160 ILE n 
1 161 HIS n 
1 162 ILE n 
1 163 ILE n 
1 164 LEU n 
1 165 ARG n 
1 166 THR n 
1 167 GLU n 
# 
_entity_src_gen.entity_id                          1 
_entity_src_gen.pdbx_src_id                        1 
_entity_src_gen.pdbx_alt_source_flag               sample 
_entity_src_gen.pdbx_seq_type                      ? 
_entity_src_gen.pdbx_beg_seq_num                   ? 
_entity_src_gen.pdbx_end_seq_num                   ? 
_entity_src_gen.gene_src_common_name               HUMAN 
_entity_src_gen.gene_src_genus                     ? 
_entity_src_gen.pdbx_gene_src_gene                 ? 
_entity_src_gen.gene_src_species                   ? 
_entity_src_gen.gene_src_strain                    ? 
_entity_src_gen.gene_src_tissue                    ? 
_entity_src_gen.gene_src_tissue_fraction           ? 
_entity_src_gen.gene_src_details                   ? 
_entity_src_gen.pdbx_gene_src_fragment             ? 
_entity_src_gen.pdbx_gene_src_scientific_name      'HOMO SAPIENS' 
_entity_src_gen.pdbx_gene_src_ncbi_taxonomy_id     9606 
_entity_src_gen.pdbx_gene_src_variant              ? 
_entity_src_gen.pdbx_gene_src_cell_line            ? 
_entity_src_gen.pdbx_gene_src_atcc                 ? 
_entity_src_gen.pdbx_gene_src_organ                ? 
_entity_src_gen.pdbx_gene_src_organelle            ? 
_entity_src_gen.pdbx_gene_src_cell                 ? 
_entity_src_gen.pdbx_gene_src_cellular_location    ? 
_entity_src_gen.host_org_common_name               ? 
_entity_src_gen.pdbx_host_org_scientific_name      'ESCHERICHIA COLI' 
_entity_src_gen.pdbx_host_org_ncbi_taxonomy_id     469008 
_entity_src_gen.host_org_genus                     ? 
_entity_src_gen.pdbx_host_org_gene                 ? 
_entity_src_gen.pdbx_host_org_organ                ? 
_entity_src_gen.host_org_species                   ? 
_entity_src_gen.pdbx_host_org_tissue               ? 
_entity_src_gen.pdbx_host_org_tissue_fraction      ? 
_entity_src_gen.pdbx_host_org_strain               'BL21(DE3)' 
_entity_src_gen.pdbx_host_org_variant              ? 
_entity_src_gen.pdbx_host_org_cell_line            ? 
_entity_src_gen.pdbx_host_org_atcc                 ? 
_entity_src_gen.pdbx_host_org_culture_collection   ? 
_entity_src_gen.pdbx_host_org_cell                 ? 
_entity_src_gen.pdbx_host_org_organelle            ? 
_entity_src_gen.pdbx_host_org_cellular_location    ? 
_entity_src_gen.pdbx_host_org_vector_type          PLASMID 
_entity_src_gen.pdbx_host_org_vector               ? 
_entity_src_gen.host_org_details                   ? 
_entity_src_gen.expression_system_id               ? 
_entity_src_gen.plasmid_name                       PET28A 
_entity_src_gen.plasmid_details                    ? 
_entity_src_gen.pdbx_description                   ? 
# 
_struct_ref.id                         1 
_struct_ref.db_name                    UNP 
_struct_ref.db_code                    PIN1_HUMAN 
_struct_ref.entity_id                  1 
_struct_ref.pdbx_seq_one_letter_code   ? 
_struct_ref.pdbx_align_begin           ? 
_struct_ref.pdbx_db_accession          Q13526 
_struct_ref.pdbx_db_isoform            ? 
# 
_struct_ref_seq.align_id                      1 
_struct_ref_seq.ref_id                        1 
_struct_ref_seq.pdbx_PDB_id_code              2XP4 
_struct_ref_seq.pdbx_strand_id                A 
_struct_ref_seq.seq_align_beg                 5 
_struct_ref_seq.pdbx_seq_align_beg_ins_code   ? 
_struct_ref_seq.seq_align_end                 167 
_struct_ref_seq.pdbx_seq_align_end_ins_code   ? 
_struct_ref_seq.pdbx_db_accession             Q13526 
_struct_ref_seq.db_align_beg                  1 
_struct_ref_seq.pdbx_db_align_beg_ins_code    ? 
_struct_ref_seq.db_align_end                  163 
_struct_ref_seq.pdbx_db_align_end_ins_code    ? 
_struct_ref_seq.pdbx_auth_seq_align_beg       1 
_struct_ref_seq.pdbx_auth_seq_align_end       163 
# 
loop_
_struct_ref_seq_dif.align_id 
_struct_ref_seq_dif.pdbx_pdb_id_code 
_struct_ref_seq_dif.mon_id 
_struct_ref_seq_dif.pdbx_pdb_strand_id 
_struct_ref_seq_dif.seq_num 
_struct_ref_seq_dif.pdbx_pdb_ins_code 
_struct_ref_seq_dif.pdbx_seq_db_name 
_struct_ref_seq_dif.pdbx_seq_db_accession_code 
_struct_ref_seq_dif.db_mon_id 
_struct_ref_seq_dif.pdbx_seq_db_seq_num 
_struct_ref_seq_dif.details 
_struct_ref_seq_dif.pdbx_auth_seq_num 
_struct_ref_seq_dif.pdbx_ordinal 
1 2XP4 GLY A 1  ? UNP Q13526 ?   ?  'expression tag'      -3 1 
1 2XP4 SER A 2  ? UNP Q13526 ?   ?  'expression tag'      -2 2 
1 2XP4 HIS A 3  ? UNP Q13526 ?   ?  'expression tag'      -1 3 
1 2XP4 GLY A 4  ? UNP Q13526 ?   ?  'expression tag'      0  4 
1 2XP4 ALA A 18 ? UNP Q13526 ARG 14 'engineered mutation' 14 5 
# 
loop_
_chem_comp.id 
_chem_comp.type 
_chem_comp.mon_nstd_flag 
_chem_comp.name 
_chem_comp.pdbx_synonyms 
_chem_comp.formula 
_chem_comp.formula_weight 
12P non-polymer         . 'DODECAETHYLENE GLYCOL'                   'POLYETHYLENE GLYCOL PEG400' 'C24 H50 O13'    546.646 
ALA 'L-peptide linking' y ALANINE                                   ?                            'C3 H7 N O2'     89.093  
ARG 'L-peptide linking' y ARGININE                                  ?                            'C6 H15 N4 O2 1' 175.209 
ASN 'L-peptide linking' y ASPARAGINE                                ?                            'C4 H8 N2 O3'    132.118 
ASP 'L-peptide linking' y 'ASPARTIC ACID'                           ?                            'C4 H7 N O4'     133.103 
CYS 'L-peptide linking' y CYSTEINE                                  ?                            'C3 H7 N O2 S'   121.158 
G14 non-polymer         . '2-phenyl-1H-imidazole-4-carboxylic acid' ?                            'C10 H8 N2 O2'   188.183 
GLN 'L-peptide linking' y GLUTAMINE                                 ?                            'C5 H10 N2 O3'   146.144 
GLU 'L-peptide linking' y 'GLUTAMIC ACID'                           ?                            'C5 H9 N O4'     147.129 
GLY 'peptide linking'   y GLYCINE                                   ?                            'C2 H5 N O2'     75.067  
HIS 'L-peptide linking' y HISTIDINE                                 ?                            'C6 H10 N3 O2 1' 156.162 
HOH non-polymer         . WATER                                     ?                            'H2 O'           18.015  
ILE 'L-peptide linking' y ISOLEUCINE                                ?                            'C6 H13 N O2'    131.173 
LEU 'L-peptide linking' y LEUCINE                                   ?                            'C6 H13 N O2'    131.173 
LYS 'L-peptide linking' y LYSINE                                    ?                            'C6 H15 N2 O2 1' 147.195 
MET 'L-peptide linking' y METHIONINE                                ?                            'C5 H11 N O2 S'  149.211 
PHE 'L-peptide linking' y PHENYLALANINE                             ?                            'C9 H11 N O2'    165.189 
PRO 'L-peptide linking' y PROLINE                                   ?                            'C5 H9 N O2'     115.130 
SER 'L-peptide linking' y SERINE                                    ?                            'C3 H7 N O3'     105.093 
THR 'L-peptide linking' y THREONINE                                 ?                            'C4 H9 N O3'     119.119 
TRP 'L-peptide linking' y TRYPTOPHAN                                ?                            'C11 H12 N2 O2'  204.225 
TYR 'L-peptide linking' y TYROSINE                                  ?                            'C9 H11 N O3'    181.189 
VAL 'L-peptide linking' y VALINE                                    ?                            'C5 H11 N O2'    117.146 
# 
_exptl.entry_id          2XP4 
_exptl.method            'X-RAY DIFFRACTION' 
_exptl.crystals_number   1 
# 
_exptl_crystal.id                    1 
_exptl_crystal.density_meas          ? 
_exptl_crystal.density_Matthews      2.87 
_exptl_crystal.density_percent_sol   57 
_exptl_crystal.description           NONE 
_exptl_crystal.preparation           ? 
# 
_exptl_crystal_grow.crystal_id      1 
_exptl_crystal_grow.method          'VAPOR DIFFUSION, HANGING DROP' 
_exptl_crystal_grow.temp            277 
_exptl_crystal_grow.temp_details    ? 
_exptl_crystal_grow.pH              7.5 
_exptl_crystal_grow.pdbx_pH_range   ? 
_exptl_crystal_grow.pdbx_details    
'2.2M AMMONIUM SULPHATE, 0.1M HEPES BUFFER, 1% PEG 400, 5MM DTT, PH 7.5, VAPOR DIFFUSION, HANGING DROP, TEMPERATURE 277.0K' 
# 
_diffrn.id                               1 
_diffrn.ambient_temp                     277.0 
_diffrn.ambient_temp_details             ? 
_diffrn.crystal_id                       1 
_diffrn.pdbx_serial_crystal_experiment   ? 
# 
_diffrn_detector.diffrn_id              1 
_diffrn_detector.detector               'IMAGE PLATE' 
_diffrn_detector.type                   'RIGAKU IMAGE PLATE' 
_diffrn_detector.pdbx_collection_date   ? 
_diffrn_detector.details                MIRRORS 
# 
_diffrn_radiation.diffrn_id                        1 
_diffrn_radiation.wavelength_id                    1 
_diffrn_radiation.pdbx_monochromatic_or_laue_m_l   M 
_diffrn_radiation.monochromator                    'CU FILTER' 
_diffrn_radiation.pdbx_diffrn_protocol             'SINGLE WAVELENGTH' 
_diffrn_radiation.pdbx_scattering_type             x-ray 
# 
_diffrn_radiation_wavelength.id           1 
_diffrn_radiation_wavelength.wavelength   1.5418 
_diffrn_radiation_wavelength.wt           1.0 
# 
_diffrn_source.diffrn_id                   1 
_diffrn_source.source                      'ROTATING ANODE' 
_diffrn_source.type                        'RIGAKU RUH3R' 
_diffrn_source.pdbx_synchrotron_site       ? 
_diffrn_source.pdbx_synchrotron_beamline   ? 
_diffrn_source.pdbx_wavelength             1.5418 
_diffrn_source.pdbx_wavelength_list        ? 
# 
_reflns.pdbx_diffrn_id               1 
_reflns.pdbx_ordinal                 1 
_reflns.entry_id                     2XP4 
_reflns.observed_criterion_sigma_I   2.0 
_reflns.observed_criterion_sigma_F   ? 
_reflns.d_resolution_low             30.00 
_reflns.d_resolution_high            1.80 
_reflns.number_obs                   19526 
_reflns.number_all                   ? 
_reflns.percent_possible_obs         93.7 
_reflns.pdbx_Rmerge_I_obs            0.04 
_reflns.pdbx_Rsym_value              ? 
_reflns.pdbx_netI_over_sigmaI        13.00 
_reflns.B_iso_Wilson_estimate        ? 
_reflns.pdbx_redundancy              2.34 
# 
_reflns_shell.pdbx_diffrn_id         1 
_reflns_shell.pdbx_ordinal           1 
_reflns_shell.d_res_high             1.80 
_reflns_shell.d_res_low              ? 
_reflns_shell.percent_possible_all   70.7 
_reflns_shell.Rmerge_I_obs           0.26 
_reflns_shell.pdbx_Rsym_value        ? 
_reflns_shell.meanI_over_sigI_obs    2.30 
_reflns_shell.pdbx_redundancy        1.57 
# 
_refine.pdbx_refine_id                           'X-RAY DIFFRACTION' 
_refine.entry_id                                 2XP4 
_refine.pdbx_diffrn_id                           1 
_refine.pdbx_TLS_residual_ADP_flag               ? 
_refine.ls_number_reflns_obs                     18266 
_refine.ls_number_reflns_all                     ? 
_refine.pdbx_ls_sigma_I                          ? 
_refine.pdbx_ls_sigma_F                          . 
_refine.pdbx_data_cutoff_high_absF               ? 
_refine.pdbx_data_cutoff_low_absF                ? 
_refine.pdbx_data_cutoff_high_rms_absF           ? 
_refine.ls_d_res_low                             59.34 
_refine.ls_d_res_high                            1.80 
_refine.ls_percent_reflns_obs                    93.66 
_refine.ls_R_factor_obs                          0.19692 
_refine.ls_R_factor_all                          ? 
_refine.ls_R_factor_R_work                       0.19511 
_refine.ls_R_factor_R_free                       0.22938 
_refine.ls_R_factor_R_free_error                 ? 
_refine.ls_R_factor_R_free_error_details         ? 
_refine.ls_percent_reflns_R_free                 5.1 
_refine.ls_number_reflns_R_free                  981 
_refine.ls_number_parameters                     ? 
_refine.ls_number_restraints                     ? 
_refine.occupancy_min                            ? 
_refine.occupancy_max                            ? 
_refine.correlation_coeff_Fo_to_Fc               0.961 
_refine.correlation_coeff_Fo_to_Fc_free          0.947 
_refine.B_iso_mean                               29.950 
_refine.aniso_B[1][1]                            0.90 
_refine.aniso_B[2][2]                            0.90 
_refine.aniso_B[3][3]                            -1.35 
_refine.aniso_B[1][2]                            0.45 
_refine.aniso_B[1][3]                            0.00 
_refine.aniso_B[2][3]                            0.00 
_refine.solvent_model_details                    MASK 
_refine.solvent_model_param_ksol                 ? 
_refine.solvent_model_param_bsol                 ? 
_refine.pdbx_solvent_vdw_probe_radii             1.40 
_refine.pdbx_solvent_ion_probe_radii             0.80 
_refine.pdbx_solvent_shrinkage_radii             0.80 
_refine.pdbx_ls_cross_valid_method               THROUGHOUT 
_refine.details                                  'HYDROGENS HAVE BEEN ADDED IN THE RIDING POSITIONS.' 
_refine.pdbx_starting_model                      'PDB ENTRY 3KCE' 
_refine.pdbx_method_to_determine_struct          'MOLECULAR REPLACEMENT' 
_refine.pdbx_isotropic_thermal_model             ? 
_refine.pdbx_stereochemistry_target_values       'MAXIMUM LIKELIHOOD' 
_refine.pdbx_stereochem_target_val_spec_case     ? 
_refine.pdbx_R_Free_selection_details            RANDOM 
_refine.pdbx_overall_ESU_R                       0.117 
_refine.pdbx_overall_ESU_R_Free                  0.116 
_refine.overall_SU_ML                            0.081 
_refine.pdbx_overall_phase_error                 ? 
_refine.overall_SU_B                             2.691 
_refine.overall_SU_R_Cruickshank_DPI             ? 
_refine.pdbx_overall_SU_R_free_Cruickshank_DPI   ? 
_refine.pdbx_overall_SU_R_Blow_DPI               ? 
_refine.pdbx_overall_SU_R_free_Blow_DPI          ? 
# 
_refine_hist.pdbx_refine_id                   'X-RAY DIFFRACTION' 
_refine_hist.cycle_id                         LAST 
_refine_hist.pdbx_number_atoms_protein        1150 
_refine_hist.pdbx_number_atoms_nucleic_acid   0 
_refine_hist.pdbx_number_atoms_ligand         32 
_refine_hist.number_atoms_solvent             119 
_refine_hist.number_atoms_total               1301 
_refine_hist.d_res_high                       1.80 
_refine_hist.d_res_low                        59.34 
# 
loop_
_refine_ls_restr.type 
_refine_ls_restr.dev_ideal 
_refine_ls_restr.dev_ideal_target 
_refine_ls_restr.weight 
_refine_ls_restr.number 
_refine_ls_restr.pdbx_refine_id 
_refine_ls_restr.pdbx_restraint_function 
r_bond_refined_d             0.030  0.021  ? 1239 'X-RAY DIFFRACTION' ? 
r_bond_other_d               ?      ?      ? ?    'X-RAY DIFFRACTION' ? 
r_angle_refined_deg          2.231  1.970  ? 1661 'X-RAY DIFFRACTION' ? 
r_angle_other_deg            ?      ?      ? ?    'X-RAY DIFFRACTION' ? 
r_dihedral_angle_1_deg       6.947  5.000  ? 150  'X-RAY DIFFRACTION' ? 
r_dihedral_angle_2_deg       34.242 22.295 ? 61   'X-RAY DIFFRACTION' ? 
r_dihedral_angle_3_deg       16.227 15.000 ? 222  'X-RAY DIFFRACTION' ? 
r_dihedral_angle_4_deg       22.365 15.000 ? 15   'X-RAY DIFFRACTION' ? 
r_chiral_restr               0.171  0.200  ? 165  'X-RAY DIFFRACTION' ? 
r_gen_planes_refined         0.011  0.021  ? 952  'X-RAY DIFFRACTION' ? 
r_gen_planes_other           ?      ?      ? ?    'X-RAY DIFFRACTION' ? 
r_nbd_refined                ?      ?      ? ?    'X-RAY DIFFRACTION' ? 
r_nbd_other                  ?      ?      ? ?    'X-RAY DIFFRACTION' ? 
r_nbtor_refined              ?      ?      ? ?    'X-RAY DIFFRACTION' ? 
r_nbtor_other                ?      ?      ? ?    'X-RAY DIFFRACTION' ? 
r_xyhbond_nbd_refined        ?      ?      ? ?    'X-RAY DIFFRACTION' ? 
r_xyhbond_nbd_other          ?      ?      ? ?    'X-RAY DIFFRACTION' ? 
r_metal_ion_refined          ?      ?      ? ?    'X-RAY DIFFRACTION' ? 
r_metal_ion_other            ?      ?      ? ?    'X-RAY DIFFRACTION' ? 
r_symmetry_vdw_refined       ?      ?      ? ?    'X-RAY DIFFRACTION' ? 
r_symmetry_vdw_other         ?      ?      ? ?    'X-RAY DIFFRACTION' ? 
r_symmetry_hbond_refined     ?      ?      ? ?    'X-RAY DIFFRACTION' ? 
r_symmetry_hbond_other       ?      ?      ? ?    'X-RAY DIFFRACTION' ? 
r_symmetry_metal_ion_refined ?      ?      ? ?    'X-RAY DIFFRACTION' ? 
r_symmetry_metal_ion_other   ?      ?      ? ?    'X-RAY DIFFRACTION' ? 
r_mcbond_it                  1.494  1.500  ? 728  'X-RAY DIFFRACTION' ? 
r_mcbond_other               ?      ?      ? ?    'X-RAY DIFFRACTION' ? 
r_mcangle_it                 2.542  2.000  ? 1171 'X-RAY DIFFRACTION' ? 
r_mcangle_other              ?      ?      ? ?    'X-RAY DIFFRACTION' ? 
r_scbond_it                  4.096  3.000  ? 511  'X-RAY DIFFRACTION' ? 
r_scbond_other               ?      ?      ? ?    'X-RAY DIFFRACTION' ? 
r_scangle_it                 6.277  4.500  ? 486  'X-RAY DIFFRACTION' ? 
r_scangle_other              ?      ?      ? ?    'X-RAY DIFFRACTION' ? 
r_long_range_B_refined       ?      ?      ? ?    'X-RAY DIFFRACTION' ? 
r_long_range_B_other         ?      ?      ? ?    'X-RAY DIFFRACTION' ? 
r_rigid_bond_restr           ?      ?      ? ?    'X-RAY DIFFRACTION' ? 
r_sphericity_free            ?      ?      ? ?    'X-RAY DIFFRACTION' ? 
r_sphericity_bonded          ?      ?      ? ?    'X-RAY DIFFRACTION' ? 
# 
_refine_ls_shell.pdbx_refine_id                   'X-RAY DIFFRACTION' 
_refine_ls_shell.pdbx_total_number_of_bins_used   20 
_refine_ls_shell.d_res_high                       1.800 
_refine_ls_shell.d_res_low                        1.846 
_refine_ls_shell.number_reflns_R_work             969 
_refine_ls_shell.R_factor_R_work                  0.336 
_refine_ls_shell.percent_reflns_obs               67.95 
_refine_ls_shell.R_factor_R_free                  0.411 
_refine_ls_shell.R_factor_R_free_error            ? 
_refine_ls_shell.percent_reflns_R_free            ? 
_refine_ls_shell.number_reflns_R_free             36 
_refine_ls_shell.number_reflns_all                ? 
_refine_ls_shell.R_factor_all                     ? 
# 
_struct.entry_id                  2XP4 
_struct.title                     
'DISCOVERY OF CELL-ACTIVE PHENYL-IMIDAZOLE PIN1 INHIBITORS BY STRUCTURE-GUIDED FRAGMENT EVOLUTION' 
_struct.pdbx_model_details        ? 
_struct.pdbx_CASP_flag            ? 
_struct.pdbx_model_type_details   ? 
# 
_struct_keywords.entry_id        2XP4 
_struct_keywords.pdbx_keywords   ISOMERASE 
_struct_keywords.text            'ISOMERASE, PROLINE DIRECTED KINASE, CELL CYCLE, ONCOGENIC TRANSFORMATION' 
# 
loop_
_struct_asym.id 
_struct_asym.pdbx_blank_PDB_chainid_flag 
_struct_asym.pdbx_modified 
_struct_asym.entity_id 
_struct_asym.details 
A N N 1 ? 
B N N 2 ? 
C N N 3 ? 
D N N 4 ? 
# 
loop_
_struct_conf.conf_type_id 
_struct_conf.id 
_struct_conf.pdbx_PDB_helix_id 
_struct_conf.beg_label_comp_id 
_struct_conf.beg_label_asym_id 
_struct_conf.beg_label_seq_id 
_struct_conf.pdbx_beg_PDB_ins_code 
_struct_conf.end_label_comp_id 
_struct_conf.end_label_asym_id 
_struct_conf.end_label_seq_id 
_struct_conf.pdbx_end_PDB_ins_code 
_struct_conf.beg_auth_comp_id 
_struct_conf.beg_auth_asym_id 
_struct_conf.beg_auth_seq_id 
_struct_conf.end_auth_comp_id 
_struct_conf.end_auth_asym_id 
_struct_conf.end_auth_seq_id 
_struct_conf.pdbx_PDB_helix_class 
_struct_conf.details 
_struct_conf.pdbx_PDB_helix_length 
HELX_P HELX_P1 1 THR A 85  ? SER A 102 ? THR A 81  SER A 98  1 ? 18 
HELX_P HELX_P2 2 ASP A 106 ? SER A 115 ? ASP A 102 SER A 111 1 ? 10 
HELX_P HELX_P3 3 CYS A 117 ? ARG A 123 ? CYS A 113 ARG A 119 5 ? 7  
HELX_P HELX_P4 4 GLN A 135 ? LEU A 145 ? GLN A 131 LEU A 141 1 ? 11 
# 
_struct_conf_type.id          HELX_P 
_struct_conf_type.criteria    ? 
_struct_conf_type.reference   ? 
# 
loop_
_struct_sheet.id 
_struct_sheet.type 
_struct_sheet.number_strands 
_struct_sheet.details 
AA ? 3 ? 
AB ? 4 ? 
# 
loop_
_struct_sheet_order.sheet_id 
_struct_sheet_order.range_id_1 
_struct_sheet_order.range_id_2 
_struct_sheet_order.offset 
_struct_sheet_order.sense 
AA 1 2 ? anti-parallel 
AA 2 3 ? anti-parallel 
AB 1 2 ? anti-parallel 
AB 2 3 ? anti-parallel 
AB 3 4 ? anti-parallel 
# 
loop_
_struct_sheet_range.sheet_id 
_struct_sheet_range.id 
_struct_sheet_range.beg_label_comp_id 
_struct_sheet_range.beg_label_asym_id 
_struct_sheet_range.beg_label_seq_id 
_struct_sheet_range.pdbx_beg_PDB_ins_code 
_struct_sheet_range.end_label_comp_id 
_struct_sheet_range.end_label_asym_id 
_struct_sheet_range.end_label_seq_id 
_struct_sheet_range.pdbx_end_PDB_ins_code 
_struct_sheet_range.beg_auth_comp_id 
_struct_sheet_range.beg_auth_asym_id 
_struct_sheet_range.beg_auth_seq_id 
_struct_sheet_range.end_auth_comp_id 
_struct_sheet_range.end_auth_asym_id 
_struct_sheet_range.end_auth_seq_id 
AA 1 TRP A 15  ? MET A 19  ? TRP A 11  MET A 15  
AA 2 VAL A 26  ? ASN A 30  ? VAL A 22  ASN A 26  
AA 3 SER A 36  ? GLN A 37  ? SER A 32  GLN A 33  
AB 1 ASP A 125 ? SER A 130 ? ASP A 121 SER A 126 
AB 2 ARG A 58  ? VAL A 66  ? ARG A 54  VAL A 62  
AB 3 GLY A 159 ? GLU A 167 ? GLY A 155 GLU A 163 
AB 4 VAL A 154 ? THR A 156 ? VAL A 150 THR A 152 
# 
loop_
_pdbx_struct_sheet_hbond.sheet_id 
_pdbx_struct_sheet_hbond.range_id_1 
_pdbx_struct_sheet_hbond.range_id_2 
_pdbx_struct_sheet_hbond.range_1_label_atom_id 
_pdbx_struct_sheet_hbond.range_1_label_comp_id 
_pdbx_struct_sheet_hbond.range_1_label_asym_id 
_pdbx_struct_sheet_hbond.range_1_label_seq_id 
_pdbx_struct_sheet_hbond.range_1_PDB_ins_code 
_pdbx_struct_sheet_hbond.range_1_auth_atom_id 
_pdbx_struct_sheet_hbond.range_1_auth_comp_id 
_pdbx_struct_sheet_hbond.range_1_auth_asym_id 
_pdbx_struct_sheet_hbond.range_1_auth_seq_id 
_pdbx_struct_sheet_hbond.range_2_label_atom_id 
_pdbx_struct_sheet_hbond.range_2_label_comp_id 
_pdbx_struct_sheet_hbond.range_2_label_asym_id 
_pdbx_struct_sheet_hbond.range_2_label_seq_id 
_pdbx_struct_sheet_hbond.range_2_PDB_ins_code 
_pdbx_struct_sheet_hbond.range_2_auth_atom_id 
_pdbx_struct_sheet_hbond.range_2_auth_comp_id 
_pdbx_struct_sheet_hbond.range_2_auth_asym_id 
_pdbx_struct_sheet_hbond.range_2_auth_seq_id 
AA 1 2 N ALA A 18  ? N ALA A 14  O TYR A 27  ? O TYR A 23  
AA 2 3 N TYR A 28  ? N TYR A 24  O GLN A 37  ? O GLN A 33  
AB 1 2 N PHE A 129 ? N PHE A 125 O VAL A 59  ? O VAL A 55  
AB 2 3 N VAL A 66  ? N VAL A 62  O ILE A 160 ? O ILE A 156 
AB 3 4 N HIS A 161 ? N HIS A 157 O VAL A 154 ? O VAL A 150 
# 
loop_
_struct_site.id 
_struct_site.pdbx_evidence_code 
_struct_site.pdbx_auth_asym_id 
_struct_site.pdbx_auth_comp_id 
_struct_site.pdbx_auth_seq_id 
_struct_site.pdbx_auth_ins_code 
_struct_site.pdbx_num_residues 
_struct_site.details 
AC1 Software A 12P 1164 ? 14 'BINDING SITE FOR RESIDUE 12P A 1164' 
AC2 Software A G14 1165 ? 8  'BINDING SITE FOR RESIDUE G14 A 1165' 
# 
loop_
_struct_site_gen.id 
_struct_site_gen.site_id 
_struct_site_gen.pdbx_num_res 
_struct_site_gen.label_comp_id 
_struct_site_gen.label_asym_id 
_struct_site_gen.label_seq_id 
_struct_site_gen.pdbx_auth_ins_code 
_struct_site_gen.auth_comp_id 
_struct_site_gen.auth_asym_id 
_struct_site_gen.auth_seq_id 
_struct_site_gen.label_atom_id 
_struct_site_gen.label_alt_id 
_struct_site_gen.symmetry 
_struct_site_gen.details 
1  AC1 14 TYR A 27  ? TYR A 23   . ? 1_555 ? 
2  AC1 14 ALA A 35  ? ALA A 31   . ? 1_555 ? 
3  AC1 14 SER A 36  ? SER A 32   . ? 1_555 ? 
4  AC1 14 TRP A 38  ? TRP A 34   . ? 1_555 ? 
5  AC1 14 ILE A 97  ? ILE A 93   . ? 1_555 ? 
6  AC1 14 LYS A 101 ? LYS A 97   . ? 1_555 ? 
7  AC1 14 LYS A 101 ? LYS A 97   . ? 5_555 ? 
8  AC1 14 SER A 102 ? SER A 98   . ? 5_555 ? 
9  AC1 14 SER A 151 ? SER A 147  . ? 1_555 ? 
10 AC1 14 GLY A 152 ? GLY A 148  . ? 1_555 ? 
11 AC1 14 HOH D .   ? HOH A 2001 . ? 1_555 ? 
12 AC1 14 HOH D .   ? HOH A 2019 . ? 1_555 ? 
13 AC1 14 HOH D .   ? HOH A 2021 . ? 1_555 ? 
14 AC1 14 HOH D .   ? HOH A 2112 . ? 1_555 ? 
15 AC2 8  HIS A 63  ? HIS A 59   . ? 1_555 ? 
16 AC2 8  LYS A 67  ? LYS A 63   . ? 1_555 ? 
17 AC2 8  ARG A 72  ? ARG A 68   . ? 1_555 ? 
18 AC2 8  CYS A 117 ? CYS A 113  . ? 1_555 ? 
19 AC2 8  LEU A 126 ? LEU A 122  . ? 1_555 ? 
20 AC2 8  SER A 158 ? SER A 154  . ? 1_555 ? 
21 AC2 8  HIS A 161 ? HIS A 157  . ? 1_555 ? 
22 AC2 8  HOH D .   ? HOH A 2119 . ? 1_555 ? 
# 
_atom_sites.entry_id                    2XP4 
_atom_sites.fract_transf_matrix[1][1]   0.01557002 
_atom_sites.fract_transf_matrix[1][2]   0.00315011 
_atom_sites.fract_transf_matrix[1][3]   0.00560949 
_atom_sites.fract_transf_matrix[2][1]   0.00228744 
_atom_sites.fract_transf_matrix[2][2]   0.00601714 
_atom_sites.fract_transf_matrix[2][3]   0.01556866 
_atom_sites.fract_transf_matrix[3][1]   0.00078030 
_atom_sites.fract_transf_matrix[3][2]   -0.01171599 
_atom_sites.fract_transf_matrix[3][3]   0.00441347 
_atom_sites.fract_transf_vector[1]      -0.365849 
_atom_sites.fract_transf_vector[2]      0.246029 
_atom_sites.fract_transf_vector[3]      0.352108 
# 
loop_
_atom_type.symbol 
C 
N 
O 
S 
# 
loop_
_atom_site.group_PDB 
_atom_site.id 
_atom_site.type_symbol 
_atom_site.label_atom_id 
_atom_site.label_alt_id 
_atom_site.label_comp_id 
_atom_site.label_asym_id 
_atom_site.label_entity_id 
_atom_site.label_seq_id 
_atom_site.pdbx_PDB_ins_code 
_atom_site.Cartn_x 
_atom_site.Cartn_y 
_atom_site.Cartn_z 
_atom_site.occupancy 
_atom_site.B_iso_or_equiv 
_atom_site.pdbx_formal_charge 
_atom_site.auth_seq_id 
_atom_site.auth_comp_id 
_atom_site.auth_asym_id 
_atom_site.auth_atom_id 
_atom_site.pdbx_PDB_model_num 
ATOM   1    N N   . LEU A 1 11  ? 17.191  -11.657 -9.223  1.00 48.46 ? 7    LEU A N   1 
ATOM   2    C CA  . LEU A 1 11  ? 15.953  -10.821 -9.028  1.00 48.95 ? 7    LEU A CA  1 
ATOM   3    C C   . LEU A 1 11  ? 16.126  -9.779  -7.897  1.00 48.43 ? 7    LEU A C   1 
ATOM   4    O O   . LEU A 1 11  ? 16.491  -10.144 -6.750  1.00 49.18 ? 7    LEU A O   1 
ATOM   5    C CB  . LEU A 1 11  ? 14.705  -11.711 -8.716  1.00 49.01 ? 7    LEU A CB  1 
ATOM   6    C CG  . LEU A 1 11  ? 14.161  -12.784 -9.688  1.00 49.77 ? 7    LEU A CG  1 
ATOM   7    C CD1 . LEU A 1 11  ? 13.322  -13.842 -8.964  1.00 49.29 ? 7    LEU A CD1 1 
ATOM   8    C CD2 . LEU A 1 11  ? 13.357  -12.153 -10.820 1.00 45.85 ? 7    LEU A CD2 1 
ATOM   9    N N   . PRO A 1 12  ? 15.758  -8.500  -8.172  1.00 47.95 ? 8    PRO A N   1 
ATOM   10   C CA  . PRO A 1 12  ? 15.820  -7.417  -7.146  1.00 47.05 ? 8    PRO A CA  1 
ATOM   11   C C   . PRO A 1 12  ? 15.218  -7.727  -5.718  1.00 46.49 ? 8    PRO A C   1 
ATOM   12   O O   . PRO A 1 12  ? 14.510  -8.773  -5.510  1.00 45.87 ? 8    PRO A O   1 
ATOM   13   C CB  . PRO A 1 12  ? 15.154  -6.213  -7.836  1.00 47.34 ? 8    PRO A CB  1 
ATOM   14   C CG  . PRO A 1 12  ? 14.539  -6.716  -9.091  1.00 46.91 ? 8    PRO A CG  1 
ATOM   15   C CD  . PRO A 1 12  ? 15.142  -8.045  -9.434  1.00 48.57 ? 8    PRO A CD  1 
ATOM   16   N N   . PRO A 1 13  ? 15.524  -6.850  -4.717  1.00 44.64 ? 9    PRO A N   1 
ATOM   17   C CA  . PRO A 1 13  ? 15.152  -7.194  -3.333  1.00 42.88 ? 9    PRO A CA  1 
ATOM   18   C C   . PRO A 1 13  ? 13.641  -7.499  -3.155  1.00 41.09 ? 9    PRO A C   1 
ATOM   19   O O   . PRO A 1 13  ? 12.766  -6.645  -3.514  1.00 37.92 ? 9    PRO A O   1 
ATOM   20   C CB  . PRO A 1 13  ? 15.573  -5.932  -2.516  1.00 42.57 ? 9    PRO A CB  1 
ATOM   21   C CG  . PRO A 1 13  ? 16.801  -5.435  -3.275  1.00 45.40 ? 9    PRO A CG  1 
ATOM   22   C CD  . PRO A 1 13  ? 16.394  -5.649  -4.769  1.00 45.74 ? 9    PRO A CD  1 
ATOM   23   N N   . GLY A 1 14  ? 13.383  -8.694  -2.580  1.00 38.76 ? 10   GLY A N   1 
ATOM   24   C CA  . GLY A 1 14  ? 12.052  -9.148  -2.228  1.00 37.26 ? 10   GLY A CA  1 
ATOM   25   C C   . GLY A 1 14  ? 11.341  -10.057 -3.242  1.00 34.52 ? 10   GLY A C   1 
ATOM   26   O O   . GLY A 1 14  ? 10.374  -10.689 -2.896  1.00 33.82 ? 10   GLY A O   1 
ATOM   27   N N   . TRP A 1 15  ? 11.858  -10.133 -4.461  1.00 35.79 ? 11   TRP A N   1 
ATOM   28   C CA  . TRP A 1 15  ? 11.178  -10.805 -5.587  1.00 35.42 ? 11   TRP A CA  1 
ATOM   29   C C   . TRP A 1 15  ? 11.433  -12.287 -5.596  1.00 37.65 ? 11   TRP A C   1 
ATOM   30   O O   . TRP A 1 15  ? 12.578  -12.745 -5.403  1.00 37.88 ? 11   TRP A O   1 
ATOM   31   C CB  . TRP A 1 15  ? 11.581  -10.192 -6.964  1.00 34.95 ? 11   TRP A CB  1 
ATOM   32   C CG  . TRP A 1 15  ? 11.009  -8.838  -7.202  1.00 29.47 ? 11   TRP A CG  1 
ATOM   33   C CD1 . TRP A 1 15  ? 11.667  -7.619  -7.090  1.00 27.96 ? 11   TRP A CD1 1 
ATOM   34   C CD2 . TRP A 1 15  ? 9.646   -8.533  -7.512  1.00 28.11 ? 11   TRP A CD2 1 
ATOM   35   N NE1 . TRP A 1 15  ? 10.764  -6.586  -7.335  1.00 32.92 ? 11   TRP A NE1 1 
ATOM   36   C CE2 . TRP A 1 15  ? 9.526   -7.113  -7.588  1.00 30.05 ? 11   TRP A CE2 1 
ATOM   37   C CE3 . TRP A 1 15  ? 8.487   -9.322  -7.698  1.00 24.11 ? 11   TRP A CE3 1 
ATOM   38   C CZ2 . TRP A 1 15  ? 8.306   -6.464  -7.910  1.00 30.88 ? 11   TRP A CZ2 1 
ATOM   39   C CZ3 . TRP A 1 15  ? 7.282   -8.693  -8.048  1.00 30.90 ? 11   TRP A CZ3 1 
ATOM   40   C CH2 . TRP A 1 15  ? 7.189   -7.267  -8.141  1.00 31.47 ? 11   TRP A CH2 1 
ATOM   41   N N   . GLU A 1 16  ? 10.356  -13.035 -5.808  1.00 36.92 ? 12   GLU A N   1 
ATOM   42   C CA  . GLU A 1 16  ? 10.429  -14.451 -6.016  1.00 39.34 ? 12   GLU A CA  1 
ATOM   43   C C   . GLU A 1 16  ? 9.507   -14.863 -7.185  1.00 39.02 ? 12   GLU A C   1 
ATOM   44   O O   . GLU A 1 16  ? 8.488   -14.225 -7.478  1.00 37.42 ? 12   GLU A O   1 
ATOM   45   C CB  . GLU A 1 16  ? 10.006  -15.221 -4.754  1.00 40.30 ? 12   GLU A CB  1 
ATOM   46   C CG  . GLU A 1 16  ? 8.490   -15.641 -4.701  1.00 47.16 ? 12   GLU A CG  1 
ATOM   47   C CD  . GLU A 1 16  ? 7.943   -15.915 -3.261  1.00 57.40 ? 12   GLU A CD  1 
ATOM   48   O OE1 . GLU A 1 16  ? 6.888   -15.336 -2.890  1.00 60.16 ? 12   GLU A OE1 1 
ATOM   49   O OE2 . GLU A 1 16  ? 8.569   -16.710 -2.507  1.00 63.26 ? 12   GLU A OE2 1 
ATOM   50   N N   . LYS A 1 17  ? 9.856   -16.004 -7.769  1.00 40.10 ? 13   LYS A N   1 
ATOM   51   C CA  . LYS A 1 17  ? 9.170   -16.615 -8.880  1.00 41.48 ? 13   LYS A CA  1 
ATOM   52   C C   . LYS A 1 17  ? 8.057   -17.459 -8.284  1.00 41.10 ? 13   LYS A C   1 
ATOM   53   O O   . LYS A 1 17  ? 8.223   -18.097 -7.233  1.00 42.55 ? 13   LYS A O   1 
ATOM   54   C CB  . LYS A 1 17  ? 10.184  -17.460 -9.675  1.00 43.62 ? 13   LYS A CB  1 
ATOM   55   C CG  . LYS A 1 17  ? 9.599   -18.192 -10.844 1.00 48.34 ? 13   LYS A CG  1 
ATOM   56   C CD  . LYS A 1 17  ? 10.707  -18.672 -11.811 1.00 56.90 ? 13   LYS A CD  1 
ATOM   57   C CE  . LYS A 1 17  ? 10.834  -17.712 -13.017 1.00 62.12 ? 13   LYS A CE  1 
ATOM   58   N NZ  . LYS A 1 17  ? 11.455  -18.353 -14.248 1.00 64.82 ? 13   LYS A NZ  1 
ATOM   59   N N   . ALA A 1 18  ? 6.894   -17.417 -8.902  1.00 39.32 ? 14   ALA A N   1 
ATOM   60   C CA  . ALA A 1 18  ? 5.756   -18.094 -8.330  1.00 39.68 ? 14   ALA A CA  1 
ATOM   61   C C   . ALA A 1 18  ? 4.936   -18.708 -9.472  1.00 40.86 ? 14   ALA A C   1 
ATOM   62   O O   . ALA A 1 18  ? 5.160   -18.404 -10.669 1.00 38.16 ? 14   ALA A O   1 
ATOM   63   C CB  . ALA A 1 18  ? 4.897   -17.118 -7.506  1.00 38.95 ? 14   ALA A CB  1 
ATOM   64   N N   . MET A 1 19  ? 3.938   -19.501 -9.076  1.00 42.47 ? 15   MET A N   1 
ATOM   65   C CA  . MET A 1 19  ? 3.094   -20.189 -10.042 1.00 44.21 ? 15   MET A CA  1 
ATOM   66   C C   . MET A 1 19  ? 1.660   -19.759 -9.842  1.00 44.01 ? 15   MET A C   1 
ATOM   67   O O   . MET A 1 19  ? 1.145   -19.812 -8.713  1.00 42.81 ? 15   MET A O   1 
ATOM   68   C CB  . MET A 1 19  ? 3.223   -21.716 -9.821  1.00 47.23 ? 15   MET A CB  1 
ATOM   69   C CG  . MET A 1 19  ? 2.195   -22.572 -10.572 1.00 50.56 ? 15   MET A CG  1 
ATOM   70   S SD  . MET A 1 19  ? 2.523   -22.273 -12.294 1.00 60.42 ? 15   MET A SD  1 
ATOM   71   C CE  . MET A 1 19  ? 4.276   -22.802 -12.467 1.00 58.65 ? 15   MET A CE  1 
ATOM   72   N N   . SER A 1 20  ? 0.982   -19.355 -10.915 1.00 43.31 ? 16   SER A N   1 
ATOM   73   C CA  . SER A 1 20  ? -0.409  -18.937 -10.716 1.00 44.81 ? 16   SER A CA  1 
ATOM   74   C C   . SER A 1 20  ? -1.407  -20.135 -10.512 1.00 44.93 ? 16   SER A C   1 
ATOM   75   O O   . SER A 1 20  ? -1.458  -21.036 -11.345 1.00 44.34 ? 16   SER A O   1 
ATOM   76   C CB  . SER A 1 20  ? -0.862  -18.096 -11.904 1.00 43.74 ? 16   SER A CB  1 
ATOM   77   O OG  . SER A 1 20  ? -2.297  -18.129 -12.003 1.00 46.82 ? 16   SER A OG  1 
ATOM   78   N N   . ARG A 1 21  ? -2.171  -20.139 -9.408  1.00 46.28 ? 17   ARG A N   1 
ATOM   79   C CA  . ARG A 1 21  ? -3.110  -21.250 -9.111  1.00 47.31 ? 17   ARG A CA  1 
ATOM   80   C C   . ARG A 1 21  ? -4.244  -21.281 -10.176 1.00 47.22 ? 17   ARG A C   1 
ATOM   81   O O   . ARG A 1 21  ? -4.659  -22.349 -10.652 1.00 45.95 ? 17   ARG A O   1 
ATOM   82   C CB  . ARG A 1 21  ? -3.655  -21.118 -7.672  1.00 47.50 ? 17   ARG A CB  1 
ATOM   83   C CG  . ARG A 1 21  ? -4.731  -22.131 -7.239  1.00 52.24 ? 17   ARG A CG  1 
ATOM   84   C CD  . ARG A 1 21  ? -4.463  -22.507 -5.798  1.00 56.14 ? 17   ARG A CD  1 
ATOM   85   N NE  . ARG A 1 21  ? -3.034  -22.256 -5.591  1.00 59.42 ? 17   ARG A NE  1 
ATOM   86   C CZ  . ARG A 1 21  ? -2.431  -22.217 -4.407  1.00 57.67 ? 17   ARG A CZ  1 
ATOM   87   N NH1 . ARG A 1 21  ? -3.141  -22.464 -3.285  1.00 58.92 ? 17   ARG A NH1 1 
ATOM   88   N NH2 . ARG A 1 21  ? -1.125  -21.945 -4.360  1.00 54.15 ? 17   ARG A NH2 1 
ATOM   89   N N   . SER A 1 22  ? -4.701  -20.082 -10.564 1.00 46.78 ? 18   SER A N   1 
ATOM   90   C CA  . SER A 1 22  ? -5.662  -19.888 -11.683 1.00 47.29 ? 18   SER A CA  1 
ATOM   91   C C   . SER A 1 22  ? -5.228  -20.412 -13.071 1.00 45.01 ? 18   SER A C   1 
ATOM   92   O O   . SER A 1 22  ? -5.929  -21.235 -13.673 1.00 45.90 ? 18   SER A O   1 
ATOM   93   C CB  . SER A 1 22  ? -6.006  -18.393 -11.808 1.00 47.61 ? 18   SER A CB  1 
ATOM   94   O OG  . SER A 1 22  ? -7.100  -18.157 -10.950 1.00 54.60 ? 18   SER A OG  1 
ATOM   95   N N   . SER A 1 23  ? -4.074  -19.952 -13.550 1.00 42.10 ? 19   SER A N   1 
ATOM   96   C CA  . SER A 1 23  ? -3.725  -20.077 -14.976 1.00 40.54 ? 19   SER A CA  1 
ATOM   97   C C   . SER A 1 23  ? -2.596  -21.051 -15.231 1.00 40.16 ? 19   SER A C   1 
ATOM   98   O O   . SER A 1 23  ? -2.439  -21.486 -16.369 1.00 39.04 ? 19   SER A O   1 
ATOM   99   C CB  . SER A 1 23  ? -3.324  -18.695 -15.562 1.00 40.92 ? 19   SER A CB  1 
ATOM   100  O OG  . SER A 1 23  ? -2.175  -18.169 -14.851 1.00 40.95 ? 19   SER A OG  1 
ATOM   101  N N   . GLY A 1 24  ? -1.817  -21.390 -14.180 1.00 40.11 ? 20   GLY A N   1 
ATOM   102  C CA  . GLY A 1 24  ? -0.567  -22.136 -14.322 1.00 40.95 ? 20   GLY A CA  1 
ATOM   103  C C   . GLY A 1 24  ? 0.586   -21.390 -15.004 1.00 43.00 ? 20   GLY A C   1 
ATOM   104  O O   . GLY A 1 24  ? 1.622   -22.007 -15.342 1.00 44.29 ? 20   GLY A O   1 
ATOM   105  N N   . ARG A 1 25  ? 0.443   -20.076 -15.249 1.00 41.75 ? 21   ARG A N   1 
ATOM   106  C CA  . ARG A 1 25  ? 1.609   -19.252 -15.646 1.00 40.90 ? 21   ARG A CA  1 
ATOM   107  C C   . ARG A 1 25  ? 2.460   -18.821 -14.440 1.00 37.84 ? 21   ARG A C   1 
ATOM   108  O O   . ARG A 1 25  ? 1.956   -18.678 -13.300 1.00 37.15 ? 21   ARG A O   1 
ATOM   109  C CB  . ARG A 1 25  ? 1.207   -17.969 -16.441 1.00 42.33 ? 21   ARG A CB  1 
ATOM   110  C CG  . ARG A 1 25  ? 0.637   -18.255 -17.855 1.00 47.15 ? 21   ARG A CG  1 
ATOM   111  C CD  . ARG A 1 25  ? 1.026   -17.183 -18.998 1.00 50.01 ? 21   ARG A CD  1 
ATOM   112  N NE  . ARG A 1 25  ? 0.950   -15.719 -18.733 1.00 43.17 ? 21   ARG A NE  1 
ATOM   113  C CZ  . ARG A 1 25  ? -0.150  -15.042 -18.323 1.00 42.33 ? 21   ARG A CZ  1 
ATOM   114  N NH1 . ARG A 1 25  ? -1.286  -15.662 -18.030 1.00 42.40 ? 21   ARG A NH1 1 
ATOM   115  N NH2 . ARG A 1 25  ? -0.101  -13.713 -18.183 1.00 35.91 ? 21   ARG A NH2 1 
ATOM   116  N N   . VAL A 1 26  ? 3.746   -18.692 -14.712 1.00 36.29 ? 22   VAL A N   1 
ATOM   117  C CA  . VAL A 1 26  ? 4.743   -18.086 -13.817 1.00 34.90 ? 22   VAL A CA  1 
ATOM   118  C C   . VAL A 1 26  ? 4.325   -16.563 -13.622 1.00 32.72 ? 22   VAL A C   1 
ATOM   119  O O   . VAL A 1 26  ? 3.953   -15.860 -14.585 1.00 29.62 ? 22   VAL A O   1 
ATOM   120  C CB  . VAL A 1 26  ? 6.199   -18.247 -14.503 1.00 36.54 ? 22   VAL A CB  1 
ATOM   121  C CG1 . VAL A 1 26  ? 7.203   -17.191 -14.070 1.00 37.73 ? 22   VAL A CG1 1 
ATOM   122  C CG2 . VAL A 1 26  ? 6.788   -19.702 -14.284 1.00 39.89 ? 22   VAL A CG2 1 
ATOM   123  N N   . TYR A 1 27  ? 4.380   -16.079 -12.389 1.00 30.08 ? 23   TYR A N   1 
ATOM   124  C CA  . TYR A 1 27  ? 4.369   -14.616 -12.156 1.00 28.13 ? 23   TYR A CA  1 
ATOM   125  C C   . TYR A 1 27  ? 5.444   -14.331 -11.069 1.00 27.47 ? 23   TYR A C   1 
ATOM   126  O O   . TYR A 1 27  ? 6.194   -15.268 -10.615 1.00 27.33 ? 23   TYR A O   1 
ATOM   127  C CB  . TYR A 1 27  ? 3.002   -14.165 -11.755 1.00 26.34 ? 23   TYR A CB  1 
ATOM   128  C CG  . TYR A 1 27  ? 2.567   -14.650 -10.384 1.00 28.54 ? 23   TYR A CG  1 
ATOM   129  C CD1 . TYR A 1 27  ? 2.667   -13.794 -9.239  1.00 28.38 ? 23   TYR A CD1 1 
ATOM   130  C CD2 . TYR A 1 27  ? 2.048   -15.940 -10.217 1.00 34.62 ? 23   TYR A CD2 1 
ATOM   131  C CE1 . TYR A 1 27  ? 2.248   -14.208 -7.981  1.00 29.69 ? 23   TYR A CE1 1 
ATOM   132  C CE2 . TYR A 1 27  ? 1.643   -16.403 -8.958  1.00 32.54 ? 23   TYR A CE2 1 
ATOM   133  C CZ  . TYR A 1 27  ? 1.726   -15.528 -7.851  1.00 35.84 ? 23   TYR A CZ  1 
ATOM   134  O OH  . TYR A 1 27  ? 1.324   -15.980 -6.614  1.00 34.30 ? 23   TYR A OH  1 
ATOM   135  N N   . TYR A 1 28  ? 5.518   -13.082 -10.622 1.00 23.49 ? 24   TYR A N   1 
ATOM   136  C CA  . TYR A 1 28  ? 6.591   -12.760 -9.728  1.00 24.53 ? 24   TYR A CA  1 
ATOM   137  C C   . TYR A 1 28  ? 5.890   -12.075 -8.553  1.00 23.38 ? 24   TYR A C   1 
ATOM   138  O O   . TYR A 1 28  ? 4.881   -11.331 -8.731  1.00 22.64 ? 24   TYR A O   1 
ATOM   139  C CB  . TYR A 1 28  ? 7.683   -11.899 -10.400 1.00 24.87 ? 24   TYR A CB  1 
ATOM   140  C CG  . TYR A 1 28  ? 8.403   -12.696 -11.517 1.00 32.00 ? 24   TYR A CG  1 
ATOM   141  C CD1 . TYR A 1 28  ? 7.792   -12.840 -12.788 1.00 36.35 ? 24   TYR A CD1 1 
ATOM   142  C CD2 . TYR A 1 28  ? 9.591   -13.393 -11.268 1.00 37.55 ? 24   TYR A CD2 1 
ATOM   143  C CE1 . TYR A 1 28  ? 8.361   -13.598 -13.830 1.00 42.91 ? 24   TYR A CE1 1 
ATOM   144  C CE2 . TYR A 1 28  ? 10.203  -14.174 -12.301 1.00 41.45 ? 24   TYR A CE2 1 
ATOM   145  C CZ  . TYR A 1 28  ? 9.576   -14.257 -13.589 1.00 46.40 ? 24   TYR A CZ  1 
ATOM   146  O OH  . TYR A 1 28  ? 10.107  -15.000 -14.656 1.00 48.81 ? 24   TYR A OH  1 
ATOM   147  N N   . PHE A 1 29  ? 6.416   -12.316 -7.362  1.00 23.39 ? 25   PHE A N   1 
ATOM   148  C CA  . PHE A 1 29  ? 5.720   -11.878 -6.136  1.00 24.77 ? 25   PHE A CA  1 
ATOM   149  C C   . PHE A 1 29  ? 6.812   -11.226 -5.308  1.00 24.75 ? 25   PHE A C   1 
ATOM   150  O O   . PHE A 1 29  ? 7.948   -11.795 -5.241  1.00 27.65 ? 25   PHE A O   1 
ATOM   151  C CB  . PHE A 1 29  ? 5.220   -13.099 -5.313  1.00 25.41 ? 25   PHE A CB  1 
ATOM   152  C CG  . PHE A 1 29  ? 4.671   -12.702 -4.011  1.00 31.01 ? 25   PHE A CG  1 
ATOM   153  C CD1 . PHE A 1 29  ? 3.571   -11.773 -3.959  1.00 33.77 ? 25   PHE A CD1 1 
ATOM   154  C CD2 . PHE A 1 29  ? 5.238   -13.165 -2.790  1.00 29.51 ? 25   PHE A CD2 1 
ATOM   155  C CE1 . PHE A 1 29  ? 2.997   -11.281 -2.653  1.00 34.77 ? 25   PHE A CE1 1 
ATOM   156  C CE2 . PHE A 1 29  ? 4.675   -12.688 -1.494  1.00 36.50 ? 25   PHE A CE2 1 
ATOM   157  C CZ  . PHE A 1 29  ? 3.551   -11.744 -1.442  1.00 32.90 ? 25   PHE A CZ  1 
ATOM   158  N N   . ASN A 1 30  ? 6.499   -10.103 -4.655  1.00 23.33 ? 26   ASN A N   1 
ATOM   159  C CA  . ASN A 1 30  ? 7.504   -9.429  -3.793  1.00 23.79 ? 26   ASN A CA  1 
ATOM   160  C C   . ASN A 1 30  ? 7.088   -9.544  -2.362  1.00 22.85 ? 26   ASN A C   1 
ATOM   161  O O   . ASN A 1 30  ? 6.007   -9.014  -1.988  1.00 22.66 ? 26   ASN A O   1 
ATOM   162  C CB  . ASN A 1 30  ? 7.774   -7.911  -4.166  1.00 21.36 ? 26   ASN A CB  1 
ATOM   163  C CG  . ASN A 1 30  ? 9.001   -7.382  -3.447  1.00 24.14 ? 26   ASN A CG  1 
ATOM   164  O OD1 . ASN A 1 30  ? 9.011   -7.319  -2.217  1.00 20.93 ? 26   ASN A OD1 1 
ATOM   165  N ND2 . ASN A 1 30  ? 9.989   -6.973  -4.179  1.00 24.02 ? 26   ASN A ND2 1 
ATOM   166  N N   . HIS A 1 31  ? 7.890   -10.286 -1.528  1.00 21.57 ? 27   HIS A N   1 
ATOM   167  C CA  . HIS A 1 31  ? 7.393   -10.513 -0.171  1.00 22.37 ? 27   HIS A CA  1 
ATOM   168  C C   . HIS A 1 31  ? 7.609   -9.324  0.764   1.00 21.97 ? 27   HIS A C   1 
ATOM   169  O O   . HIS A 1 31  ? 7.114   -9.349  1.913   1.00 21.63 ? 27   HIS A O   1 
ATOM   170  C CB  . HIS A 1 31  ? 8.039   -11.782 0.501   1.00 22.48 ? 27   HIS A CB  1 
ATOM   171  C CG  . HIS A 1 31  ? 9.560   -11.732 0.520   1.00 24.15 ? 27   HIS A CG  1 
ATOM   172  N ND1 . HIS A 1 31  ? 10.284  -11.158 1.553   1.00 32.18 ? 27   HIS A ND1 1 
ATOM   173  C CD2 . HIS A 1 31  ? 10.476  -12.210 -0.362  1.00 29.03 ? 27   HIS A CD2 1 
ATOM   174  C CE1 . HIS A 1 31  ? 11.573  -11.267 1.299   1.00 29.32 ? 27   HIS A CE1 1 
ATOM   175  N NE2 . HIS A 1 31  ? 11.719  -11.877 0.131   1.00 33.23 ? 27   HIS A NE2 1 
ATOM   176  N N   . ILE A 1 32  ? 8.236   -8.276  0.284   1.00 20.92 ? 28   ILE A N   1 
ATOM   177  C CA  . ILE A 1 32  ? 8.494   -7.063  1.119   1.00 22.78 ? 28   ILE A CA  1 
ATOM   178  C C   . ILE A 1 32  ? 7.373   -6.001  0.791   1.00 22.02 ? 28   ILE A C   1 
ATOM   179  O O   . ILE A 1 32  ? 6.878   -5.373  1.685   1.00 24.52 ? 28   ILE A O   1 
ATOM   180  C CB  . ILE A 1 32  ? 9.869   -6.430  0.832   1.00 24.04 ? 28   ILE A CB  1 
ATOM   181  C CG1 . ILE A 1 32  ? 11.039  -7.419  1.049   1.00 22.74 ? 28   ILE A CG1 1 
ATOM   182  C CG2 . ILE A 1 32  ? 9.961   -5.126  1.742   1.00 23.37 ? 28   ILE A CG2 1 
ATOM   183  C CD1 . ILE A 1 32  ? 12.380  -6.984  0.545   1.00 26.71 ? 28   ILE A CD1 1 
ATOM   184  N N   . THR A 1 33  ? 6.943   -5.896  -0.469  1.00 21.18 ? 29   THR A N   1 
ATOM   185  C CA  . THR A 1 33  ? 5.856   -4.918  -0.855  1.00 19.56 ? 29   THR A CA  1 
ATOM   186  C C   . THR A 1 33  ? 4.534   -5.560  -1.023  1.00 20.81 ? 29   THR A C   1 
ATOM   187  O O   . THR A 1 33  ? 3.542   -4.868  -1.162  1.00 18.16 ? 29   THR A O   1 
ATOM   188  C CB  . THR A 1 33  ? 6.199   -4.259  -2.186  1.00 17.97 ? 29   THR A CB  1 
ATOM   189  O OG1 . THR A 1 33  ? 6.365   -5.264  -3.231  1.00 18.47 ? 29   THR A OG1 1 
ATOM   190  C CG2 . THR A 1 33  ? 7.535   -3.580  -2.035  1.00 20.66 ? 29   THR A CG2 1 
ATOM   191  N N   . ASN A 1 34  ? 4.525   -6.926  -1.111  1.00 18.94 ? 30   ASN A N   1 
ATOM   192  C CA  . ASN A 1 34  ? 3.346   -7.667  -1.500  1.00 18.64 ? 30   ASN A CA  1 
ATOM   193  C C   . ASN A 1 34  ? 2.841   -7.364  -2.903  1.00 17.73 ? 30   ASN A C   1 
ATOM   194  O O   . ASN A 1 34  ? 1.676   -7.715  -3.268  1.00 20.63 ? 30   ASN A O   1 
ATOM   195  C CB  . ASN A 1 34  ? 2.207   -7.508  -0.430  1.00 16.04 ? 30   ASN A CB  1 
ATOM   196  C CG  . ASN A 1 34  ? 2.540   -8.233  0.929   1.00 25.40 ? 30   ASN A CG  1 
ATOM   197  O OD1 . ASN A 1 34  ? 2.166   -7.789  2.049   1.00 23.14 ? 30   ASN A OD1 1 
ATOM   198  N ND2 . ASN A 1 34  ? 3.196   -9.365  0.795   1.00 20.62 ? 30   ASN A ND2 1 
ATOM   199  N N   . ALA A 1 35  ? 3.685   -6.802  -3.741  1.00 18.22 ? 31   ALA A N   1 
ATOM   200  C CA  . ALA A 1 35  ? 3.294   -6.550  -5.136  1.00 19.05 ? 31   ALA A CA  1 
ATOM   201  C C   . ALA A 1 35  ? 3.360   -7.897  -5.911  1.00 20.86 ? 31   ALA A C   1 
ATOM   202  O O   . ALA A 1 35  ? 4.091   -8.844  -5.512  1.00 21.36 ? 31   ALA A O   1 
ATOM   203  C CB  . ALA A 1 35  ? 4.298   -5.570  -5.791  1.00 16.63 ? 31   ALA A CB  1 
ATOM   204  N N   . SER A 1 36  ? 2.486   -8.033  -6.929  1.00 20.22 ? 32   SER A N   1 
ATOM   205  C CA  . SER A 1 36  ? 2.641   -9.119  -7.837  1.00 22.69 ? 32   SER A CA  1 
ATOM   206  C C   . SER A 1 36  ? 2.475   -8.647  -9.259  1.00 25.26 ? 32   SER A C   1 
ATOM   207  O O   . SER A 1 36  ? 1.641   -7.766  -9.557  1.00 25.94 ? 32   SER A O   1 
ATOM   208  C CB  . SER A 1 36  ? 1.605   -10.246 -7.541  1.00 22.00 ? 32   SER A CB  1 
ATOM   209  O OG  . SER A 1 36  ? 0.313   -9.675  -7.398  1.00 29.25 ? 32   SER A OG  1 
ATOM   210  N N   . GLN A 1 37  ? 3.223   -9.285  -10.160 1.00 25.16 ? 33   GLN A N   1 
ATOM   211  C CA  . GLN A 1 37  ? 3.152   -8.866  -11.554 1.00 28.01 ? 33   GLN A CA  1 
ATOM   212  C C   . GLN A 1 37  ? 3.491   -10.055 -12.473 1.00 27.96 ? 33   GLN A C   1 
ATOM   213  O O   . GLN A 1 37  ? 4.204   -10.963 -12.055 1.00 27.14 ? 33   GLN A O   1 
ATOM   214  C CB  . GLN A 1 37  ? 4.175   -7.746  -11.833 1.00 25.41 ? 33   GLN A CB  1 
ATOM   215  C CG  . GLN A 1 37  ? 5.617   -8.163  -11.610 1.00 30.72 ? 33   GLN A CG  1 
ATOM   216  C CD  . GLN A 1 37  ? 6.566   -6.979  -11.799 1.00 40.02 ? 33   GLN A CD  1 
ATOM   217  O OE1 . GLN A 1 37  ? 6.418   -5.942  -11.127 1.00 39.32 ? 33   GLN A OE1 1 
ATOM   218  N NE2 . GLN A 1 37  ? 7.528   -7.110  -12.715 1.00 39.82 ? 33   GLN A NE2 1 
ATOM   219  N N   . TRP A 1 38  ? 2.990   -10.007 -13.712 1.00 30.58 ? 34   TRP A N   1 
ATOM   220  C CA  . TRP A 1 38  ? 3.291   -11.046 -14.718 1.00 31.12 ? 34   TRP A CA  1 
ATOM   221  C C   . TRP A 1 38  ? 4.747   -11.007 -15.237 1.00 32.35 ? 34   TRP A C   1 
ATOM   222  O O   . TRP A 1 38  ? 5.365   -12.027 -15.265 1.00 31.07 ? 34   TRP A O   1 
ATOM   223  C CB  . TRP A 1 38  ? 2.246   -11.098 -15.867 1.00 31.44 ? 34   TRP A CB  1 
ATOM   224  C CG  . TRP A 1 38  ? 0.844   -11.490 -15.451 1.00 28.64 ? 34   TRP A CG  1 
ATOM   225  C CD1 . TRP A 1 38  ? -0.250  -10.657 -15.409 1.00 25.84 ? 34   TRP A CD1 1 
ATOM   226  C CD2 . TRP A 1 38  ? 0.395   -12.774 -14.936 1.00 27.95 ? 34   TRP A CD2 1 
ATOM   227  N NE1 . TRP A 1 38  ? -1.318  -11.335 -14.940 1.00 32.06 ? 34   TRP A NE1 1 
ATOM   228  C CE2 . TRP A 1 38  ? -0.974  -12.632 -14.641 1.00 30.32 ? 34   TRP A CE2 1 
ATOM   229  C CE3 . TRP A 1 38  ? 1.021   -14.062 -14.757 1.00 29.32 ? 34   TRP A CE3 1 
ATOM   230  C CZ2 . TRP A 1 38  ? -1.784  -13.706 -14.122 1.00 29.43 ? 34   TRP A CZ2 1 
ATOM   231  C CZ3 . TRP A 1 38  ? 0.235   -15.142 -14.245 1.00 24.68 ? 34   TRP A CZ3 1 
ATOM   232  C CH2 . TRP A 1 38  ? -1.162  -14.946 -13.905 1.00 30.30 ? 34   TRP A CH2 1 
ATOM   233  N N   . GLU A 1 39  ? 5.314   -9.848  -15.556 1.00 33.33 ? 35   GLU A N   1 
ATOM   234  C CA  . GLU A 1 39  ? 6.720   -9.787  -15.992 1.00 37.02 ? 35   GLU A CA  1 
ATOM   235  C C   . GLU A 1 39  ? 7.844   -9.925  -14.978 1.00 39.42 ? 35   GLU A C   1 
ATOM   236  O O   . GLU A 1 39  ? 7.674   -9.585  -13.810 1.00 37.98 ? 35   GLU A O   1 
ATOM   237  C CB  . GLU A 1 39  ? 6.952   -8.457  -16.642 1.00 37.80 ? 35   GLU A CB  1 
ATOM   238  C CG  . GLU A 1 39  ? 6.173   -8.340  -17.882 1.00 42.03 ? 35   GLU A CG  1 
ATOM   239  C CD  . GLU A 1 39  ? 6.635   -7.158  -18.653 1.00 45.86 ? 35   GLU A CD  1 
ATOM   240  O OE1 . GLU A 1 39  ? 7.888   -7.062  -18.933 1.00 43.52 ? 35   GLU A OE1 1 
ATOM   241  O OE2 . GLU A 1 39  ? 5.732   -6.331  -18.919 1.00 46.21 ? 35   GLU A OE2 1 
ATOM   242  N N   . ARG A 1 40  ? 9.007   -10.424 -15.433 1.00 41.52 ? 36   ARG A N   1 
ATOM   243  C CA  . ARG A 1 40  ? 10.103  -10.679 -14.496 1.00 44.94 ? 36   ARG A CA  1 
ATOM   244  C C   . ARG A 1 40  ? 10.730  -9.316  -14.237 1.00 46.34 ? 36   ARG A C   1 
ATOM   245  O O   . ARG A 1 40  ? 11.166  -8.680  -15.173 1.00 47.40 ? 36   ARG A O   1 
ATOM   246  C CB  . ARG A 1 40  ? 11.112  -11.686 -15.044 1.00 44.37 ? 36   ARG A CB  1 
ATOM   247  C CG  . ARG A 1 40  ? 12.547  -11.496 -14.546 1.00 48.63 ? 36   ARG A CG  1 
ATOM   248  C CD  . ARG A 1 40  ? 13.515  -12.408 -15.311 1.00 55.69 ? 36   ARG A CD  1 
ATOM   249  N NE  . ARG A 1 40  ? 13.391  -13.766 -14.775 1.00 60.10 ? 36   ARG A NE  1 
ATOM   250  C CZ  . ARG A 1 40  ? 14.179  -14.256 -13.822 1.00 62.38 ? 36   ARG A CZ  1 
ATOM   251  N NH1 . ARG A 1 40  ? 15.167  -13.497 -13.316 1.00 62.01 ? 36   ARG A NH1 1 
ATOM   252  N NH2 . ARG A 1 40  ? 13.975  -15.499 -13.373 1.00 62.76 ? 36   ARG A NH2 1 
ATOM   253  N N   . PRO A 1 41  ? 10.735  -8.846  -12.967 1.00 47.11 ? 37   PRO A N   1 
ATOM   254  C CA  . PRO A 1 41  ? 11.271  -7.505  -12.631 1.00 48.17 ? 37   PRO A CA  1 
ATOM   255  C C   . PRO A 1 41  ? 12.788  -7.242  -13.013 1.00 49.29 ? 37   PRO A C   1 
ATOM   256  O O   . PRO A 1 41  ? 13.695  -8.127  -12.820 1.00 49.08 ? 37   PRO A O   1 
ATOM   257  C CB  . PRO A 1 41  ? 11.067  -7.440  -11.113 1.00 48.41 ? 37   PRO A CB  1 
ATOM   258  C CG  . PRO A 1 41  ? 11.098  -8.873  -10.667 1.00 46.98 ? 37   PRO A CG  1 
ATOM   259  C CD  . PRO A 1 41  ? 10.381  -9.621  -11.769 1.00 46.71 ? 37   PRO A CD  1 
ATOM   260  N N   . GLU A 1 55  ? 20.172  0.722   -3.411  1.00 58.46 ? 51   GLU A N   1 
ATOM   261  C CA  . GLU A 1 55  ? 19.063  1.340   -2.689  1.00 57.83 ? 51   GLU A CA  1 
ATOM   262  C C   . GLU A 1 55  ? 19.309  2.832   -2.443  1.00 57.32 ? 51   GLU A C   1 
ATOM   263  O O   . GLU A 1 55  ? 20.411  3.206   -2.000  1.00 57.59 ? 51   GLU A O   1 
ATOM   264  C CB  . GLU A 1 55  ? 18.765  0.625   -1.348  1.00 57.35 ? 51   GLU A CB  1 
ATOM   265  C CG  . GLU A 1 55  ? 18.045  1.539   -0.325  1.00 53.34 ? 51   GLU A CG  1 
ATOM   266  C CD  . GLU A 1 55  ? 17.658  0.852   0.939   1.00 47.78 ? 51   GLU A CD  1 
ATOM   267  O OE1 . GLU A 1 55  ? 17.754  1.503   2.012   1.00 44.76 ? 51   GLU A OE1 1 
ATOM   268  O OE2 . GLU A 1 55  ? 17.233  -0.325  0.850   1.00 44.94 ? 51   GLU A OE2 1 
ATOM   269  N N   . PRO A 1 56  ? 18.255  3.686   -2.690  1.00 56.35 ? 52   PRO A N   1 
ATOM   270  C CA  . PRO A 1 56  ? 18.410  5.166   -2.565  1.00 53.93 ? 52   PRO A CA  1 
ATOM   271  C C   . PRO A 1 56  ? 18.364  5.620   -1.087  1.00 51.68 ? 52   PRO A C   1 
ATOM   272  O O   . PRO A 1 56  ? 17.777  4.910   -0.256  1.00 51.64 ? 52   PRO A O   1 
ATOM   273  C CB  . PRO A 1 56  ? 17.198  5.698   -3.325  1.00 54.36 ? 52   PRO A CB  1 
ATOM   274  C CG  . PRO A 1 56  ? 16.106  4.576   -3.164  1.00 55.34 ? 52   PRO A CG  1 
ATOM   275  C CD  . PRO A 1 56  ? 16.843  3.268   -2.922  1.00 56.07 ? 52   PRO A CD  1 
ATOM   276  N N   . ALA A 1 57  ? 18.935  6.786   -0.787  1.00 47.62 ? 53   ALA A N   1 
ATOM   277  C CA  . ALA A 1 57  ? 18.944  7.362   0.562   1.00 44.75 ? 53   ALA A CA  1 
ATOM   278  C C   . ALA A 1 57  ? 17.585  7.927   1.027   1.00 41.53 ? 53   ALA A C   1 
ATOM   279  O O   . ALA A 1 57  ? 17.250  7.941   2.240   1.00 40.76 ? 53   ALA A O   1 
ATOM   280  C CB  . ALA A 1 57  ? 19.995  8.467   0.642   1.00 45.31 ? 53   ALA A CB  1 
ATOM   281  N N   . ARG A 1 58  ? 16.856  8.480   0.068   1.00 38.62 ? 54   ARG A N   1 
ATOM   282  C CA  . ARG A 1 58  ? 15.487  8.971   0.296   1.00 35.46 ? 54   ARG A CA  1 
ATOM   283  C C   . ARG A 1 58  ? 14.510  8.469   -0.757  1.00 31.98 ? 54   ARG A C   1 
ATOM   284  O O   . ARG A 1 58  ? 14.878  8.271   -1.925  1.00 31.34 ? 54   ARG A O   1 
ATOM   285  C CB  . ARG A 1 58  ? 15.449  10.490  0.303   1.00 37.83 ? 54   ARG A CB  1 
ATOM   286  C CG  . ARG A 1 58  ? 16.239  11.112  1.464   1.00 43.48 ? 54   ARG A CG  1 
ATOM   287  C CD  . ARG A 1 58  ? 16.430  12.606  1.201   1.00 49.48 ? 54   ARG A CD  1 
ATOM   288  N NE  . ARG A 1 58  ? 15.310  13.381  1.732   1.00 51.35 ? 54   ARG A NE  1 
ATOM   289  C CZ  . ARG A 1 58  ? 14.785  13.256  2.960   1.00 55.69 ? 54   ARG A CZ  1 
ATOM   290  N NH1 . ARG A 1 58  ? 15.196  12.317  3.821   1.00 55.92 ? 54   ARG A NH1 1 
ATOM   291  N NH2 . ARG A 1 58  ? 13.801  14.081  3.328   1.00 56.94 ? 54   ARG A NH2 1 
ATOM   292  N N   . VAL A 1 59  ? 13.248  8.246   -0.351  1.00 27.85 ? 55   VAL A N   1 
ATOM   293  C CA  . VAL A 1 59  ? 12.211  7.964   -1.376  1.00 25.46 ? 55   VAL A CA  1 
ATOM   294  C C   . VAL A 1 59  ? 11.063  8.898   -1.054  1.00 23.11 ? 55   VAL A C   1 
ATOM   295  O O   . VAL A 1 59  ? 10.959  9.383   0.086   1.00 25.01 ? 55   VAL A O   1 
ATOM   296  C CB  . VAL A 1 59  ? 11.705  6.455   -1.363  1.00 25.73 ? 55   VAL A CB  1 
ATOM   297  C CG1 . VAL A 1 59  ? 12.942  5.524   -1.749  1.00 23.39 ? 55   VAL A CG1 1 
ATOM   298  C CG2 . VAL A 1 59  ? 11.022  6.120   0.050   1.00 22.46 ? 55   VAL A CG2 1 
ATOM   299  N N   . ARG A 1 60  ? 10.182  9.094   -2.041  1.00 22.87 ? 56   ARG A N   1 
ATOM   300  C CA  . ARG A 1 60  ? 8.971   9.838   -1.778  1.00 21.43 ? 56   ARG A CA  1 
ATOM   301  C C   . ARG A 1 60  ? 7.832   8.924   -2.102  1.00 21.26 ? 56   ARG A C   1 
ATOM   302  O O   . ARG A 1 60  ? 7.866   8.275   -3.168  1.00 22.76 ? 56   ARG A O   1 
ATOM   303  C CB  . ARG A 1 60  ? 8.922   11.061  -2.668  1.00 21.17 ? 56   ARG A CB  1 
ATOM   304  C CG  . ARG A 1 60  ? 7.717   12.004  -2.377  1.00 19.87 ? 56   ARG A CG  1 
ATOM   305  C CD  . ARG A 1 60  ? 7.683   13.191  -3.364  1.00 25.05 ? 56   ARG A CD  1 
ATOM   306  N NE  . ARG A 1 60  ? 6.589   14.103  -3.047  1.00 25.21 ? 56   ARG A NE  1 
ATOM   307  C CZ  . ARG A 1 60  ? 6.308   15.205  -3.771  1.00 32.66 ? 56   ARG A CZ  1 
ATOM   308  N NH1 . ARG A 1 60  ? 7.054   15.522  -4.855  1.00 34.48 ? 56   ARG A NH1 1 
ATOM   309  N NH2 . ARG A 1 60  ? 5.286   15.983  -3.430  1.00 27.09 ? 56   ARG A NH2 1 
ATOM   310  N N   . CYS A 1 61  ? 6.842   8.836   -1.203  1.00 18.93 ? 57   CYS A N   1 
ATOM   311  C CA  . CYS A 1 61  ? 5.705   7.900   -1.412  1.00 19.55 ? 57   CYS A CA  1 
ATOM   312  C C   . CYS A 1 61  ? 4.398   8.582   -1.124  1.00 18.65 ? 57   CYS A C   1 
ATOM   313  O O   . CYS A 1 61  ? 4.363   9.544   -0.319  1.00 19.89 ? 57   CYS A O   1 
ATOM   314  C CB  . CYS A 1 61  ? 5.806   6.703   -0.414  1.00 18.71 ? 57   CYS A CB  1 
ATOM   315  S SG  . CYS A 1 61  ? 7.217   5.702   -0.973  1.00 22.37 ? 57   CYS A SG  1 
ATOM   316  N N   . SER A 1 62  ? 3.327   8.120   -1.798  1.00 16.68 ? 58   SER A N   1 
ATOM   317  C CA  . SER A 1 62  ? 1.984   8.418   -1.356  1.00 17.17 ? 58   SER A CA  1 
ATOM   318  C C   . SER A 1 62  ? 1.424   7.107   -0.808  1.00 19.14 ? 58   SER A C   1 
ATOM   319  O O   . SER A 1 62  ? 1.982   6.024   -1.133  1.00 19.64 ? 58   SER A O   1 
ATOM   320  C CB  . SER A 1 62  ? 1.172   8.818   -2.532  1.00 19.07 ? 58   SER A CB  1 
ATOM   321  O OG  . SER A 1 62  ? 1.724   10.073  -3.012  1.00 19.51 ? 58   SER A OG  1 
ATOM   322  N N   . HIS A 1 63  ? 0.371   7.203   -0.022  1.00 18.37 ? 59   HIS A N   1 
ATOM   323  C CA  . HIS A 1 63  ? -0.337  5.974   0.419   1.00 19.90 ? 59   HIS A CA  1 
ATOM   324  C C   . HIS A 1 63  ? -1.802  6.184   0.549   1.00 20.54 ? 59   HIS A C   1 
ATOM   325  O O   . HIS A 1 63  ? -2.317  7.324   0.647   1.00 19.81 ? 59   HIS A O   1 
ATOM   326  C CB  . HIS A 1 63  ? 0.288   5.387   1.721   1.00 18.05 ? 59   HIS A CB  1 
ATOM   327  C CG  . HIS A 1 63  ? -0.072  6.081   2.982   1.00 19.75 ? 59   HIS A CG  1 
ATOM   328  N ND1 . HIS A 1 63  ? -0.373  5.382   4.121   1.00 21.79 ? 59   HIS A ND1 1 
ATOM   329  C CD2 . HIS A 1 63  ? -0.283  7.406   3.285   1.00 19.74 ? 59   HIS A CD2 1 
ATOM   330  C CE1 . HIS A 1 63  ? -0.644  6.228   5.102   1.00 23.24 ? 59   HIS A CE1 1 
ATOM   331  N NE2 . HIS A 1 63  ? -0.599  7.473   4.611   1.00 20.16 ? 59   HIS A NE2 1 
ATOM   332  N N   . LEU A 1 64  ? -2.496  5.064   0.654   1.00 16.34 ? 60   LEU A N   1 
ATOM   333  C CA  . LEU A 1 64  ? -3.924  5.082   1.003   1.00 15.53 ? 60   LEU A CA  1 
ATOM   334  C C   . LEU A 1 64  ? -4.003  4.091   2.170   1.00 17.11 ? 60   LEU A C   1 
ATOM   335  O O   . LEU A 1 64  ? -3.618  2.913   2.005   1.00 17.56 ? 60   LEU A O   1 
ATOM   336  C CB  . LEU A 1 64  ? -4.655  4.519   -0.177  1.00 15.37 ? 60   LEU A CB  1 
ATOM   337  C CG  . LEU A 1 64  ? -6.205  4.522   -0.140  1.00 18.04 ? 60   LEU A CG  1 
ATOM   338  C CD1 . LEU A 1 64  ? -6.865  4.336   -1.546  1.00 18.98 ? 60   LEU A CD1 1 
ATOM   339  C CD2 . LEU A 1 64  ? -6.841  3.535   0.939   1.00 20.17 ? 60   LEU A CD2 1 
ATOM   340  N N   . LEU A 1 65  ? -4.495  4.543   3.309   1.00 17.52 ? 61   LEU A N   1 
ATOM   341  C CA  . LEU A 1 65  ? -4.512  3.720   4.555   1.00 19.62 ? 61   LEU A CA  1 
ATOM   342  C C   . LEU A 1 65  ? -5.975  3.358   4.809   1.00 18.86 ? 61   LEU A C   1 
ATOM   343  O O   . LEU A 1 65  ? -6.912  4.192   4.730   1.00 19.59 ? 61   LEU A O   1 
ATOM   344  C CB  . LEU A 1 65  ? -3.963  4.568   5.727   1.00 19.34 ? 61   LEU A CB  1 
ATOM   345  C CG  . LEU A 1 65  ? -4.313  4.038   7.154   1.00 19.55 ? 61   LEU A CG  1 
ATOM   346  C CD1 . LEU A 1 65  ? -3.535  2.729   7.357   1.00 18.77 ? 61   LEU A CD1 1 
ATOM   347  C CD2 . LEU A 1 65  ? -3.825  5.058   8.263   1.00 20.56 ? 61   LEU A CD2 1 
ATOM   348  N N   . VAL A 1 66  ? -6.220  2.057   5.038   1.00 19.36 ? 62   VAL A N   1 
ATOM   349  C CA  . VAL A 1 66  ? -7.568  1.687   5.460   1.00 18.71 ? 62   VAL A CA  1 
ATOM   350  C C   . VAL A 1 66  ? -7.403  1.149   6.890   1.00 20.76 ? 62   VAL A C   1 
ATOM   351  O O   . VAL A 1 66  ? -6.638  0.166   7.120   1.00 18.97 ? 62   VAL A O   1 
ATOM   352  C CB  . VAL A 1 66  ? -8.259  0.646   4.538   1.00 17.40 ? 62   VAL A CB  1 
ATOM   353  C CG1 . VAL A 1 66  ? -9.657  0.177   5.132   1.00 20.39 ? 62   VAL A CG1 1 
ATOM   354  C CG2 . VAL A 1 66  ? -8.518  1.213   3.085   1.00 17.09 ? 62   VAL A CG2 1 
ATOM   355  N N   . LYS A 1 67  ? -8.082  1.817   7.846   1.00 21.48 ? 63   LYS A N   1 
ATOM   356  C CA  . LYS A 1 67  ? -7.940  1.431   9.247   1.00 23.44 ? 63   LYS A CA  1 
ATOM   357  C C   . LYS A 1 67  ? -8.946  0.333   9.596   1.00 23.13 ? 63   LYS A C   1 
ATOM   358  O O   . LYS A 1 67  ? -9.933  0.109   8.874   1.00 23.88 ? 63   LYS A O   1 
ATOM   359  C CB  . LYS A 1 67  ? -8.183  2.625   10.147  1.00 21.73 ? 63   LYS A CB  1 
ATOM   360  C CG  . LYS A 1 67  ? -6.942  3.534   10.165  1.00 21.92 ? 63   LYS A CG  1 
ATOM   361  C CD  . LYS A 1 67  ? -7.121  4.670   11.279  1.00 22.18 ? 63   LYS A CD  1 
ATOM   362  C CE  . LYS A 1 67  ? -5.932  5.615   11.276  1.00 24.86 ? 63   LYS A CE  1 
ATOM   363  N NZ  . LYS A 1 67  ? -6.014  6.461   12.562  1.00 24.18 ? 63   LYS A NZ  1 
ATOM   364  N N   . HIS A 1 68  ? -8.763  -0.292  10.746  1.00 24.42 ? 64   HIS A N   1 
ATOM   365  C CA  . HIS A 1 68  ? -9.696  -1.369  11.127  1.00 24.17 ? 64   HIS A CA  1 
ATOM   366  C C   . HIS A 1 68  ? -9.806  -1.291  12.697  1.00 26.26 ? 64   HIS A C   1 
ATOM   367  O O   . HIS A 1 68  ? -9.064  -0.479  13.364  1.00 26.60 ? 64   HIS A O   1 
ATOM   368  C CB  . HIS A 1 68  ? -9.238  -2.784  10.607  1.00 21.69 ? 64   HIS A CB  1 
ATOM   369  C CG  . HIS A 1 68  ? -7.809  -3.105  10.894  1.00 25.72 ? 64   HIS A CG  1 
ATOM   370  N ND1 . HIS A 1 68  ? -7.358  -3.389  12.160  1.00 23.61 ? 64   HIS A ND1 1 
ATOM   371  C CD2 . HIS A 1 68  ? -6.716  -3.138  10.083  1.00 20.28 ? 64   HIS A CD2 1 
ATOM   372  C CE1 . HIS A 1 68  ? -6.042  -3.527  12.133  1.00 27.67 ? 64   HIS A CE1 1 
ATOM   373  N NE2 . HIS A 1 68  ? -5.629  -3.393  10.879  1.00 25.83 ? 64   HIS A NE2 1 
ATOM   374  N N   . SER A 1 69  ? -10.678 -2.163  13.268  1.00 27.65 ? 65   SER A N   1 
ATOM   375  C CA  . SER A 1 69  ? -10.959 -2.114  14.735  1.00 29.69 ? 65   SER A CA  1 
ATOM   376  C C   . SER A 1 69  ? -9.729  -2.436  15.573  1.00 30.15 ? 65   SER A C   1 
ATOM   377  O O   . SER A 1 69  ? -9.691  -2.124  16.790  1.00 31.97 ? 65   SER A O   1 
ATOM   378  C CB  . SER A 1 69  ? -12.142 -3.042  15.097  1.00 30.36 ? 65   SER A CB  1 
ATOM   379  O OG  . SER A 1 69  ? -11.714 -4.392  14.807  1.00 30.26 ? 65   SER A OG  1 
ATOM   380  N N   . GLN A 1 70  ? -8.719  -3.088  14.992  1.00 29.39 ? 66   GLN A N   1 
ATOM   381  C CA  . GLN A 1 70  ? -7.464  -3.305  15.739  1.00 29.14 ? 66   GLN A CA  1 
ATOM   382  C C   . GLN A 1 70  ? -6.344  -2.320  15.425  1.00 28.49 ? 66   GLN A C   1 
ATOM   383  O O   . GLN A 1 70  ? -5.227  -2.468  15.957  1.00 29.18 ? 66   GLN A O   1 
ATOM   384  C CB  . GLN A 1 70  ? -6.919  -4.751  15.559  1.00 30.92 ? 66   GLN A CB  1 
ATOM   385  C CG  . GLN A 1 70  ? -7.639  -5.823  16.382  1.00 35.03 ? 66   GLN A CG  1 
ATOM   386  C CD  . GLN A 1 70  ? -6.863  -7.201  16.365  1.00 45.01 ? 66   GLN A CD  1 
ATOM   387  O OE1 . GLN A 1 70  ? -5.822  -7.405  17.080  1.00 39.81 ? 66   GLN A OE1 1 
ATOM   388  N NE2 . GLN A 1 70  ? -7.354  -8.112  15.488  1.00 42.64 ? 66   GLN A NE2 1 
ATOM   389  N N   . SER A 1 71  ? -6.587  -1.300  14.558  1.00 27.92 ? 67   SER A N   1 
ATOM   390  C CA  . SER A 1 71  ? -5.609  -0.222  14.439  1.00 27.49 ? 67   SER A CA  1 
ATOM   391  C C   . SER A 1 71  ? -5.224  0.404   15.779  1.00 28.81 ? 67   SER A C   1 
ATOM   392  O O   . SER A 1 71  ? -6.054  0.504   16.659  1.00 28.79 ? 67   SER A O   1 
ATOM   393  C CB  . SER A 1 71  ? -6.138  0.892   13.493  1.00 28.87 ? 67   SER A CB  1 
ATOM   394  O OG  . SER A 1 71  ? -6.310  0.388   12.161  1.00 25.30 ? 67   SER A OG  1 
ATOM   395  N N   . ARG A 1 72  ? -3.988  0.907   15.870  1.00 30.72 ? 68   ARG A N   1 
ATOM   396  C CA  . ARG A 1 72  ? -3.554  1.669   17.048  1.00 33.73 ? 68   ARG A CA  1 
ATOM   397  C C   . ARG A 1 72  ? -4.478  2.844   17.366  1.00 34.20 ? 68   ARG A C   1 
ATOM   398  O O   . ARG A 1 72  ? -4.724  3.116   18.537  1.00 35.30 ? 68   ARG A O   1 
ATOM   399  C CB  . ARG A 1 72  ? -2.096  2.065   16.981  1.00 34.94 ? 68   ARG A CB  1 
ATOM   400  C CG  . ARG A 1 72  ? -1.793  3.257   16.062  1.00 41.70 ? 68   ARG A CG  1 
ATOM   401  C CD  . ARG A 1 72  ? -0.297  3.276   15.572  1.00 48.88 ? 68   ARG A CD  1 
ATOM   402  N NE  . ARG A 1 72  ? -0.089  4.350   14.590  1.00 49.01 ? 68   ARG A NE  1 
ATOM   403  C CZ  . ARG A 1 72  ? 1.088   4.926   14.364  1.00 53.59 ? 68   ARG A CZ  1 
ATOM   404  N NH1 . ARG A 1 72  ? 1.206   5.902   13.450  1.00 51.53 ? 68   ARG A NH1 1 
ATOM   405  N NH2 . ARG A 1 72  ? 2.162   4.519   15.051  1.00 53.31 ? 68   ARG A NH2 1 
ATOM   406  N N   . ARG A 1 73  ? -5.059  3.496   16.372  1.00 32.18 ? 69   ARG A N   1 
ATOM   407  C CA  A ARG A 1 73  ? -5.995  4.594   16.607  0.50 31.15 ? 69   ARG A CA  1 
ATOM   408  C CA  B ARG A 1 73  ? -6.003  4.581   16.611  0.50 31.52 ? 69   ARG A CA  1 
ATOM   409  C C   . ARG A 1 73  ? -7.184  4.377   15.669  1.00 30.96 ? 69   ARG A C   1 
ATOM   410  O O   . ARG A 1 73  ? -7.160  4.893   14.520  1.00 31.64 ? 69   ARG A O   1 
ATOM   411  C CB  A ARG A 1 73  ? -5.312  5.941   16.312  0.50 30.56 ? 69   ARG A CB  1 
ATOM   412  C CB  B ARG A 1 73  ? -5.331  5.938   16.364  0.50 31.27 ? 69   ARG A CB  1 
ATOM   413  C CG  A ARG A 1 73  ? -6.050  7.187   16.796  0.50 31.79 ? 69   ARG A CG  1 
ATOM   414  C CG  B ARG A 1 73  ? -4.254  6.254   17.384  0.50 33.91 ? 69   ARG A CG  1 
ATOM   415  C CD  A ARG A 1 73  ? -5.397  8.483   16.335  0.50 31.51 ? 69   ARG A CD  1 
ATOM   416  C CD  B ARG A 1 73  ? -3.081  7.040   16.856  0.50 39.11 ? 69   ARG A CD  1 
ATOM   417  N NE  A ARG A 1 73  ? -6.157  9.105   15.249  0.50 33.75 ? 69   ARG A NE  1 
ATOM   418  N NE  B ARG A 1 73  ? -1.913  6.738   17.686  0.50 44.48 ? 69   ARG A NE  1 
ATOM   419  C CZ  A ARG A 1 73  ? -7.162  9.934   15.463  0.50 34.29 ? 69   ARG A CZ  1 
ATOM   420  C CZ  B ARG A 1 73  ? -0.658  6.815   17.262  0.50 46.13 ? 69   ARG A CZ  1 
ATOM   421  N NH1 A ARG A 1 73  ? -7.492  10.207  16.727  0.50 37.97 ? 69   ARG A NH1 1 
ATOM   422  N NH1 B ARG A 1 73  ? -0.413  7.207   16.017  0.50 47.45 ? 69   ARG A NH1 1 
ATOM   423  N NH2 A ARG A 1 73  ? -7.838  10.477  14.453  0.50 30.15 ? 69   ARG A NH2 1 
ATOM   424  N NH2 B ARG A 1 73  ? 0.349   6.515   18.080  0.50 45.41 ? 69   ARG A NH2 1 
ATOM   425  N N   . PRO A 1 74  ? -8.207  3.599   16.109  1.00 30.46 ? 70   PRO A N   1 
ATOM   426  C CA  . PRO A 1 74  ? -9.405  3.284   15.310  1.00 29.55 ? 70   PRO A CA  1 
ATOM   427  C C   . PRO A 1 74  ? -10.334 4.508   15.098  1.00 29.19 ? 70   PRO A C   1 
ATOM   428  O O   . PRO A 1 74  ? -11.516 4.481   15.501  1.00 24.72 ? 70   PRO A O   1 
ATOM   429  C CB  . PRO A 1 74  ? -10.115 2.173   16.087  1.00 32.77 ? 70   PRO A CB  1 
ATOM   430  C CG  . PRO A 1 74  ? -9.656  2.376   17.548  1.00 31.98 ? 70   PRO A CG  1 
ATOM   431  C CD  . PRO A 1 74  ? -8.257  2.980   17.469  1.00 31.46 ? 70   PRO A CD  1 
ATOM   432  N N   . SER A 1 75  ? -9.784  5.582   14.471  1.00 26.81 ? 71   SER A N   1 
ATOM   433  C CA  . SER A 1 75  ? -10.547 6.837   14.323  1.00 26.94 ? 71   SER A CA  1 
ATOM   434  C C   . SER A 1 75  ? -9.943  7.549   13.149  1.00 26.56 ? 71   SER A C   1 
ATOM   435  O O   . SER A 1 75  ? -8.769  7.413   12.974  1.00 27.39 ? 71   SER A O   1 
ATOM   436  C CB  . SER A 1 75  ? -10.195 7.717   15.566  1.00 27.31 ? 71   SER A CB  1 
ATOM   437  O OG  . SER A 1 75  ? -11.059 8.844   15.598  1.00 34.92 ? 71   SER A OG  1 
ATOM   438  N N   . SER A 1 76  ? -10.672 8.316   12.353  1.00 25.90 ? 72   SER A N   1 
ATOM   439  C CA  . SER A 1 76  ? -9.933  9.144   11.351  1.00 26.05 ? 72   SER A CA  1 
ATOM   440  C C   . SER A 1 76  ? -10.768 10.338  10.978  1.00 26.49 ? 72   SER A C   1 
ATOM   441  O O   . SER A 1 76  ? -11.900 10.404  11.445  1.00 26.21 ? 72   SER A O   1 
ATOM   442  C CB  . SER A 1 76  ? -9.664  8.309   10.101  1.00 23.55 ? 72   SER A CB  1 
ATOM   443  O OG  . SER A 1 76  ? -10.876 8.083   9.437   1.00 23.75 ? 72   SER A OG  1 
ATOM   444  N N   . TRP A 1 77  ? -10.284 11.216  10.070  1.00 26.50 ? 73   TRP A N   1 
ATOM   445  C CA  . TRP A 1 77  ? -11.150 12.311  9.559   1.00 27.75 ? 73   TRP A CA  1 
ATOM   446  C C   . TRP A 1 77  ? -12.394 11.765  8.916   1.00 28.05 ? 73   TRP A C   1 
ATOM   447  O O   . TRP A 1 77  ? -13.398 12.469  8.793   1.00 29.28 ? 73   TRP A O   1 
ATOM   448  C CB  . TRP A 1 77  ? -10.385 13.256  8.582   1.00 28.34 ? 73   TRP A CB  1 
ATOM   449  C CG  . TRP A 1 77  ? -10.001 12.509  7.234   1.00 27.90 ? 73   TRP A CG  1 
ATOM   450  C CD1 . TRP A 1 77  ? -8.839  11.763  6.979   1.00 23.58 ? 73   TRP A CD1 1 
ATOM   451  C CD2 . TRP A 1 77  ? -10.775 12.501  6.007   1.00 27.55 ? 73   TRP A CD2 1 
ATOM   452  N NE1 . TRP A 1 77  ? -8.927  11.259  5.664   1.00 27.07 ? 73   TRP A NE1 1 
ATOM   453  C CE2 . TRP A 1 77  ? -10.088 11.680  5.071   1.00 27.41 ? 73   TRP A CE2 1 
ATOM   454  C CE3 . TRP A 1 77  ? -12.013 13.074  5.622   1.00 28.14 ? 73   TRP A CE3 1 
ATOM   455  C CZ2 . TRP A 1 77  ? -10.587 11.454  3.763   1.00 29.44 ? 73   TRP A CZ2 1 
ATOM   456  C CZ3 . TRP A 1 77  ? -12.534 12.807  4.336   1.00 32.87 ? 73   TRP A CZ3 1 
ATOM   457  C CH2 . TRP A 1 77  ? -11.812 11.997  3.427   1.00 33.13 ? 73   TRP A CH2 1 
ATOM   458  N N   . ARG A 1 78  ? -12.360 10.512  8.452   1.00 28.36 ? 74   ARG A N   1 
ATOM   459  C CA  . ARG A 1 78  ? -13.539 9.937   7.778   1.00 29.14 ? 74   ARG A CA  1 
ATOM   460  C C   . ARG A 1 78  ? -14.604 9.400   8.740   1.00 30.77 ? 74   ARG A C   1 
ATOM   461  O O   . ARG A 1 78  ? -15.759 9.357   8.348   1.00 33.04 ? 74   ARG A O   1 
ATOM   462  C CB  . ARG A 1 78  ? -13.176 8.802   6.790   1.00 28.11 ? 74   ARG A CB  1 
ATOM   463  C CG  . ARG A 1 78  ? -11.995 9.114   5.844   1.00 27.73 ? 74   ARG A CG  1 
ATOM   464  C CD  . ARG A 1 78  ? -11.987 8.070   4.669   1.00 28.53 ? 74   ARG A CD  1 
ATOM   465  N NE  . ARG A 1 78  ? -13.284 8.009   3.981   1.00 29.70 ? 74   ARG A NE  1 
ATOM   466  C CZ  . ARG A 1 78  ? -13.951 6.888   3.658   1.00 36.74 ? 74   ARG A CZ  1 
ATOM   467  N NH1 . ARG A 1 78  ? -13.434 5.673   3.921   1.00 38.90 ? 74   ARG A NH1 1 
ATOM   468  N NH2 . ARG A 1 78  ? -15.149 6.988   3.055   1.00 39.28 ? 74   ARG A NH2 1 
ATOM   469  N N   . GLN A 1 79  ? -14.215 8.968   9.944   1.00 32.41 ? 75   GLN A N   1 
ATOM   470  C CA  . GLN A 1 79  ? -15.134 8.204   10.799  1.00 32.55 ? 75   GLN A CA  1 
ATOM   471  C C   . GLN A 1 79  ? -14.593 8.330   12.182  1.00 32.44 ? 75   GLN A C   1 
ATOM   472  O O   . GLN A 1 79  ? -13.416 7.999   12.457  1.00 34.24 ? 75   GLN A O   1 
ATOM   473  C CB  . GLN A 1 79  ? -15.082 6.742   10.378  1.00 33.30 ? 75   GLN A CB  1 
ATOM   474  C CG  . GLN A 1 79  ? -16.276 5.935   10.805  1.00 39.62 ? 75   GLN A CG  1 
ATOM   475  C CD  . GLN A 1 79  ? -16.290 4.638   10.040  1.00 46.98 ? 75   GLN A CD  1 
ATOM   476  O OE1 . GLN A 1 79  ? -15.217 4.106   9.634   1.00 42.39 ? 75   GLN A OE1 1 
ATOM   477  N NE2 . GLN A 1 79  ? -17.486 4.139   9.778   1.00 49.23 ? 75   GLN A NE2 1 
ATOM   478  N N   . GLU A 1 80  ? -15.404 8.858   13.091  1.00 31.86 ? 76   GLU A N   1 
ATOM   479  C CA  . GLU A 1 80  ? -14.926 9.013   14.482  1.00 31.30 ? 76   GLU A CA  1 
ATOM   480  C C   . GLU A 1 80  ? -14.609 7.691   15.148  1.00 30.16 ? 76   GLU A C   1 
ATOM   481  O O   . GLU A 1 80  ? -13.624 7.587   15.906  1.00 30.75 ? 76   GLU A O   1 
ATOM   482  C CB  . GLU A 1 80  ? -15.939 9.781   15.343  1.00 32.77 ? 76   GLU A CB  1 
ATOM   483  C CG  . GLU A 1 80  ? -15.433 10.085  16.762  1.00 31.58 ? 76   GLU A CG  1 
ATOM   484  C CD  . GLU A 1 80  ? -16.322 11.140  17.446  1.00 33.62 ? 76   GLU A CD  1 
ATOM   485  O OE1 . GLU A 1 80  ? -15.831 11.711  18.449  1.00 36.62 ? 76   GLU A OE1 1 
ATOM   486  O OE2 . GLU A 1 80  ? -17.448 11.368  16.923  1.00 32.66 ? 76   GLU A OE2 1 
ATOM   487  N N   . LYS A 1 81  ? -15.435 6.687   14.896  1.00 30.51 ? 77   LYS A N   1 
ATOM   488  C CA  . LYS A 1 81  ? -15.152 5.321   15.444  1.00 31.96 ? 77   LYS A CA  1 
ATOM   489  C C   . LYS A 1 81  ? -15.075 4.356   14.240  1.00 30.36 ? 77   LYS A C   1 
ATOM   490  O O   . LYS A 1 81  ? -16.110 4.110   13.611  1.00 31.87 ? 77   LYS A O   1 
ATOM   491  C CB  . LYS A 1 81  ? -16.295 4.891   16.374  1.00 32.58 ? 77   LYS A CB  1 
ATOM   492  C CG  . LYS A 1 81  ? -15.915 3.578   17.133  1.00 38.40 ? 77   LYS A CG  1 
ATOM   493  C CD  . LYS A 1 81  ? -17.181 2.989   17.851  1.00 43.35 ? 77   LYS A CD  1 
ATOM   494  C CE  . LYS A 1 81  ? -16.832 1.719   18.692  1.00 45.32 ? 77   LYS A CE  1 
ATOM   495  N NZ  . LYS A 1 81  ? -15.445 1.842   19.255  1.00 44.88 ? 77   LYS A NZ  1 
ATOM   496  N N   . ILE A 1 82  ? -13.892 3.789   13.991  1.00 29.08 ? 78   ILE A N   1 
ATOM   497  C CA  . ILE A 1 82  ? -13.744 2.765   12.922  1.00 28.75 ? 78   ILE A CA  1 
ATOM   498  C C   . ILE A 1 82  ? -14.058 1.389   13.514  1.00 28.60 ? 78   ILE A C   1 
ATOM   499  O O   . ILE A 1 82  ? -13.432 0.983   14.484  1.00 28.63 ? 78   ILE A O   1 
ATOM   500  C CB  . ILE A 1 82  ? -12.319 2.819   12.313  1.00 28.84 ? 78   ILE A CB  1 
ATOM   501  C CG1 . ILE A 1 82  ? -12.271 4.114   11.426  1.00 29.02 ? 78   ILE A CG1 1 
ATOM   502  C CG2 . ILE A 1 82  ? -12.008 1.484   11.409  1.00 26.09 ? 78   ILE A CG2 1 
ATOM   503  C CD1 . ILE A 1 82  ? -11.011 4.649   11.312  1.00 28.88 ? 78   ILE A CD1 1 
ATOM   504  N N   . THR A 1 83  ? -15.018 0.703   12.927  1.00 30.83 ? 79   THR A N   1 
ATOM   505  C CA  . THR A 1 83  ? -15.447 -0.577  13.487  1.00 31.62 ? 79   THR A CA  1 
ATOM   506  C C   . THR A 1 83  ? -15.191 -1.763  12.519  1.00 31.55 ? 79   THR A C   1 
ATOM   507  O O   . THR A 1 83  ? -15.311 -2.986  12.915  1.00 31.42 ? 79   THR A O   1 
ATOM   508  C CB  . THR A 1 83  ? -16.920 -0.446  13.819  1.00 30.89 ? 79   THR A CB  1 
ATOM   509  O OG1 . THR A 1 83  ? -17.655 -0.115  12.634  1.00 35.38 ? 79   THR A OG1 1 
ATOM   510  C CG2 . THR A 1 83  ? -17.095 0.661   14.842  1.00 35.40 ? 79   THR A CG2 1 
ATOM   511  N N   . ARG A 1 84  ? -14.837 -1.434  11.253  1.00 29.71 ? 80   ARG A N   1 
ATOM   512  C CA  . ARG A 1 84  ? -14.645 -2.489  10.251  1.00 26.56 ? 80   ARG A CA  1 
ATOM   513  C C   . ARG A 1 84  ? -13.603 -3.479  10.806  1.00 24.54 ? 80   ARG A C   1 
ATOM   514  O O   . ARG A 1 84  ? -12.650 -3.106  11.531  1.00 25.35 ? 80   ARG A O   1 
ATOM   515  C CB  . ARG A 1 84  ? -14.252 -1.908  8.861   1.00 26.81 ? 80   ARG A CB  1 
ATOM   516  C CG  . ARG A 1 84  ? -12.805 -1.443  8.839   1.00 24.43 ? 80   ARG A CG  1 
ATOM   517  C CD  . ARG A 1 84  ? -12.526 -1.008  7.352   1.00 21.21 ? 80   ARG A CD  1 
ATOM   518  N NE  . ARG A 1 84  ? -13.396 0.125   6.864   1.00 19.93 ? 80   ARG A NE  1 
ATOM   519  C CZ  . ARG A 1 84  ? -13.052 1.427   6.947   1.00 18.47 ? 80   ARG A CZ  1 
ATOM   520  N NH1 . ARG A 1 84  ? -11.928 1.787   7.559   1.00 21.11 ? 80   ARG A NH1 1 
ATOM   521  N NH2 . ARG A 1 84  ? -13.836 2.390   6.414   1.00 21.45 ? 80   ARG A NH2 1 
ATOM   522  N N   . THR A 1 85  ? -13.766 -4.770  10.509  1.00 25.21 ? 81   THR A N   1 
ATOM   523  C CA  . THR A 1 85  ? -12.754 -5.717  10.872  1.00 23.00 ? 81   THR A CA  1 
ATOM   524  C C   . THR A 1 85  ? -11.467 -5.587  9.985   1.00 23.99 ? 81   THR A C   1 
ATOM   525  O O   . THR A 1 85  ? -11.505 -5.019  8.888   1.00 24.36 ? 81   THR A O   1 
ATOM   526  C CB  . THR A 1 85  ? -13.274 -7.126  10.820  1.00 24.28 ? 81   THR A CB  1 
ATOM   527  O OG1 . THR A 1 85  ? -13.515 -7.551  9.439   1.00 26.25 ? 81   THR A OG1 1 
ATOM   528  C CG2 . THR A 1 85  ? -14.615 -7.233  11.604  1.00 27.96 ? 81   THR A CG2 1 
ATOM   529  N N   . LYS A 1 86  ? -10.353 -6.077  10.494  1.00 24.67 ? 82   LYS A N   1 
ATOM   530  C CA  . LYS A 1 86  ? -9.144  -6.294  9.693   1.00 26.35 ? 82   LYS A CA  1 
ATOM   531  C C   . LYS A 1 86  ? -9.433  -7.008  8.354   1.00 26.60 ? 82   LYS A C   1 
ATOM   532  O O   . LYS A 1 86  ? -8.929  -6.623  7.285   1.00 25.69 ? 82   LYS A O   1 
ATOM   533  C CB  . LYS A 1 86  ? -8.010  -6.981  10.505  1.00 28.81 ? 82   LYS A CB  1 
ATOM   534  C CG  . LYS A 1 86  ? -6.713  -7.098  9.610   1.00 29.81 ? 82   LYS A CG  1 
ATOM   535  C CD  . LYS A 1 86  ? -5.573  -8.006  10.237  1.00 32.24 ? 82   LYS A CD  1 
ATOM   536  C CE  . LYS A 1 86  ? -5.025  -7.319  11.447  1.00 37.69 ? 82   LYS A CE  1 
ATOM   537  N NZ  . LYS A 1 86  ? -4.569  -8.310  12.443  1.00 39.51 ? 82   LYS A NZ  1 
ATOM   538  N N   . GLU A 1 87  ? -10.309 -8.024  8.370   1.00 25.70 ? 83   GLU A N   1 
ATOM   539  C CA  . GLU A 1 87  ? -10.624 -8.695  7.112   1.00 25.68 ? 83   GLU A CA  1 
ATOM   540  C C   . GLU A 1 87  ? -11.431 -7.842  6.131   1.00 23.73 ? 83   GLU A C   1 
ATOM   541  O O   . GLU A 1 87  ? -11.198 -7.878  4.927   1.00 23.54 ? 83   GLU A O   1 
ATOM   542  C CB  . GLU A 1 87  ? -11.346 -10.015 7.421   1.00 29.06 ? 83   GLU A CB  1 
ATOM   543  C CG  . GLU A 1 87  ? -11.913 -10.732 6.190   1.00 37.77 ? 83   GLU A CG  1 
ATOM   544  C CD  . GLU A 1 87  ? -12.787 -11.966 6.603   1.00 51.83 ? 83   GLU A CD  1 
ATOM   545  O OE1 . GLU A 1 87  ? -12.189 -12.993 7.030   1.00 55.94 ? 83   GLU A OE1 1 
ATOM   546  O OE2 . GLU A 1 87  ? -14.052 -11.888 6.509   1.00 54.94 ? 83   GLU A OE2 1 
ATOM   547  N N   . GLU A 1 88  ? -12.357 -7.074  6.639   1.00 23.52 ? 84   GLU A N   1 
ATOM   548  C CA  . GLU A 1 88  ? -13.170 -6.152  5.837   1.00 23.64 ? 84   GLU A CA  1 
ATOM   549  C C   . GLU A 1 88  ? -12.252 -5.017  5.275   1.00 21.52 ? 84   GLU A C   1 
ATOM   550  O O   . GLU A 1 88  ? -12.468 -4.584  4.162   1.00 22.59 ? 84   GLU A O   1 
ATOM   551  C CB  . GLU A 1 88  ? -14.227 -5.511  6.748   1.00 23.37 ? 84   GLU A CB  1 
ATOM   552  C CG  . GLU A 1 88  ? -15.459 -6.402  6.898   1.00 29.33 ? 84   GLU A CG  1 
ATOM   553  C CD  . GLU A 1 88  ? -16.389 -5.928  8.034   1.00 33.86 ? 84   GLU A CD  1 
ATOM   554  O OE1 . GLU A 1 88  ? -17.519 -6.472  8.062   1.00 38.14 ? 84   GLU A OE1 1 
ATOM   555  O OE2 . GLU A 1 88  ? -16.011 -5.060  8.893   1.00 32.04 ? 84   GLU A OE2 1 
ATOM   556  N N   . ALA A 1 89  ? -11.258 -4.589  6.038   1.00 20.89 ? 85   ALA A N   1 
ATOM   557  C CA  . ALA A 1 89  ? -10.274 -3.584  5.569   1.00 21.39 ? 85   ALA A CA  1 
ATOM   558  C C   . ALA A 1 89  ? -9.476  -4.128  4.441   1.00 22.06 ? 85   ALA A C   1 
ATOM   559  O O   . ALA A 1 89  ? -9.246  -3.415  3.458   1.00 19.61 ? 85   ALA A O   1 
ATOM   560  C CB  . ALA A 1 89  ? -9.282  -3.133  6.709   1.00 19.72 ? 85   ALA A CB  1 
ATOM   561  N N   . LEU A 1 90  ? -9.089  -5.409  4.549   1.00 20.84 ? 86   LEU A N   1 
ATOM   562  C CA  . LEU A 1 90  ? -8.303  -6.023  3.481   1.00 19.81 ? 86   LEU A CA  1 
ATOM   563  C C   . LEU A 1 90  ? -9.173  -6.137  2.216   1.00 21.51 ? 86   LEU A C   1 
ATOM   564  O O   . LEU A 1 90  ? -8.629  -5.862  1.108   1.00 18.96 ? 86   LEU A O   1 
ATOM   565  C CB  . LEU A 1 90  ? -7.682  -7.351  3.945   1.00 19.94 ? 86   LEU A CB  1 
ATOM   566  C CG  . LEU A 1 90  ? -6.953  -8.097  2.793   1.00 22.63 ? 86   LEU A CG  1 
ATOM   567  C CD1 . LEU A 1 90  ? -5.648  -7.318  2.377   1.00 21.64 ? 86   LEU A CD1 1 
ATOM   568  C CD2 . LEU A 1 90  ? -6.522  -9.522  3.341   1.00 23.87 ? 86   LEU A CD2 1 
ATOM   569  N N   . GLU A 1 91  ? -10.488 -6.484  2.315   1.00 23.20 ? 87   GLU A N   1 
ATOM   570  C CA  A GLU A 1 91  ? -11.266 -6.535  1.094   0.50 23.37 ? 87   GLU A CA  1 
ATOM   571  C CA  B GLU A 1 91  ? -11.384 -6.538  1.149   0.50 23.62 ? 87   GLU A CA  1 
ATOM   572  C C   . GLU A 1 91  ? -11.365 -5.153  0.455   1.00 22.93 ? 87   GLU A C   1 
ATOM   573  O O   . GLU A 1 91  ? -11.326 -5.058  -0.792  1.00 21.98 ? 87   GLU A O   1 
ATOM   574  C CB  A GLU A 1 91  ? -12.666 -7.111  1.281   0.50 24.25 ? 87   GLU A CB  1 
ATOM   575  C CB  B GLU A 1 91  ? -12.876 -6.897  1.485   0.50 24.86 ? 87   GLU A CB  1 
ATOM   576  C CG  A GLU A 1 91  ? -12.650 -8.416  1.990   0.50 28.68 ? 87   GLU A CG  1 
ATOM   577  C CG  B GLU A 1 91  ? -13.218 -8.297  2.138   0.50 29.92 ? 87   GLU A CG  1 
ATOM   578  C CD  A GLU A 1 91  ? -12.654 -9.593  1.054   0.50 37.51 ? 87   GLU A CD  1 
ATOM   579  C CD  B GLU A 1 91  ? -14.573 -8.337  3.004   0.50 36.90 ? 87   GLU A CD  1 
ATOM   580  O OE1 A GLU A 1 91  ? -12.352 -9.385  -0.164  0.50 38.31 ? 87   GLU A OE1 1 
ATOM   581  O OE1 B GLU A 1 91  ? -15.458 -7.439  2.879   0.50 35.99 ? 87   GLU A OE1 1 
ATOM   582  O OE2 A GLU A 1 91  ? -12.976 -10.716 1.574   0.50 41.29 ? 87   GLU A OE2 1 
ATOM   583  O OE2 B GLU A 1 91  ? -14.723 -9.266  3.854   0.50 34.03 ? 87   GLU A OE2 1 
ATOM   584  N N   . LEU A 1 92  ? -11.536 -4.109  1.271   1.00 20.97 ? 88   LEU A N   1 
ATOM   585  C CA  . LEU A 1 92  ? -11.596 -2.749  0.708   1.00 21.52 ? 88   LEU A CA  1 
ATOM   586  C C   . LEU A 1 92  ? -10.325 -2.394  -0.027  1.00 19.60 ? 88   LEU A C   1 
ATOM   587  O O   . LEU A 1 92  ? -10.386 -1.862  -1.155  1.00 21.51 ? 88   LEU A O   1 
ATOM   588  C CB  . LEU A 1 92  ? -11.872 -1.730  1.835   1.00 20.69 ? 88   LEU A CB  1 
ATOM   589  C CG  . LEU A 1 92  ? -13.324 -1.664  2.298   1.00 27.59 ? 88   LEU A CG  1 
ATOM   590  C CD1 . LEU A 1 92  ? -13.419 -0.836  3.670   1.00 26.46 ? 88   LEU A CD1 1 
ATOM   591  C CD2 . LEU A 1 92  ? -14.261 -1.095  1.242   1.00 23.10 ? 88   LEU A CD2 1 
ATOM   592  N N   . ILE A 1 93  ? -9.169  -2.662  0.591   1.00 17.99 ? 89   ILE A N   1 
ATOM   593  C CA  . ILE A 1 93  ? -7.845  -2.427  -0.013  1.00 19.13 ? 89   ILE A CA  1 
ATOM   594  C C   . ILE A 1 93  ? -7.711  -3.175  -1.372  1.00 19.87 ? 89   ILE A C   1 
ATOM   595  O O   . ILE A 1 93  ? -7.255  -2.619  -2.411  1.00 19.30 ? 89   ILE A O   1 
ATOM   596  C CB  . ILE A 1 93  ? -6.673  -2.842  0.987   1.00 18.07 ? 89   ILE A CB  1 
ATOM   597  C CG1 . ILE A 1 93  ? -6.494  -1.795  2.106   1.00 19.32 ? 89   ILE A CG1 1 
ATOM   598  C CG2 . ILE A 1 93  ? -5.270  -3.152  0.309   1.00 18.55 ? 89   ILE A CG2 1 
ATOM   599  C CD1 . ILE A 1 93  ? -5.590  -0.574  1.687   1.00 19.03 ? 89   ILE A CD1 1 
ATOM   600  N N   . ASN A 1 94  ? -8.124  -4.456  -1.354  1.00 19.69 ? 90   ASN A N   1 
ATOM   601  C CA  . ASN A 1 94  ? -8.017  -5.266  -2.591  1.00 19.40 ? 90   ASN A CA  1 
ATOM   602  C C   . ASN A 1 94  ? -8.916  -4.707  -3.683  1.00 18.45 ? 90   ASN A C   1 
ATOM   603  O O   . ASN A 1 94  ? -8.510  -4.765  -4.844  1.00 21.48 ? 90   ASN A O   1 
ATOM   604  C CB  . ASN A 1 94  ? -8.396  -6.737  -2.251  1.00 19.97 ? 90   ASN A CB  1 
ATOM   605  C CG  . ASN A 1 94  ? -7.266  -7.470  -1.511  1.00 23.83 ? 90   ASN A CG  1 
ATOM   606  O OD1 . ASN A 1 94  ? -6.056  -7.113  -1.639  1.00 28.99 ? 90   ASN A OD1 1 
ATOM   607  N ND2 . ASN A 1 94  ? -7.618  -8.499  -0.803  1.00 24.83 ? 90   ASN A ND2 1 
ATOM   608  N N   . GLY A 1 95  ? -10.108 -4.183  -3.371  1.00 18.92 ? 91   GLY A N   1 
ATOM   609  C CA  . GLY A 1 95  ? -11.011 -3.602  -4.394  1.00 20.50 ? 91   GLY A CA  1 
ATOM   610  C C   . GLY A 1 95  ? -10.411 -2.275  -4.930  1.00 21.06 ? 91   GLY A C   1 
ATOM   611  O O   . GLY A 1 95  ? -10.512 -2.016  -6.167  1.00 19.15 ? 91   GLY A O   1 
ATOM   612  N N   . TYR A 1 96  ? -9.706  -1.497  -4.072  1.00 19.68 ? 92   TYR A N   1 
ATOM   613  C CA  . TYR A 1 96  ? -9.053  -0.256  -4.573  1.00 18.58 ? 92   TYR A CA  1 
ATOM   614  C C   . TYR A 1 96  ? -7.844  -0.607  -5.461  1.00 17.99 ? 92   TYR A C   1 
ATOM   615  O O   . TYR A 1 96  ? -7.643  -0.025  -6.528  1.00 17.24 ? 92   TYR A O   1 
ATOM   616  C CB  . TYR A 1 96  ? -8.495  0.562   -3.389  1.00 17.83 ? 92   TYR A CB  1 
ATOM   617  C CG  . TYR A 1 96  ? -9.569  1.076   -2.456  1.00 19.86 ? 92   TYR A CG  1 
ATOM   618  C CD1 . TYR A 1 96  ? -9.303  1.200   -1.079  1.00 19.36 ? 92   TYR A CD1 1 
ATOM   619  C CD2 . TYR A 1 96  ? -10.840 1.427   -2.935  1.00 22.00 ? 92   TYR A CD2 1 
ATOM   620  C CE1 . TYR A 1 96  ? -10.219 1.712   -0.170  1.00 19.50 ? 92   TYR A CE1 1 
ATOM   621  C CE2 . TYR A 1 96  ? -11.830 1.916   -2.017  1.00 21.93 ? 92   TYR A CE2 1 
ATOM   622  C CZ  . TYR A 1 96  ? -11.501 2.046   -0.651  1.00 23.96 ? 92   TYR A CZ  1 
ATOM   623  O OH  . TYR A 1 96  ? -12.462 2.494   0.260   1.00 24.52 ? 92   TYR A OH  1 
ATOM   624  N N   . ILE A 1 97  ? -7.081  -1.644  -5.096  1.00 16.77 ? 93   ILE A N   1 
ATOM   625  C CA  . ILE A 1 97  ? -5.961  -2.074  -5.920  1.00 17.23 ? 93   ILE A CA  1 
ATOM   626  C C   . ILE A 1 97  ? -6.493  -2.519  -7.268  1.00 17.91 ? 93   ILE A C   1 
ATOM   627  O O   . ILE A 1 97  ? -5.866  -2.202  -8.331  1.00 18.25 ? 93   ILE A O   1 
ATOM   628  C CB  . ILE A 1 97  ? -5.164  -3.240  -5.246  1.00 15.92 ? 93   ILE A CB  1 
ATOM   629  C CG1 . ILE A 1 97  ? -4.381  -2.660  -4.009  1.00 17.29 ? 93   ILE A CG1 1 
ATOM   630  C CG2 . ILE A 1 97  ? -4.150  -3.890  -6.188  1.00 19.94 ? 93   ILE A CG2 1 
ATOM   631  C CD1 . ILE A 1 97  ? -3.821  -3.829  -3.070  1.00 19.11 ? 93   ILE A CD1 1 
ATOM   632  N N   . GLN A 1 98  ? -7.637  -3.215  -7.260  1.00 17.99 ? 94   GLN A N   1 
ATOM   633  C CA  . GLN A 1 98  ? -8.212  -3.700  -8.529  1.00 20.82 ? 94   GLN A CA  1 
ATOM   634  C C   . GLN A 1 98  ? -8.584  -2.565  -9.484  1.00 22.71 ? 94   GLN A C   1 
ATOM   635  O O   . GLN A 1 98  ? -8.222  -2.570  -10.679 1.00 22.88 ? 94   GLN A O   1 
ATOM   636  C CB  . GLN A 1 98  ? -9.436  -4.561  -8.279  1.00 21.34 ? 94   GLN A CB  1 
ATOM   637  C CG  . GLN A 1 98  ? -9.060  -5.982  -7.794  1.00 28.49 ? 94   GLN A CG  1 
ATOM   638  C CD  . GLN A 1 98  ? -10.328 -6.900  -7.810  1.00 41.37 ? 94   GLN A CD  1 
ATOM   639  O OE1 . GLN A 1 98  ? -11.275 -6.602  -7.096  1.00 41.45 ? 94   GLN A OE1 1 
ATOM   640  N NE2 . GLN A 1 98  ? -10.366 -7.954  -8.697  1.00 42.14 ? 94   GLN A NE2 1 
ATOM   641  N N   . LYS A 1 99  ? -9.256  -1.572  -8.939  1.00 20.86 ? 95   LYS A N   1 
ATOM   642  C CA  . LYS A 1 99  ? -9.650  -0.423  -9.693  1.00 21.61 ? 95   LYS A CA  1 
ATOM   643  C C   . LYS A 1 99  ? -8.498  0.393   -10.172 1.00 21.18 ? 95   LYS A C   1 
ATOM   644  O O   . LYS A 1 99  ? -8.531  1.021   -11.262 1.00 22.91 ? 95   LYS A O   1 
ATOM   645  C CB  . LYS A 1 99  ? -10.537 0.453   -8.792  1.00 22.78 ? 95   LYS A CB  1 
ATOM   646  C CG  . LYS A 1 99  ? -11.967 -0.130  -8.686  1.00 30.93 ? 95   LYS A CG  1 
ATOM   647  C CD  . LYS A 1 99  ? -12.770 0.768   -7.772  1.00 42.02 ? 95   LYS A CD  1 
ATOM   648  C CE  . LYS A 1 99  ? -14.327 0.653   -8.000  1.00 46.81 ? 95   LYS A CE  1 
ATOM   649  N NZ  . LYS A 1 99  ? -14.670 -0.575  -8.736  1.00 49.64 ? 95   LYS A NZ  1 
ATOM   650  N N   . ILE A 1 100 ? -7.470  0.471   -9.364  1.00 18.21 ? 96   ILE A N   1 
ATOM   651  C CA  . ILE A 1 100 ? -6.303  1.250   -9.774  1.00 17.99 ? 96   ILE A CA  1 
ATOM   652  C C   . ILE A 1 100 ? -5.577  0.483   -10.842 1.00 17.99 ? 96   ILE A C   1 
ATOM   653  O O   . ILE A 1 100 ? -5.140  1.051   -11.874 1.00 19.04 ? 96   ILE A O   1 
ATOM   654  C CB  . ILE A 1 100 ? -5.353  1.524   -8.589  1.00 16.47 ? 96   ILE A CB  1 
ATOM   655  C CG1 . ILE A 1 100 ? -6.021  2.505   -7.544  1.00 17.44 ? 96   ILE A CG1 1 
ATOM   656  C CG2 . ILE A 1 100 ? -3.992  1.890   -9.078  1.00 17.09 ? 96   ILE A CG2 1 
ATOM   657  C CD1 . ILE A 1 100 ? -5.285  2.446   -6.121  1.00 19.47 ? 96   ILE A CD1 1 
ATOM   658  N N   . LYS A 1 101 ? -5.401  -0.833  -10.668 1.00 16.98 ? 97   LYS A N   1 
ATOM   659  C CA  . LYS A 1 101 ? -4.709  -1.577  -11.742 1.00 19.96 ? 97   LYS A CA  1 
ATOM   660  C C   . LYS A 1 101 ? -5.472  -1.664  -13.078 1.00 19.31 ? 97   LYS A C   1 
ATOM   661  O O   . LYS A 1 101 ? -4.836  -1.778  -14.123 1.00 22.71 ? 97   LYS A O   1 
ATOM   662  C CB  . LYS A 1 101 ? -4.388  -3.035  -11.283 1.00 19.27 ? 97   LYS A CB  1 
ATOM   663  C CG  . LYS A 1 101 ? -3.195  -3.033  -10.302 1.00 24.70 ? 97   LYS A CG  1 
ATOM   664  C CD  . LYS A 1 101 ? -2.811  -4.445  -10.054 1.00 31.11 ? 97   LYS A CD  1 
ATOM   665  C CE  . LYS A 1 101 ? -1.379  -4.460  -9.419  1.00 35.99 ? 97   LYS A CE  1 
ATOM   666  N NZ  . LYS A 1 101 ? -0.827  -5.941  -9.513  1.00 37.48 ? 97   LYS A NZ  1 
ATOM   667  N N   . SER A 1 102 ? -6.797  -1.708  -13.044 1.00 20.84 ? 98   SER A N   1 
ATOM   668  C CA  . SER A 1 102 ? -7.576  -1.733  -14.247 1.00 22.40 ? 98   SER A CA  1 
ATOM   669  C C   . SER A 1 102 ? -7.601  -0.343  -14.954 1.00 25.91 ? 98   SER A C   1 
ATOM   670  O O   . SER A 1 102 ? -8.055  -0.261  -16.115 1.00 26.81 ? 98   SER A O   1 
ATOM   671  C CB  . SER A 1 102 ? -9.000  -2.123  -13.990 1.00 22.13 ? 98   SER A CB  1 
ATOM   672  O OG  . SER A 1 102 ? -9.725  -1.108  -13.215 1.00 25.61 ? 98   SER A OG  1 
ATOM   673  N N   . GLY A 1 103 ? -7.201  0.718   -14.254 1.00 26.18 ? 99   GLY A N   1 
ATOM   674  C CA  . GLY A 1 103 ? -7.234  2.056   -14.809 1.00 27.38 ? 99   GLY A CA  1 
ATOM   675  C C   . GLY A 1 103 ? -8.596  2.671   -14.616 1.00 28.21 ? 99   GLY A C   1 
ATOM   676  O O   . GLY A 1 103 ? -8.812  3.828   -15.037 1.00 29.12 ? 99   GLY A O   1 
ATOM   677  N N   . GLU A 1 104 ? -9.527  1.974   -13.964 1.00 26.98 ? 100  GLU A N   1 
ATOM   678  C CA  . GLU A 1 104 ? -10.836 2.497   -13.717 1.00 29.01 ? 100  GLU A CA  1 
ATOM   679  C C   . GLU A 1 104 ? -10.766 3.710   -12.745 1.00 30.30 ? 100  GLU A C   1 
ATOM   680  O O   . GLU A 1 104 ? -11.556 4.677   -12.877 1.00 27.05 ? 100  GLU A O   1 
ATOM   681  C CB  . GLU A 1 104 ? -11.773 1.405   -13.218 1.00 30.53 ? 100  GLU A CB  1 
ATOM   682  C CG  . GLU A 1 104 ? -13.169 1.867   -12.778 1.00 38.45 ? 100  GLU A CG  1 
ATOM   683  C CD  . GLU A 1 104 ? -14.097 0.659   -12.423 1.00 50.38 ? 100  GLU A CD  1 
ATOM   684  O OE1 . GLU A 1 104 ? -13.677 -0.519  -12.687 1.00 52.03 ? 100  GLU A OE1 1 
ATOM   685  O OE2 . GLU A 1 104 ? -15.234 0.888   -11.892 1.00 54.09 ? 100  GLU A OE2 1 
ATOM   686  N N   . GLU A 1 105 ? -9.786  3.724   -11.807 1.00 28.65 ? 101  GLU A N   1 
ATOM   687  C CA  . GLU A 1 105 ? -9.659  4.866   -10.864 1.00 29.51 ? 101  GLU A CA  1 
ATOM   688  C C   . GLU A 1 105 ? -8.196  5.138   -10.782 1.00 28.37 ? 101  GLU A C   1 
ATOM   689  O O   . GLU A 1 105 ? -7.452  4.238   -11.131 1.00 31.16 ? 101  GLU A O   1 
ATOM   690  C CB  . GLU A 1 105 ? -10.156 4.494   -9.456  1.00 30.21 ? 101  GLU A CB  1 
ATOM   691  C CG  . GLU A 1 105 ? -11.667 4.087   -9.367  1.00 33.71 ? 101  GLU A CG  1 
ATOM   692  C CD  . GLU A 1 105 ? -12.659 5.246   -9.719  1.00 41.44 ? 101  GLU A CD  1 
ATOM   693  O OE1 . GLU A 1 105 ? -13.811 4.908   -10.121 1.00 48.62 ? 101  GLU A OE1 1 
ATOM   694  O OE2 . GLU A 1 105 ? -12.291 6.446   -9.628  1.00 43.32 ? 101  GLU A OE2 1 
ATOM   695  N N   . ASP A 1 106 ? -7.735  6.334   -10.441 1.00 26.42 ? 102  ASP A N   1 
ATOM   696  C CA  . ASP A 1 106 ? -6.307  6.455   -10.168 1.00 28.23 ? 102  ASP A CA  1 
ATOM   697  C C   . ASP A 1 106 ? -6.049  6.519   -8.697  1.00 24.73 ? 102  ASP A C   1 
ATOM   698  O O   . ASP A 1 106 ? -6.947  6.793   -7.934  1.00 24.29 ? 102  ASP A O   1 
ATOM   699  C CB  . ASP A 1 106 ? -5.525  7.563   -10.906 1.00 32.36 ? 102  ASP A CB  1 
ATOM   700  C CG  . ASP A 1 106 ? -6.275  8.828   -11.057 1.00 39.23 ? 102  ASP A CG  1 
ATOM   701  O OD1 . ASP A 1 106 ? -6.480  9.241   -12.280 1.00 47.33 ? 102  ASP A OD1 1 
ATOM   702  O OD2 . ASP A 1 106 ? -6.620  9.419   -9.976  1.00 47.85 ? 102  ASP A OD2 1 
ATOM   703  N N   . PHE A 1 107 ? -4.801  6.240   -8.348  1.00 22.55 ? 103  PHE A N   1 
ATOM   704  C CA  . PHE A 1 107 ? -4.422  6.050   -6.955  1.00 24.50 ? 103  PHE A CA  1 
ATOM   705  C C   . PHE A 1 107 ? -4.778  7.319   -6.153  1.00 24.27 ? 103  PHE A C   1 
ATOM   706  O O   . PHE A 1 107 ? -5.460  7.315   -5.105  1.00 22.54 ? 103  PHE A O   1 
ATOM   707  C CB  . PHE A 1 107 ? -2.919  5.815   -6.941  1.00 24.59 ? 103  PHE A CB  1 
ATOM   708  C CG  . PHE A 1 107 ? -2.386  5.658   -5.566  1.00 26.09 ? 103  PHE A CG  1 
ATOM   709  C CD1 . PHE A 1 107 ? -2.216  4.359   -5.055  1.00 29.77 ? 103  PHE A CD1 1 
ATOM   710  C CD2 . PHE A 1 107 ? -2.125  6.782   -4.754  1.00 28.66 ? 103  PHE A CD2 1 
ATOM   711  C CE1 . PHE A 1 107 ? -1.724  4.170   -3.705  1.00 30.08 ? 103  PHE A CE1 1 
ATOM   712  C CE2 . PHE A 1 107 ? -1.714  6.588   -3.359  1.00 24.86 ? 103  PHE A CE2 1 
ATOM   713  C CZ  . PHE A 1 107 ? -1.528  5.295   -2.911  1.00 27.33 ? 103  PHE A CZ  1 
ATOM   714  N N   . GLU A 1 108 ? -4.378  8.477   -6.713  1.00 24.48 ? 104  GLU A N   1 
ATOM   715  C CA  . GLU A 1 108 ? -4.646  9.784   -6.022  1.00 24.64 ? 104  GLU A CA  1 
ATOM   716  C C   . GLU A 1 108 ? -6.016  10.059  -5.713  1.00 24.48 ? 104  GLU A C   1 
ATOM   717  O O   . GLU A 1 108 ? -6.330  10.658  -4.684  1.00 25.11 ? 104  GLU A O   1 
ATOM   718  C CB  . GLU A 1 108 ? -4.164  10.926  -6.950  1.00 25.60 ? 104  GLU A CB  1 
ATOM   719  C CG  . GLU A 1 108 ? -2.676  10.843  -6.884  1.00 28.98 ? 104  GLU A CG  1 
ATOM   720  C CD  . GLU A 1 108 ? -2.085  10.277  -8.155  1.00 40.22 ? 104  GLU A CD  1 
ATOM   721  O OE1 . GLU A 1 108 ? -2.740  9.374   -8.896  1.00 28.27 ? 104  GLU A OE1 1 
ATOM   722  O OE2 . GLU A 1 108 ? -0.921  10.777  -8.317  1.00 37.54 ? 104  GLU A OE2 1 
ATOM   723  N N   . SER A 1 109 ? -6.868  9.713   -6.635  1.00 25.46 ? 105  SER A N   1 
ATOM   724  C CA  . SER A 1 109 ? -8.282  9.910   -6.459  1.00 26.38 ? 105  SER A CA  1 
ATOM   725  C C   . SER A 1 109 ? -8.871  9.064   -5.299  1.00 23.67 ? 105  SER A C   1 
ATOM   726  O O   . SER A 1 109 ? -9.651  9.533   -4.459  1.00 19.41 ? 105  SER A O   1 
ATOM   727  C CB  . SER A 1 109 ? -9.024  9.593   -7.781  1.00 27.87 ? 105  SER A CB  1 
ATOM   728  O OG  . SER A 1 109 ? -10.395 9.690   -7.503  1.00 33.14 ? 105  SER A OG  1 
ATOM   729  N N   . LEU A 1 110 ? -8.530  7.779   -5.284  1.00 21.80 ? 106  LEU A N   1 
ATOM   730  C CA  . LEU A 1 110 ? -8.993  6.935   -4.192  1.00 21.08 ? 106  LEU A CA  1 
ATOM   731  C C   . LEU A 1 110 ? -8.297  7.338   -2.899  1.00 18.46 ? 106  LEU A C   1 
ATOM   732  O O   . LEU A 1 110 ? -8.927  7.212   -1.840  1.00 20.23 ? 106  LEU A O   1 
ATOM   733  C CB  . LEU A 1 110 ? -8.741  5.446   -4.522  1.00 17.58 ? 106  LEU A CB  1 
ATOM   734  C CG  . LEU A 1 110 ? -9.282  4.888   -5.851  1.00 20.12 ? 106  LEU A CG  1 
ATOM   735  C CD1 . LEU A 1 110 ? -9.164  3.325   -6.037  1.00 15.88 ? 106  LEU A CD1 1 
ATOM   736  C CD2 . LEU A 1 110 ? -10.725 5.252   -5.797  1.00 22.38 ? 106  LEU A CD2 1 
ATOM   737  N N   . ALA A 1 111 ? -6.999  7.739   -2.911  1.00 19.63 ? 107  ALA A N   1 
ATOM   738  C CA  . ALA A 1 111 ? -6.416  8.210   -1.628  1.00 18.94 ? 107  ALA A CA  1 
ATOM   739  C C   . ALA A 1 111 ? -7.166  9.415   -1.072  1.00 20.07 ? 107  ALA A C   1 
ATOM   740  O O   . ALA A 1 111 ? -7.548  9.421   0.191   1.00 20.89 ? 107  ALA A O   1 
ATOM   741  C CB  . ALA A 1 111 ? -4.876  8.519   -1.706  1.00 19.97 ? 107  ALA A CB  1 
ATOM   742  N N   . SER A 1 112 ? -7.430  10.432  -1.939  1.00 19.06 ? 108  SER A N   1 
ATOM   743  C CA  . SER A 1 112 ? -8.248  11.582  -1.480  1.00 20.18 ? 108  SER A CA  1 
ATOM   744  C C   . SER A 1 112 ? -9.554  11.213  -0.887  1.00 21.60 ? 108  SER A C   1 
ATOM   745  O O   . SER A 1 112 ? -9.959  11.821  0.085   1.00 22.04 ? 108  SER A O   1 
ATOM   746  C CB  . SER A 1 112 ? -8.507  12.573  -2.676  1.00 20.69 ? 108  SER A CB  1 
ATOM   747  O OG  . SER A 1 112 ? -7.181  12.944  -3.162  1.00 22.42 ? 108  SER A OG  1 
ATOM   748  N N   . GLN A 1 113 ? -10.298 10.319  -1.532  1.00 21.59 ? 109  GLN A N   1 
ATOM   749  C CA  . GLN A 1 113 ? -11.652 9.980   -1.064  1.00 23.42 ? 109  GLN A CA  1 
ATOM   750  C C   . GLN A 1 113 ? -11.693 9.046   0.137   1.00 25.28 ? 109  GLN A C   1 
ATOM   751  O O   . GLN A 1 113 ? -12.587 9.155   0.929   1.00 26.40 ? 109  GLN A O   1 
ATOM   752  C CB  . GLN A 1 113 ? -12.446 9.292   -2.199  1.00 23.69 ? 109  GLN A CB  1 
ATOM   753  C CG  . GLN A 1 113 ? -12.620 10.166  -3.464  1.00 27.26 ? 109  GLN A CG  1 
ATOM   754  C CD  . GLN A 1 113 ? -13.283 9.431   -4.620  1.00 27.27 ? 109  GLN A CD  1 
ATOM   755  O OE1 . GLN A 1 113 ? -12.645 9.114   -5.611  1.00 32.02 ? 109  GLN A OE1 1 
ATOM   756  N NE2 . GLN A 1 113 ? -14.543 9.195   -4.496  1.00 27.74 ? 109  GLN A NE2 1 
ATOM   757  N N   . PHE A 1 114 ? -10.745 8.112   0.263   1.00 23.46 ? 110  PHE A N   1 
ATOM   758  C CA  . PHE A 1 114 ? -10.982 6.899   1.088   1.00 23.73 ? 110  PHE A CA  1 
ATOM   759  C C   . PHE A 1 114 ? -9.862  6.630   2.050   1.00 22.65 ? 110  PHE A C   1 
ATOM   760  O O   . PHE A 1 114 ? -9.970  5.762   2.965   1.00 21.83 ? 110  PHE A O   1 
ATOM   761  C CB  . PHE A 1 114 ? -11.180 5.658   0.143   1.00 23.81 ? 110  PHE A CB  1 
ATOM   762  C CG  . PHE A 1 114 ? -12.401 5.787   -0.753  1.00 25.67 ? 110  PHE A CG  1 
ATOM   763  C CD1 . PHE A 1 114 ? -12.314 5.631   -2.156  1.00 25.60 ? 110  PHE A CD1 1 
ATOM   764  C CD2 . PHE A 1 114 ? -13.660 6.093   -0.172  1.00 25.72 ? 110  PHE A CD2 1 
ATOM   765  C CE1 . PHE A 1 114 ? -13.475 5.766   -2.953  1.00 28.13 ? 110  PHE A CE1 1 
ATOM   766  C CE2 . PHE A 1 114 ? -14.799 6.318   -0.963  1.00 26.81 ? 110  PHE A CE2 1 
ATOM   767  C CZ  . PHE A 1 114 ? -14.712 6.131   -2.341  1.00 28.00 ? 110  PHE A CZ  1 
ATOM   768  N N   . SER A 1 115 ? -8.730  7.276   1.853   1.00 19.56 ? 111  SER A N   1 
ATOM   769  C CA  . SER A 1 115 ? -7.670  7.044   2.854   1.00 20.00 ? 111  SER A CA  1 
ATOM   770  C C   . SER A 1 115 ? -8.023  7.563   4.293   1.00 23.19 ? 111  SER A C   1 
ATOM   771  O O   . SER A 1 115 ? -8.479  8.684   4.451   1.00 22.39 ? 111  SER A O   1 
ATOM   772  C CB  . SER A 1 115 ? -6.396  7.678   2.459   1.00 17.33 ? 111  SER A CB  1 
ATOM   773  O OG  . SER A 1 115 ? -5.346  7.412   3.424   1.00 17.41 ? 111  SER A OG  1 
ATOM   774  N N   . ASP A 1 116 ? -7.732  6.750   5.317   1.00 22.80 ? 112  ASP A N   1 
ATOM   775  C CA  . ASP A 1 116 ? -8.007  7.115   6.705   1.00 22.25 ? 112  ASP A CA  1 
ATOM   776  C C   . ASP A 1 116 ? -6.831  7.855   7.269   1.00 23.74 ? 112  ASP A C   1 
ATOM   777  O O   . ASP A 1 116 ? -6.822  8.086   8.495   1.00 26.34 ? 112  ASP A O   1 
ATOM   778  C CB  . ASP A 1 116 ? -8.293  5.907   7.624   1.00 21.38 ? 112  ASP A CB  1 
ATOM   779  C CG  . ASP A 1 116 ? -9.700  5.347   7.474   1.00 22.28 ? 112  ASP A CG  1 
ATOM   780  O OD1 . ASP A 1 116 ? -10.711 6.085   7.492   1.00 25.70 ? 112  ASP A OD1 1 
ATOM   781  O OD2 . ASP A 1 116 ? -9.895  4.088   7.299   1.00 21.61 ? 112  ASP A OD2 1 
ATOM   782  N N   . CYS A 1 117 ? -5.813  8.229   6.451   1.00 20.52 ? 113  CYS A N   1 
ATOM   783  C CA  . CYS A 1 117 ? -4.763  9.080   6.934   1.00 21.67 ? 113  CYS A CA  1 
ATOM   784  C C   . CYS A 1 117 ? -5.127  10.561  6.558   1.00 23.61 ? 113  CYS A C   1 
ATOM   785  O O   . CYS A 1 117 ? -5.660  10.768  5.479   1.00 21.31 ? 113  CYS A O   1 
ATOM   786  C CB  . CYS A 1 117 ? -3.430  8.667   6.307   1.00 18.22 ? 113  CYS A CB  1 
ATOM   787  S SG  . CYS A 1 117 ? -1.982  9.611   6.759   1.00 24.39 ? 113  CYS A SG  1 
ATOM   788  N N   . SER A 1 118 ? -4.785  11.528  7.425   1.00 22.38 ? 114  SER A N   1 
ATOM   789  C CA  . SER A 1 118 ? -4.965  12.968  7.100   1.00 25.27 ? 114  SER A CA  1 
ATOM   790  C C   . SER A 1 118 ? -4.149  13.410  5.855   1.00 23.91 ? 114  SER A C   1 
ATOM   791  O O   . SER A 1 118 ? -4.568  14.394  5.189   1.00 23.83 ? 114  SER A O   1 
ATOM   792  C CB  . SER A 1 118 ? -4.623  13.858  8.312   1.00 26.03 ? 114  SER A CB  1 
ATOM   793  O OG  . SER A 1 118 ? -3.230  13.702  8.605   1.00 33.52 ? 114  SER A OG  1 
ATOM   794  N N   . SER A 1 119 ? -3.069  12.665  5.486   1.00 22.59 ? 115  SER A N   1 
ATOM   795  C CA  . SER A 1 119 ? -2.456  12.855  4.133   1.00 20.18 ? 115  SER A CA  1 
ATOM   796  C C   . SER A 1 119 ? -3.430  12.718  2.967   1.00 20.06 ? 115  SER A C   1 
ATOM   797  O O   . SER A 1 119 ? -3.025  13.139  1.836   1.00 19.64 ? 115  SER A O   1 
ATOM   798  C CB  . SER A 1 119 ? -1.239  11.906  3.900   1.00 21.22 ? 115  SER A CB  1 
ATOM   799  O OG  . SER A 1 119 ? -1.710  10.548  3.950   1.00 22.65 ? 115  SER A OG  1 
ATOM   800  N N   . ALA A 1 120 ? -4.656  12.146  3.142   1.00 17.29 ? 116  ALA A N   1 
ATOM   801  C CA  . ALA A 1 120 ? -5.664  12.068  2.097   1.00 18.06 ? 116  ALA A CA  1 
ATOM   802  C C   . ALA A 1 120 ? -5.900  13.475  1.416   1.00 20.35 ? 116  ALA A C   1 
ATOM   803  O O   . ALA A 1 120 ? -6.129  13.532  0.204   1.00 18.93 ? 116  ALA A O   1 
ATOM   804  C CB  . ALA A 1 120 ? -7.005  11.641  2.656   1.00 17.26 ? 116  ALA A CB  1 
ATOM   805  N N   . LYS A 1 121 ? -5.766  14.546  2.225   1.00 19.81 ? 117  LYS A N   1 
ATOM   806  C CA  . LYS A 1 121 ? -6.037  15.931  1.737   1.00 21.87 ? 117  LYS A CA  1 
ATOM   807  C C   . LYS A 1 121 ? -4.948  16.355  0.747   1.00 21.51 ? 117  LYS A C   1 
ATOM   808  O O   . LYS A 1 121 ? -5.144  17.253  -0.065  1.00 19.88 ? 117  LYS A O   1 
ATOM   809  C CB  . LYS A 1 121 ? -5.999  16.953  2.930   1.00 22.03 ? 117  LYS A CB  1 
ATOM   810  C CG  . LYS A 1 121 ? -7.018  16.789  3.977   1.00 31.48 ? 117  LYS A CG  1 
ATOM   811  C CD  . LYS A 1 121 ? -8.302  16.284  3.408   1.00 39.21 ? 117  LYS A CD  1 
ATOM   812  C CE  . LYS A 1 121 ? -8.845  15.025  4.180   1.00 38.32 ? 117  LYS A CE  1 
ATOM   813  N NZ  . LYS A 1 121 ? -10.245 15.022  3.921   1.00 32.83 ? 117  LYS A NZ  1 
ATOM   814  N N   . ALA A 1 122 ? -3.813  15.645  0.807   1.00 20.46 ? 118  ALA A N   1 
ATOM   815  C CA  . ALA A 1 122 ? -2.765  15.838  -0.170  1.00 21.47 ? 118  ALA A CA  1 
ATOM   816  C C   . ALA A 1 122 ? -2.616  14.671  -1.191  1.00 19.67 ? 118  ALA A C   1 
ATOM   817  O O   . ALA A 1 122 ? -1.480  14.395  -1.563  1.00 21.70 ? 118  ALA A O   1 
ATOM   818  C CB  . ALA A 1 122 ? -1.453  16.119  0.568   1.00 22.61 ? 118  ALA A CB  1 
ATOM   819  N N   . ARG A 1 123 ? -3.738  14.020  -1.560  1.00 20.23 ? 119  ARG A N   1 
ATOM   820  C CA  A ARG A 1 123 ? -3.733  12.891  -2.553  0.50 20.53 ? 119  ARG A CA  1 
ATOM   821  C CA  B ARG A 1 123 ? -3.816  12.866  -2.510  0.50 20.42 ? 119  ARG A CA  1 
ATOM   822  C C   . ARG A 1 123 ? -2.888  11.761  -1.990  1.00 20.73 ? 119  ARG A C   1 
ATOM   823  O O   . ARG A 1 123 ? -2.333  11.001  -2.757  1.00 22.24 ? 119  ARG A O   1 
ATOM   824  C CB  A ARG A 1 123 ? -3.186  13.310  -3.962  0.50 20.14 ? 119  ARG A CB  1 
ATOM   825  C CB  B ARG A 1 123 ? -3.526  13.280  -3.988  0.50 20.48 ? 119  ARG A CB  1 
ATOM   826  C CG  A ARG A 1 123 ? -3.854  14.578  -4.563  0.50 19.35 ? 119  ARG A CG  1 
ATOM   827  C CG  B ARG A 1 123 ? -4.470  14.444  -4.579  0.50 17.76 ? 119  ARG A CG  1 
ATOM   828  C CD  A ARG A 1 123 ? -3.743  14.713  -6.111  0.50 17.96 ? 119  ARG A CD  1 
ATOM   829  C CD  B ARG A 1 123 ? -3.784  15.253  -5.751  0.50 22.43 ? 119  ARG A CD  1 
ATOM   830  N NE  A ARG A 1 123 ? -4.869  15.532  -6.539  0.50 20.57 ? 119  ARG A NE  1 
ATOM   831  N NE  B ARG A 1 123 ? -2.349  15.414  -5.523  0.50 19.16 ? 119  ARG A NE  1 
ATOM   832  C CZ  A ARG A 1 123 ? -5.262  15.670  -7.798  0.50 20.42 ? 119  ARG A CZ  1 
ATOM   833  C CZ  B ARG A 1 123 ? -1.769  16.346  -4.735  0.50 24.06 ? 119  ARG A CZ  1 
ATOM   834  N NH1 A ARG A 1 123 ? -4.590  15.025  -8.768  0.50 19.00 ? 119  ARG A NH1 1 
ATOM   835  N NH1 B ARG A 1 123 ? -2.454  17.248  -4.012  0.50 11.71 ? 119  ARG A NH1 1 
ATOM   836  N NH2 A ARG A 1 123 ? -6.339  16.406  -8.053  0.50 17.53 ? 119  ARG A NH2 1 
ATOM   837  N NH2 B ARG A 1 123 ? -0.433  16.306  -4.585  0.50 29.78 ? 119  ARG A NH2 1 
ATOM   838  N N   . GLY A 1 124 ? -2.717  11.714  -0.648  1.00 21.71 ? 120  GLY A N   1 
ATOM   839  C CA  . GLY A 1 124 ? -1.981  10.651  0.022   1.00 19.62 ? 120  GLY A CA  1 
ATOM   840  C C   . GLY A 1 124 ? -0.496  10.851  0.013   1.00 20.45 ? 120  GLY A C   1 
ATOM   841  O O   . GLY A 1 124 ? 0.220   10.057  0.588   1.00 18.76 ? 120  GLY A O   1 
ATOM   842  N N   . ASP A 1 125 ? -0.008  12.014  -0.465  1.00 17.43 ? 121  ASP A N   1 
ATOM   843  C CA  . ASP A 1 125 ? 1.443   12.288  -0.516  1.00 20.74 ? 121  ASP A CA  1 
ATOM   844  C C   . ASP A 1 125 ? 2.042   12.525  0.868   1.00 20.45 ? 121  ASP A C   1 
ATOM   845  O O   . ASP A 1 125 ? 1.512   13.338  1.642   1.00 21.67 ? 121  ASP A O   1 
ATOM   846  C CB  . ASP A 1 125 ? 1.737   13.536  -1.429  1.00 20.20 ? 121  ASP A CB  1 
ATOM   847  C CG  . ASP A 1 125 ? 3.227   13.950  -1.409  1.00 28.16 ? 121  ASP A CG  1 
ATOM   848  O OD1 . ASP A 1 125 ? 4.159   13.097  -1.489  1.00 22.91 ? 121  ASP A OD1 1 
ATOM   849  O OD2 . ASP A 1 125 ? 3.453   15.206  -1.394  1.00 29.61 ? 121  ASP A OD2 1 
ATOM   850  N N   . LEU A 1 126 ? 3.100   11.785  1.170   1.00 20.81 ? 122  LEU A N   1 
ATOM   851  C CA  . LEU A 1 126 ? 3.806   11.870  2.428   1.00 21.09 ? 122  LEU A CA  1 
ATOM   852  C C   . LEU A 1 126 ? 5.091   12.682  2.353   1.00 21.99 ? 122  LEU A C   1 
ATOM   853  O O   . LEU A 1 126 ? 5.696   12.949  3.403   1.00 23.84 ? 122  LEU A O   1 
ATOM   854  C CB  . LEU A 1 126 ? 4.157   10.439  2.985   1.00 21.03 ? 122  LEU A CB  1 
ATOM   855  C CG  . LEU A 1 126 ? 2.918   9.592   3.293   1.00 21.12 ? 122  LEU A CG  1 
ATOM   856  C CD1 . LEU A 1 126 ? 3.405   8.152   3.624   1.00 22.40 ? 122  LEU A CD1 1 
ATOM   857  C CD2 . LEU A 1 126 ? 2.051   10.232  4.404   1.00 23.34 ? 122  LEU A CD2 1 
ATOM   858  N N   . GLY A 1 127 ? 5.492   13.105  1.149   1.00 23.23 ? 123  GLY A N   1 
ATOM   859  C CA  . GLY A 1 127 ? 6.780   13.732  0.934   1.00 22.59 ? 123  GLY A CA  1 
ATOM   860  C C   . GLY A 1 127 ? 7.909   12.710  1.012   1.00 25.40 ? 123  GLY A C   1 
ATOM   861  O O   . GLY A 1 127 ? 7.672   11.439  1.064   1.00 22.96 ? 123  GLY A O   1 
ATOM   862  N N   . ALA A 1 128 ? 9.138   13.237  1.046   1.00 23.94 ? 124  ALA A N   1 
ATOM   863  C CA  . ALA A 1 128 ? 10.334  12.391  0.962   1.00 27.31 ? 124  ALA A CA  1 
ATOM   864  C C   . ALA A 1 128 ? 10.708  12.015  2.369   1.00 28.48 ? 124  ALA A C   1 
ATOM   865  O O   . ALA A 1 128 ? 10.432  12.745  3.340   1.00 29.32 ? 124  ALA A O   1 
ATOM   866  C CB  . ALA A 1 128 ? 11.530  13.068  0.230   1.00 26.42 ? 124  ALA A CB  1 
ATOM   867  N N   . PHE A 1 129 ? 11.260  10.819  2.502   1.00 30.76 ? 125  PHE A N   1 
ATOM   868  C CA  . PHE A 1 129 ? 11.695  10.376  3.823   1.00 31.06 ? 125  PHE A CA  1 
ATOM   869  C C   . PHE A 1 129 ? 12.855  9.420   3.677   1.00 30.00 ? 125  PHE A C   1 
ATOM   870  O O   . PHE A 1 129 ? 13.124  8.863   2.596   1.00 30.71 ? 125  PHE A O   1 
ATOM   871  C CB  . PHE A 1 129 ? 10.534  9.774   4.643   1.00 31.02 ? 125  PHE A CB  1 
ATOM   872  C CG  . PHE A 1 129 ? 9.826   8.604   3.952   1.00 31.58 ? 125  PHE A CG  1 
ATOM   873  C CD1 . PHE A 1 129 ? 10.293  7.248   4.134   1.00 29.27 ? 125  PHE A CD1 1 
ATOM   874  C CD2 . PHE A 1 129 ? 8.655   8.859   3.147   1.00 29.11 ? 125  PHE A CD2 1 
ATOM   875  C CE1 . PHE A 1 129 ? 9.589   6.154   3.436   1.00 26.01 ? 125  PHE A CE1 1 
ATOM   876  C CE2 . PHE A 1 129 ? 7.941   7.846   2.479   1.00 31.03 ? 125  PHE A CE2 1 
ATOM   877  C CZ  . PHE A 1 129 ? 8.411   6.437   2.647   1.00 26.23 ? 125  PHE A CZ  1 
ATOM   878  N N   . SER A 1 130 ? 13.610  9.254   4.753   1.00 32.11 ? 126  SER A N   1 
ATOM   879  C CA  . SER A 1 130 ? 14.795  8.393   4.666   1.00 32.91 ? 126  SER A CA  1 
ATOM   880  C C   . SER A 1 130 ? 14.466  7.190   5.587   1.00 32.47 ? 126  SER A C   1 
ATOM   881  O O   . SER A 1 130 ? 13.416  7.152   6.225   1.00 30.31 ? 126  SER A O   1 
ATOM   882  C CB  . SER A 1 130 ? 16.064  9.173   5.114   1.00 35.28 ? 126  SER A CB  1 
ATOM   883  O OG  . SER A 1 130 ? 15.934  9.317   6.508   1.00 37.35 ? 126  SER A OG  1 
ATOM   884  N N   . ARG A 1 131 ? 15.343  6.188   5.634   1.00 33.47 ? 127  ARG A N   1 
ATOM   885  C CA  . ARG A 1 131 ? 15.114  5.110   6.611   1.00 34.60 ? 127  ARG A CA  1 
ATOM   886  C C   . ARG A 1 131 ? 15.318  5.664   8.030   1.00 35.68 ? 127  ARG A C   1 
ATOM   887  O O   . ARG A 1 131 ? 16.001  6.712   8.224   1.00 36.35 ? 127  ARG A O   1 
ATOM   888  C CB  . ARG A 1 131 ? 16.073  3.953   6.336   1.00 35.48 ? 127  ARG A CB  1 
ATOM   889  C CG  . ARG A 1 131 ? 15.677  3.040   5.204   1.00 34.47 ? 127  ARG A CG  1 
ATOM   890  C CD  . ARG A 1 131 ? 16.540  1.803   5.296   1.00 31.39 ? 127  ARG A CD  1 
ATOM   891  N NE  . ARG A 1 131 ? 16.283  0.914   4.154   1.00 32.53 ? 127  ARG A NE  1 
ATOM   892  C CZ  . ARG A 1 131 ? 15.299  0.001   4.028   1.00 29.33 ? 127  ARG A CZ  1 
ATOM   893  N NH1 . ARG A 1 131 ? 14.368  -0.163  4.931   1.00 25.70 ? 127  ARG A NH1 1 
ATOM   894  N NH2 . ARG A 1 131 ? 15.253  -0.732  2.927   1.00 27.44 ? 127  ARG A NH2 1 
ATOM   895  N N   . GLY A 1 132 ? 14.710  4.988   8.999   1.00 35.41 ? 128  GLY A N   1 
ATOM   896  C CA  . GLY A 1 132 ? 14.695  5.439   10.367  1.00 35.79 ? 128  GLY A CA  1 
ATOM   897  C C   . GLY A 1 132 ? 13.491  6.285   10.764  1.00 36.69 ? 128  GLY A C   1 
ATOM   898  O O   . GLY A 1 132 ? 13.412  6.691   11.903  1.00 37.77 ? 128  GLY A O   1 
ATOM   899  N N   . GLN A 1 133 ? 12.532  6.576   9.867   1.00 36.33 ? 129  GLN A N   1 
ATOM   900  C CA  . GLN A 1 133 ? 11.380  7.464   10.199  1.00 35.78 ? 129  GLN A CA  1 
ATOM   901  C C   . GLN A 1 133 ? 10.000  6.836   10.274  1.00 36.90 ? 129  GLN A C   1 
ATOM   902  O O   . GLN A 1 133 ? 9.182   7.269   11.096  1.00 38.21 ? 129  GLN A O   1 
ATOM   903  C CB  . GLN A 1 133 ? 11.243  8.613   9.169   1.00 36.94 ? 129  GLN A CB  1 
ATOM   904  C CG  . GLN A 1 133 ? 12.520  9.391   8.893   1.00 37.25 ? 129  GLN A CG  1 
ATOM   905  C CD  . GLN A 1 133 ? 12.224  10.568  7.927   1.00 40.41 ? 129  GLN A CD  1 
ATOM   906  O OE1 . GLN A 1 133 ? 13.054  10.923  7.099   1.00 35.09 ? 129  GLN A OE1 1 
ATOM   907  N NE2 . GLN A 1 133 ? 10.998  11.102  7.986   1.00 44.78 ? 129  GLN A NE2 1 
ATOM   908  N N   . MET A 1 134 ? 9.699   5.880   9.372   1.00 35.59 ? 130  MET A N   1 
ATOM   909  C CA  . MET A 1 134 ? 8.323   5.292   9.300   1.00 33.45 ? 130  MET A CA  1 
ATOM   910  C C   . MET A 1 134 ? 8.281   3.914   10.019  1.00 32.88 ? 130  MET A C   1 
ATOM   911  O O   . MET A 1 134 ? 9.339   3.355   10.276  1.00 33.11 ? 130  MET A O   1 
ATOM   912  C CB  . MET A 1 134 ? 7.903   5.156   7.812   1.00 34.37 ? 130  MET A CB  1 
ATOM   913  C CG  . MET A 1 134 ? 7.904   6.495   7.026   1.00 33.43 ? 130  MET A CG  1 
ATOM   914  S SD  . MET A 1 134 ? 6.546   7.553   7.503   1.00 40.36 ? 130  MET A SD  1 
ATOM   915  C CE  . MET A 1 134 ? 6.826   8.852   6.246   1.00 40.85 ? 130  MET A CE  1 
ATOM   916  N N   . GLN A 1 135 ? 7.095   3.439   10.379  1.00 30.51 ? 131  GLN A N   1 
ATOM   917  C CA  . GLN A 1 135 ? 6.899   2.056   10.846  1.00 29.55 ? 131  GLN A CA  1 
ATOM   918  C C   . GLN A 1 135 ? 7.647   1.138   9.875   1.00 28.53 ? 131  GLN A C   1 
ATOM   919  O O   . GLN A 1 135 ? 7.650   1.320   8.592   1.00 26.00 ? 131  GLN A O   1 
ATOM   920  C CB  . GLN A 1 135 ? 5.405   1.751   10.915  1.00 29.20 ? 131  GLN A CB  1 
ATOM   921  C CG  . GLN A 1 135 ? 4.760   2.429   12.158  1.00 35.57 ? 131  GLN A CG  1 
ATOM   922  C CD  . GLN A 1 135 ? 3.206   2.375   12.140  1.00 38.61 ? 131  GLN A CD  1 
ATOM   923  O OE1 . GLN A 1 135 ? 2.575   3.049   11.371  1.00 42.96 ? 131  GLN A OE1 1 
ATOM   924  N NE2 . GLN A 1 135 ? 2.625   1.573   12.996  1.00 44.23 ? 131  GLN A NE2 1 
ATOM   925  N N   . LYS A 1 136 ? 8.358   0.152   10.429  1.00 27.04 ? 132  LYS A N   1 
ATOM   926  C CA  A LYS A 1 136 ? 9.232   -0.609  9.550   0.50 26.15 ? 132  LYS A CA  1 
ATOM   927  C CA  B LYS A 1 136 ? 9.225   -0.704  9.600   0.50 26.05 ? 132  LYS A CA  1 
ATOM   928  C C   . LYS A 1 136 ? 8.603   -1.333  8.327   1.00 23.41 ? 132  LYS A C   1 
ATOM   929  O O   . LYS A 1 136 ? 9.273   -1.373  7.263   1.00 25.18 ? 132  LYS A O   1 
ATOM   930  C CB  A LYS A 1 136 ? 10.194  -1.531  10.351  0.50 26.18 ? 132  LYS A CB  1 
ATOM   931  C CB  B LYS A 1 136 ? 9.847   -1.856  10.449  0.50 25.02 ? 132  LYS A CB  1 
ATOM   932  C CG  A LYS A 1 136 ? 11.517  -0.803  10.640  0.50 27.33 ? 132  LYS A CG  1 
ATOM   933  C CG  B LYS A 1 136 ? 11.345  -1.909  10.367  0.50 26.74 ? 132  LYS A CG  1 
ATOM   934  C CD  A LYS A 1 136 ? 12.547  -1.159  9.602   0.50 27.21 ? 132  LYS A CD  1 
ATOM   935  C CD  B LYS A 1 136 ? 11.884  -2.206  9.032   0.50 27.35 ? 132  LYS A CD  1 
ATOM   936  C CE  A LYS A 1 136 ? 13.953  -0.871  10.120  0.50 31.17 ? 132  LYS A CE  1 
ATOM   937  C CE  B LYS A 1 136 ? 13.382  -1.809  8.922   0.50 25.60 ? 132  LYS A CE  1 
ATOM   938  N NZ  A LYS A 1 136 ? 14.537  0.411   9.757   0.50 23.15 ? 132  LYS A NZ  1 
ATOM   939  N NZ  B LYS A 1 136 ? 14.217  -2.559  7.889   0.50 26.80 ? 132  LYS A NZ  1 
ATOM   940  N N   . PRO A 1 137 ? 7.389   -1.966  8.459   1.00 23.79 ? 133  PRO A N   1 
ATOM   941  C CA  . PRO A 1 137 ? 6.866   -2.683  7.282   1.00 24.47 ? 133  PRO A CA  1 
ATOM   942  C C   . PRO A 1 137 ? 6.545   -1.640  6.165   1.00 23.15 ? 133  PRO A C   1 
ATOM   943  O O   . PRO A 1 137 ? 6.756   -1.951  5.030   1.00 21.74 ? 133  PRO A O   1 
ATOM   944  C CB  . PRO A 1 137 ? 5.516   -3.291  7.796   1.00 24.42 ? 133  PRO A CB  1 
ATOM   945  C CG  . PRO A 1 137 ? 5.738   -3.401  9.351   1.00 24.82 ? 133  PRO A CG  1 
ATOM   946  C CD  . PRO A 1 137 ? 6.459   -2.094  9.627   1.00 24.23 ? 133  PRO A CD  1 
ATOM   947  N N   . PHE A 1 138 ? 6.163   -0.421  6.580   1.00 22.43 ? 134  PHE A N   1 
ATOM   948  C CA  . PHE A 1 138 ? 5.930   0.731   5.615   1.00 21.69 ? 134  PHE A CA  1 
ATOM   949  C C   . PHE A 1 138 ? 7.237   1.153   4.990   1.00 21.46 ? 134  PHE A C   1 
ATOM   950  O O   . PHE A 1 138 ? 7.386   1.252   3.736   1.00 19.52 ? 134  PHE A O   1 
ATOM   951  C CB  . PHE A 1 138 ? 5.265   1.903   6.324   1.00 22.54 ? 134  PHE A CB  1 
ATOM   952  C CG  . PHE A 1 138 ? 4.726   2.952   5.355   1.00 19.37 ? 134  PHE A CG  1 
ATOM   953  C CD1 . PHE A 1 138 ? 3.393   2.904   4.930   1.00 21.72 ? 134  PHE A CD1 1 
ATOM   954  C CD2 . PHE A 1 138 ? 5.582   3.942   4.855   1.00 21.87 ? 134  PHE A CD2 1 
ATOM   955  C CE1 . PHE A 1 138 ? 2.895   3.884   4.037   1.00 23.31 ? 134  PHE A CE1 1 
ATOM   956  C CE2 . PHE A 1 138 ? 5.062   4.889   3.901   1.00 19.17 ? 134  PHE A CE2 1 
ATOM   957  C CZ  . PHE A 1 138 ? 3.750   4.836   3.497   1.00 19.27 ? 134  PHE A CZ  1 
ATOM   958  N N   . GLU A 1 139 ? 8.264   1.395   5.842   1.00 19.72 ? 135  GLU A N   1 
ATOM   959  C CA  . GLU A 1 139 ? 9.567   1.774   5.341   1.00 21.16 ? 135  GLU A CA  1 
ATOM   960  C C   . GLU A 1 139 ? 10.144  0.725   4.412   1.00 20.56 ? 135  GLU A C   1 
ATOM   961  O O   . GLU A 1 139 ? 10.616  1.044   3.269   1.00 19.84 ? 135  GLU A O   1 
ATOM   962  C CB  . GLU A 1 139 ? 10.563  2.066   6.531   1.00 19.57 ? 135  GLU A CB  1 
ATOM   963  C CG  . GLU A 1 139 ? 11.965  2.258   6.063   1.00 26.67 ? 135  GLU A CG  1 
ATOM   964  C CD  . GLU A 1 139 ? 12.890  2.268   7.312   1.00 27.45 ? 135  GLU A CD  1 
ATOM   965  O OE1 . GLU A 1 139 ? 12.553  3.053   8.242   1.00 31.13 ? 135  GLU A OE1 1 
ATOM   966  O OE2 . GLU A 1 139 ? 13.779  1.399   7.357   1.00 29.40 ? 135  GLU A OE2 1 
ATOM   967  N N   . ASP A 1 140 ? 10.132  -0.567  4.847   1.00 18.80 ? 136  ASP A N   1 
ATOM   968  C CA  . ASP A 1 140 ? 10.721  -1.576  3.977   1.00 20.66 ? 136  ASP A CA  1 
ATOM   969  C C   . ASP A 1 140 ? 9.995   -1.645  2.627   1.00 18.74 ? 136  ASP A C   1 
ATOM   970  O O   . ASP A 1 140 ? 10.659  -1.803  1.583   1.00 21.50 ? 136  ASP A O   1 
ATOM   971  C CB  . ASP A 1 140 ? 10.669  -2.963  4.669   1.00 20.58 ? 136  ASP A CB  1 
ATOM   972  C CG  . ASP A 1 140 ? 11.715  -3.096  5.767   1.00 27.09 ? 136  ASP A CG  1 
ATOM   973  O OD1 . ASP A 1 140 ? 12.692  -2.307  5.811   1.00 27.69 ? 136  ASP A OD1 1 
ATOM   974  O OD2 . ASP A 1 140 ? 11.588  -4.053  6.552   1.00 24.06 ? 136  ASP A OD2 1 
ATOM   975  N N   . ALA A 1 141 ? 8.666   -1.564  2.649   1.00 20.13 ? 137  ALA A N   1 
ATOM   976  C CA  . ALA A 1 141 ? 7.878   -1.667  1.371   1.00 17.77 ? 137  ALA A CA  1 
ATOM   977  C C   . ALA A 1 141 ? 8.286   -0.438  0.501   1.00 20.05 ? 137  ALA A C   1 
ATOM   978  O O   . ALA A 1 141 ? 8.575   -0.569  -0.650  1.00 18.80 ? 137  ALA A O   1 
ATOM   979  C CB  . ALA A 1 141 ? 6.391   -1.700  1.624   1.00 18.65 ? 137  ALA A CB  1 
ATOM   980  N N   . SER A 1 142 ? 8.364   0.753   1.111   1.00 20.94 ? 138  SER A N   1 
ATOM   981  C CA  . SER A 1 142 ? 8.630   2.012   0.354   1.00 21.50 ? 138  SER A CA  1 
ATOM   982  C C   . SER A 1 142 ? 9.972   1.944   -0.338  1.00 22.36 ? 138  SER A C   1 
ATOM   983  O O   . SER A 1 142 ? 10.096  2.277   -1.547  1.00 23.23 ? 138  SER A O   1 
ATOM   984  C CB  . SER A 1 142 ? 8.596   3.205   1.337   1.00 18.04 ? 138  SER A CB  1 
ATOM   985  O OG  . SER A 1 142 ? 7.284   3.324   1.862   1.00 18.41 ? 138  SER A OG  1 
ATOM   986  N N   . PHE A 1 143 ? 11.001  1.435   0.377   1.00 23.34 ? 139  PHE A N   1 
ATOM   987  C CA  . PHE A 1 143 ? 12.362  1.361   -0.200  1.00 22.77 ? 139  PHE A CA  1 
ATOM   988  C C   . PHE A 1 143 ? 12.626  0.202   -1.134  1.00 24.97 ? 139  PHE A C   1 
ATOM   989  O O   . PHE A 1 143 ? 13.623  0.214   -1.850  1.00 26.28 ? 139  PHE A O   1 
ATOM   990  C CB  . PHE A 1 143 ? 13.438  1.381   0.939   1.00 24.20 ? 139  PHE A CB  1 
ATOM   991  C CG  . PHE A 1 143 ? 13.701  2.769   1.482   1.00 23.90 ? 139  PHE A CG  1 
ATOM   992  C CD1 . PHE A 1 143 ? 12.897  3.315   2.471   1.00 24.22 ? 139  PHE A CD1 1 
ATOM   993  C CD2 . PHE A 1 143 ? 14.734  3.546   0.921   1.00 27.16 ? 139  PHE A CD2 1 
ATOM   994  C CE1 . PHE A 1 143 ? 13.115  4.638   3.000   1.00 29.31 ? 139  PHE A CE1 1 
ATOM   995  C CE2 . PHE A 1 143 ? 14.957  4.853   1.376   1.00 28.05 ? 139  PHE A CE2 1 
ATOM   996  C CZ  . PHE A 1 143 ? 14.159  5.417   2.429   1.00 28.73 ? 139  PHE A CZ  1 
ATOM   997  N N   . ALA A 1 144 ? 11.723  -0.781  -1.167  1.00 23.88 ? 140  ALA A N   1 
ATOM   998  C CA  . ALA A 1 144 ? 11.839  -1.904  -2.066  1.00 23.76 ? 140  ALA A CA  1 
ATOM   999  C C   . ALA A 1 144 ? 11.067  -1.671  -3.403  1.00 24.06 ? 140  ALA A C   1 
ATOM   1000 O O   . ALA A 1 144 ? 11.304  -2.356  -4.395  1.00 26.20 ? 140  ALA A O   1 
ATOM   1001 C CB  . ALA A 1 144 ? 11.272  -3.177  -1.303  1.00 21.91 ? 140  ALA A CB  1 
ATOM   1002 N N   . LEU A 1 145 ? 10.152  -0.657  -3.439  1.00 23.13 ? 141  LEU A N   1 
ATOM   1003 C CA  . LEU A 1 145 ? 9.400   -0.331  -4.640  1.00 23.05 ? 141  LEU A CA  1 
ATOM   1004 C C   . LEU A 1 145 ? 10.356  0.379   -5.571  1.00 24.21 ? 141  LEU A C   1 
ATOM   1005 O O   . LEU A 1 145 ? 11.279  1.076   -5.094  1.00 25.42 ? 141  LEU A O   1 
ATOM   1006 C CB  . LEU A 1 145 ? 8.252   0.640   -4.329  1.00 23.19 ? 141  LEU A CB  1 
ATOM   1007 C CG  . LEU A 1 145 ? 7.111   0.030   -3.562  1.00 21.50 ? 141  LEU A CG  1 
ATOM   1008 C CD1 . LEU A 1 145 ? 6.200   1.174   -3.015  1.00 23.36 ? 141  LEU A CD1 1 
ATOM   1009 C CD2 . LEU A 1 145 ? 6.353   -0.948  -4.553  1.00 19.73 ? 141  LEU A CD2 1 
ATOM   1010 N N   . ARG A 1 146 ? 10.118  0.210   -6.875  1.00 26.56 ? 142  ARG A N   1 
ATOM   1011 C CA  . ARG A 1 146 ? 10.764  1.026   -7.912  1.00 26.71 ? 142  ARG A CA  1 
ATOM   1012 C C   . ARG A 1 146 ? 10.005  2.355   -8.043  1.00 26.87 ? 142  ARG A C   1 
ATOM   1013 O O   . ARG A 1 146 ? 8.810   2.422   -7.665  1.00 23.99 ? 142  ARG A O   1 
ATOM   1014 C CB  . ARG A 1 146 ? 10.732  0.219   -9.243  1.00 27.47 ? 142  ARG A CB  1 
ATOM   1015 C CG  . ARG A 1 146 ? 11.619  -1.150  -9.065  1.00 30.87 ? 142  ARG A CG  1 
ATOM   1016 C CD  . ARG A 1 146 ? 11.498  -2.059  -10.241 1.00 38.84 ? 142  ARG A CD  1 
ATOM   1017 N NE  . ARG A 1 146 ? 10.076  -2.192  -10.670 1.00 44.69 ? 142  ARG A NE  1 
ATOM   1018 C CZ  . ARG A 1 146 ? 9.365   -3.319  -10.544 1.00 46.93 ? 142  ARG A CZ  1 
ATOM   1019 N NH1 . ARG A 1 146 ? 9.960   -4.405  -10.055 1.00 49.07 ? 142  ARG A NH1 1 
ATOM   1020 N NH2 . ARG A 1 146 ? 8.085   -3.382  -10.943 1.00 46.69 ? 142  ARG A NH2 1 
ATOM   1021 N N   . THR A 1 147 ? 10.654  3.390   -8.594  1.00 25.04 ? 143  THR A N   1 
ATOM   1022 C CA  . THR A 1 147 ? 9.873   4.631   -8.891  1.00 27.28 ? 143  THR A CA  1 
ATOM   1023 C C   . THR A 1 147 ? 8.695   4.305   -9.768  1.00 25.01 ? 143  THR A C   1 
ATOM   1024 O O   . THR A 1 147 ? 8.817   3.581   -10.810 1.00 27.05 ? 143  THR A O   1 
ATOM   1025 C CB  . THR A 1 147 ? 10.783  5.660   -9.568  1.00 28.56 ? 143  THR A CB  1 
ATOM   1026 O OG1 . THR A 1 147 ? 11.793  5.974   -8.638  1.00 35.81 ? 143  THR A OG1 1 
ATOM   1027 C CG2 . THR A 1 147 ? 10.039  6.931   -9.906  1.00 32.68 ? 143  THR A CG2 1 
ATOM   1028 N N   . GLY A 1 148 ? 7.509   4.774   -9.379  1.00 22.75 ? 144  GLY A N   1 
ATOM   1029 C CA  . GLY A 1 148 ? 6.307   4.631   -10.206 1.00 22.00 ? 144  GLY A CA  1 
ATOM   1030 C C   . GLY A 1 148 ? 5.525   3.387   -9.789  1.00 22.81 ? 144  GLY A C   1 
ATOM   1031 O O   . GLY A 1 148 ? 4.475   3.143   -10.334 1.00 22.80 ? 144  GLY A O   1 
ATOM   1032 N N   . GLU A 1 149 ? 6.105   2.539   -8.906  1.00 22.19 ? 145  GLU A N   1 
ATOM   1033 C CA  . GLU A 1 149 ? 5.545   1.183   -8.585  1.00 20.26 ? 145  GLU A CA  1 
ATOM   1034 C C   . GLU A 1 149 ? 4.659   1.281   -7.378  1.00 19.44 ? 145  GLU A C   1 
ATOM   1035 O O   . GLU A 1 149 ? 4.955   2.063   -6.446  1.00 19.69 ? 145  GLU A O   1 
ATOM   1036 C CB  . GLU A 1 149 ? 6.684   0.182   -8.311  1.00 20.96 ? 145  GLU A CB  1 
ATOM   1037 C CG  . GLU A 1 149 ? 6.036   -1.241  -8.011  1.00 25.53 ? 145  GLU A CG  1 
ATOM   1038 C CD  . GLU A 1 149 ? 7.041   -2.338  -7.735  1.00 30.10 ? 145  GLU A CD  1 
ATOM   1039 O OE1 . GLU A 1 149 ? 8.243   -1.975  -7.598  1.00 29.79 ? 145  GLU A OE1 1 
ATOM   1040 O OE2 . GLU A 1 149 ? 6.601   -3.544  -7.707  1.00 32.25 ? 145  GLU A OE2 1 
ATOM   1041 N N   . MET A 1 150 ? 3.553   0.503   -7.392  1.00 17.98 ? 146  MET A N   1 
ATOM   1042 C CA  . MET A 1 150 ? 2.647   0.428   -6.314  1.00 18.39 ? 146  MET A CA  1 
ATOM   1043 C C   . MET A 1 150 ? 2.756   -0.937  -5.554  1.00 18.62 ? 146  MET A C   1 
ATOM   1044 O O   . MET A 1 150 ? 2.987   -1.994  -6.183  1.00 17.10 ? 146  MET A O   1 
ATOM   1045 C CB  . MET A 1 150 ? 1.250   0.626   -6.878  1.00 18.82 ? 146  MET A CB  1 
ATOM   1046 C CG  . MET A 1 150 ? 0.115   0.615   -5.870  1.00 22.92 ? 146  MET A CG  1 
ATOM   1047 S SD  . MET A 1 150 ? -1.515  0.873   -6.616  1.00 26.47 ? 146  MET A SD  1 
ATOM   1048 C CE  . MET A 1 150 ? -1.918  -0.686  -7.348  1.00 25.24 ? 146  MET A CE  1 
ATOM   1049 N N   . SER A 1 151 ? 2.649   -0.881  -4.233  1.00 18.76 ? 147  SER A N   1 
ATOM   1050 C CA  . SER A 1 151 ? 2.743   -2.093  -3.379  1.00 19.77 ? 147  SER A CA  1 
ATOM   1051 C C   . SER A 1 151 ? 1.434   -2.897  -3.486  1.00 18.79 ? 147  SER A C   1 
ATOM   1052 O O   . SER A 1 151 ? 0.359   -2.417  -3.988  1.00 20.20 ? 147  SER A O   1 
ATOM   1053 C CB  . SER A 1 151 ? 2.950   -1.659  -1.879  1.00 16.95 ? 147  SER A CB  1 
ATOM   1054 O OG  . SER A 1 151 ? 1.664   -1.131  -1.432  1.00 17.91 ? 147  SER A OG  1 
ATOM   1055 N N   . GLY A 1 152 ? 1.416   -4.130  -2.931  1.00 18.92 ? 148  GLY A N   1 
ATOM   1056 C CA  . GLY A 1 152 ? 0.111   -4.697  -2.545  1.00 19.51 ? 148  GLY A CA  1 
ATOM   1057 C C   . GLY A 1 152 ? -0.231  -4.237  -1.132  1.00 20.93 ? 148  GLY A C   1 
ATOM   1058 O O   . GLY A 1 152 ? 0.326   -3.205  -0.634  1.00 19.84 ? 148  GLY A O   1 
ATOM   1059 N N   . PRO A 1 153 ? -1.108  -4.964  -0.446  1.00 21.06 ? 149  PRO A N   1 
ATOM   1060 C CA  . PRO A 1 153 ? -1.517  -4.551  0.937   1.00 19.39 ? 149  PRO A CA  1 
ATOM   1061 C C   . PRO A 1 153 ? -0.353  -4.690  1.871   1.00 20.19 ? 149  PRO A C   1 
ATOM   1062 O O   . PRO A 1 153 ? 0.278   -5.809  1.954   1.00 20.34 ? 149  PRO A O   1 
ATOM   1063 C CB  . PRO A 1 153 ? -2.634  -5.552  1.356   1.00 22.51 ? 149  PRO A CB  1 
ATOM   1064 C CG  . PRO A 1 153 ? -3.095  -6.172  -0.027  1.00 23.20 ? 149  PRO A CG  1 
ATOM   1065 C CD  . PRO A 1 153 ? -1.854  -6.131  -0.995  1.00 22.11 ? 149  PRO A CD  1 
ATOM   1066 N N   . VAL A 1 154 ? -0.079  -3.633  2.626   1.00 18.72 ? 150  VAL A N   1 
ATOM   1067 C CA  . VAL A 1 154 ? 1.072   -3.587  3.547   1.00 20.22 ? 150  VAL A CA  1 
ATOM   1068 C C   . VAL A 1 154 ? 0.466   -3.345  4.940   1.00 20.89 ? 150  VAL A C   1 
ATOM   1069 O O   . VAL A 1 154 ? -0.331  -2.382  5.139   1.00 18.91 ? 150  VAL A O   1 
ATOM   1070 C CB  . VAL A 1 154 ? 2.124   -2.558  3.173   1.00 19.89 ? 150  VAL A CB  1 
ATOM   1071 C CG1 . VAL A 1 154 ? 3.198   -2.385  4.295   1.00 18.42 ? 150  VAL A CG1 1 
ATOM   1072 C CG2 . VAL A 1 154 ? 2.811   -2.973  1.847   1.00 22.72 ? 150  VAL A CG2 1 
ATOM   1073 N N   . PHE A 1 155 ? 0.811   -4.224  5.917   1.00 21.79 ? 151  PHE A N   1 
ATOM   1074 C CA  . PHE A 1 155 ? 0.126   -4.149  7.209   1.00 21.45 ? 151  PHE A CA  1 
ATOM   1075 C C   . PHE A 1 155 ? 1.045   -3.445  8.181   1.00 21.88 ? 151  PHE A C   1 
ATOM   1076 O O   . PHE A 1 155 ? 2.262   -3.775  8.305   1.00 23.01 ? 151  PHE A O   1 
ATOM   1077 C CB  . PHE A 1 155 ? -0.204  -5.568  7.726   1.00 20.64 ? 151  PHE A CB  1 
ATOM   1078 C CG  . PHE A 1 155 ? -1.192  -6.275  6.904   1.00 19.48 ? 151  PHE A CG  1 
ATOM   1079 C CD1 . PHE A 1 155 ? -0.859  -6.791  5.711   1.00 23.68 ? 151  PHE A CD1 1 
ATOM   1080 C CD2 . PHE A 1 155 ? -2.479  -6.486  7.378   1.00 21.14 ? 151  PHE A CD2 1 
ATOM   1081 C CE1 . PHE A 1 155 ? -1.831  -7.450  4.954   1.00 19.67 ? 151  PHE A CE1 1 
ATOM   1082 C CE2 . PHE A 1 155 ? -3.402  -7.173  6.653   1.00 19.33 ? 151  PHE A CE2 1 
ATOM   1083 C CZ  . PHE A 1 155 ? -3.071  -7.651  5.436   1.00 21.00 ? 151  PHE A CZ  1 
ATOM   1084 N N   . THR A 1 156 ? 0.484   -2.481  8.907   1.00 21.44 ? 152  THR A N   1 
ATOM   1085 C CA  . THR A 1 156 ? 1.282   -1.931  10.047  1.00 22.14 ? 152  THR A CA  1 
ATOM   1086 C C   . THR A 1 156 ? 0.290   -1.788  11.228  1.00 21.68 ? 152  THR A C   1 
ATOM   1087 O O   . THR A 1 156 ? -0.966  -2.009  11.096  1.00 21.61 ? 152  THR A O   1 
ATOM   1088 C CB  . THR A 1 156 ? 1.802   -0.486  9.666   1.00 21.46 ? 152  THR A CB  1 
ATOM   1089 O OG1 . THR A 1 156 ? 0.618   0.330   9.587   1.00 22.60 ? 152  THR A OG1 1 
ATOM   1090 C CG2 . THR A 1 156 ? 2.525   -0.443  8.302   1.00 24.94 ? 152  THR A CG2 1 
ATOM   1091 N N   . ASP A 1 157 ? 0.762   -1.310  12.369  1.00 23.13 ? 153  ASP A N   1 
ATOM   1092 C CA  . ASP A 1 157 ? -0.181  -1.004  13.490  1.00 24.29 ? 153  ASP A CA  1 
ATOM   1093 C C   . ASP A 1 157 ? -1.179  0.131   13.186  1.00 26.03 ? 153  ASP A C   1 
ATOM   1094 O O   . ASP A 1 157 ? -2.246  0.210   13.831  1.00 26.71 ? 153  ASP A O   1 
ATOM   1095 C CB  . ASP A 1 157 ? 0.626   -0.687  14.740  1.00 24.88 ? 153  ASP A CB  1 
ATOM   1096 C CG  . ASP A 1 157 ? 1.317   -1.943  15.296  1.00 31.76 ? 153  ASP A CG  1 
ATOM   1097 O OD1 . ASP A 1 157 ? 0.618   -2.977  15.360  1.00 38.94 ? 153  ASP A OD1 1 
ATOM   1098 O OD2 . ASP A 1 157 ? 2.526   -1.889  15.556  1.00 36.57 ? 153  ASP A OD2 1 
ATOM   1099 N N   . SER A 1 158 ? -0.889  0.974   12.146  1.00 22.47 ? 154  SER A N   1 
ATOM   1100 C CA  . SER A 1 158 ? -1.934  1.941   11.705  1.00 21.10 ? 154  SER A CA  1 
ATOM   1101 C C   . SER A 1 158 ? -3.118  1.291   11.040  1.00 20.17 ? 154  SER A C   1 
ATOM   1102 O O   . SER A 1 158 ? -4.241  1.835   11.060  1.00 20.50 ? 154  SER A O   1 
ATOM   1103 C CB  . SER A 1 158 ? -1.331  2.913   10.719  1.00 21.77 ? 154  SER A CB  1 
ATOM   1104 O OG  . SER A 1 158 ? -0.240  3.528   11.330  1.00 24.88 ? 154  SER A OG  1 
ATOM   1105 N N   . GLY A 1 159 ? -2.884  0.166   10.356  1.00 19.54 ? 155  GLY A N   1 
ATOM   1106 C CA  . GLY A 1 159 ? -3.938  -0.402  9.522   1.00 20.15 ? 155  GLY A CA  1 
ATOM   1107 C C   . GLY A 1 159 ? -3.290  -1.033  8.297   1.00 19.09 ? 155  GLY A C   1 
ATOM   1108 O O   . GLY A 1 159 ? -2.153  -1.561  8.358   1.00 20.61 ? 155  GLY A O   1 
ATOM   1109 N N   . ILE A 1 160 ? -4.017  -1.013  7.186   1.00 18.54 ? 156  ILE A N   1 
ATOM   1110 C CA  . ILE A 1 160 ? -3.499  -1.663  5.918   1.00 17.53 ? 156  ILE A CA  1 
ATOM   1111 C C   . ILE A 1 160 ? -3.307  -0.559  4.892   1.00 17.14 ? 156  ILE A C   1 
ATOM   1112 O O   . ILE A 1 160 ? -4.191  0.299   4.729   1.00 17.69 ? 156  ILE A O   1 
ATOM   1113 C CB  . ILE A 1 160 ? -4.479  -2.743  5.333   1.00 14.85 ? 156  ILE A CB  1 
ATOM   1114 C CG1 . ILE A 1 160 ? -5.026  -3.671  6.513   1.00 18.72 ? 156  ILE A CG1 1 
ATOM   1115 C CG2 . ILE A 1 160 ? -3.829  -3.498  4.150   1.00 20.36 ? 156  ILE A CG2 1 
ATOM   1116 C CD1 . ILE A 1 160 ? -5.985  -4.693  5.993   1.00 19.58 ? 156  ILE A CD1 1 
ATOM   1117 N N   . HIS A 1 161 ? -2.179  -0.612  4.191   1.00 17.24 ? 157  HIS A N   1 
ATOM   1118 C CA  . HIS A 1 161 ? -1.807  0.497   3.276   1.00 17.92 ? 157  HIS A CA  1 
ATOM   1119 C C   . HIS A 1 161 ? -1.653  -0.021  1.803   1.00 19.20 ? 157  HIS A C   1 
ATOM   1120 O O   . HIS A 1 161 ? -1.282  -1.206  1.584   1.00 18.53 ? 157  HIS A O   1 
ATOM   1121 C CB  . HIS A 1 161 ? -0.432  1.051   3.623   1.00 17.28 ? 157  HIS A CB  1 
ATOM   1122 C CG  . HIS A 1 161 ? -0.257  1.485   5.051   1.00 20.22 ? 157  HIS A CG  1 
ATOM   1123 N ND1 . HIS A 1 161 ? -0.136  2.817   5.409   1.00 21.93 ? 157  HIS A ND1 1 
ATOM   1124 C CD2 . HIS A 1 161 ? -0.109  0.772   6.210   1.00 19.97 ? 157  HIS A CD2 1 
ATOM   1125 C CE1 . HIS A 1 161 ? 0.059   2.924   6.724   1.00 23.08 ? 157  HIS A CE1 1 
ATOM   1126 N NE2 . HIS A 1 161 ? 0.095   1.697   7.236   1.00 23.63 ? 157  HIS A NE2 1 
ATOM   1127 N N   . ILE A 1 162 ? -1.921  0.864   0.836   1.00 18.69 ? 158  ILE A N   1 
ATOM   1128 C CA  . ILE A 1 162 ? -1.386  0.682   -0.490  1.00 18.80 ? 158  ILE A CA  1 
ATOM   1129 C C   . ILE A 1 162 ? -0.355  1.793   -0.582  1.00 17.95 ? 158  ILE A C   1 
ATOM   1130 O O   . ILE A 1 162 ? -0.738  2.956   -0.236  1.00 17.37 ? 158  ILE A O   1 
ATOM   1131 C CB  . ILE A 1 162 ? -2.476  0.903   -1.594  1.00 21.12 ? 158  ILE A CB  1 
ATOM   1132 C CG1 . ILE A 1 162 ? -3.655  -0.032  -1.459  1.00 26.42 ? 158  ILE A CG1 1 
ATOM   1133 C CG2 . ILE A 1 162 ? -1.819  0.646   -2.939  1.00 22.59 ? 158  ILE A CG2 1 
ATOM   1134 C CD1 . ILE A 1 162 ? -4.954  0.517   -2.147  1.00 24.73 ? 158  ILE A CD1 1 
ATOM   1135 N N   . ILE A 1 163 ? 0.849   1.517   -1.116  1.00 16.72 ? 159  ILE A N   1 
ATOM   1136 C CA  . ILE A 1 163 ? 1.893   2.540   -1.154  1.00 19.09 ? 159  ILE A CA  1 
ATOM   1137 C C   . ILE A 1 163 ? 2.290   2.759   -2.609  1.00 19.21 ? 159  ILE A C   1 
ATOM   1138 O O   . ILE A 1 163 ? 2.534   1.788   -3.350  1.00 17.86 ? 159  ILE A O   1 
ATOM   1139 C CB  . ILE A 1 163 ? 3.165   2.096   -0.343  1.00 18.11 ? 159  ILE A CB  1 
ATOM   1140 C CG1 . ILE A 1 163 ? 2.696   1.689   1.089   1.00 21.00 ? 159  ILE A CG1 1 
ATOM   1141 C CG2 . ILE A 1 163 ? 4.292   3.262   -0.315  1.00 14.04 ? 159  ILE A CG2 1 
ATOM   1142 C CD1 . ILE A 1 163 ? 3.852   0.988   1.944   1.00 16.46 ? 159  ILE A CD1 1 
ATOM   1143 N N   . LEU A 1 164 ? 2.405   4.053   -3.003  1.00 18.73 ? 160  LEU A N   1 
ATOM   1144 C CA  . LEU A 1 164 ? 2.861   4.349   -4.367  1.00 18.79 ? 160  LEU A CA  1 
ATOM   1145 C C   . LEU A 1 164 ? 4.182   5.101   -4.226  1.00 19.47 ? 160  LEU A C   1 
ATOM   1146 O O   . LEU A 1 164 ? 4.231   6.103   -3.562  1.00 17.81 ? 160  LEU A O   1 
ATOM   1147 C CB  . LEU A 1 164 ? 1.766   5.210   -5.067  1.00 17.44 ? 160  LEU A CB  1 
ATOM   1148 C CG  . LEU A 1 164 ? 2.204   5.748   -6.456  1.00 22.08 ? 160  LEU A CG  1 
ATOM   1149 C CD1 . LEU A 1 164 ? 2.399   4.567   -7.479  1.00 20.41 ? 160  LEU A CD1 1 
ATOM   1150 C CD2 . LEU A 1 164 ? 1.208   6.756   -6.945  1.00 22.73 ? 160  LEU A CD2 1 
ATOM   1151 N N   . ARG A 1 165 ? 5.269   4.593   -4.808  1.00 18.93 ? 161  ARG A N   1 
ATOM   1152 C CA  . ARG A 1 165 ? 6.545   5.301   -4.684  1.00 21.86 ? 161  ARG A CA  1 
ATOM   1153 C C   . ARG A 1 165 ? 6.578   6.274   -5.854  1.00 21.68 ? 161  ARG A C   1 
ATOM   1154 O O   . ARG A 1 165 ? 6.465   5.887   -7.008  1.00 24.01 ? 161  ARG A O   1 
ATOM   1155 C CB  . ARG A 1 165 ? 7.753   4.356   -4.684  1.00 20.54 ? 161  ARG A CB  1 
ATOM   1156 C CG  . ARG A 1 165 ? 9.045   5.179   -4.858  1.00 24.53 ? 161  ARG A CG  1 
ATOM   1157 C CD  . ARG A 1 165 ? 10.233  4.310   -4.727  1.00 25.72 ? 161  ARG A CD  1 
ATOM   1158 N NE  . ARG A 1 165 ? 11.370  5.185   -4.962  1.00 26.71 ? 161  ARG A NE  1 
ATOM   1159 C CZ  . ARG A 1 165 ? 12.575  4.759   -5.358  1.00 35.28 ? 161  ARG A CZ  1 
ATOM   1160 N NH1 . ARG A 1 165 ? 12.860  3.440   -5.537  1.00 34.90 ? 161  ARG A NH1 1 
ATOM   1161 N NH2 . ARG A 1 165 ? 13.508  5.674   -5.585  1.00 32.86 ? 161  ARG A NH2 1 
ATOM   1162 N N   . THR A 1 166 ? 6.682   7.564   -5.525  1.00 23.07 ? 162  THR A N   1 
ATOM   1163 C CA  . THR A 1 166 ? 6.685   8.543   -6.623  1.00 25.17 ? 162  THR A CA  1 
ATOM   1164 C C   . THR A 1 166 ? 8.084   9.106   -6.973  1.00 25.94 ? 162  THR A C   1 
ATOM   1165 O O   . THR A 1 166 ? 8.232   9.639   -8.096  1.00 27.06 ? 162  THR A O   1 
ATOM   1166 C CB  . THR A 1 166 ? 5.748   9.671   -6.325  1.00 23.87 ? 162  THR A CB  1 
ATOM   1167 O OG1 . THR A 1 166 ? 6.213   10.293  -5.117  1.00 23.02 ? 162  THR A OG1 1 
ATOM   1168 C CG2 . THR A 1 166 ? 4.279   9.177   -6.167  1.00 24.26 ? 162  THR A CG2 1 
ATOM   1169 N N   . GLU A 1 167 ? 9.071   9.008   -6.080  1.00 28.12 ? 163  GLU A N   1 
ATOM   1170 C CA  . GLU A 1 167 ? 10.453  9.389   -6.355  1.00 29.34 ? 163  GLU A CA  1 
ATOM   1171 C C   . GLU A 1 167 ? 11.410  8.549   -5.620  1.00 30.06 ? 163  GLU A C   1 
ATOM   1172 O O   . GLU A 1 167 ? 11.082  7.931   -4.616  1.00 28.70 ? 163  GLU A O   1 
ATOM   1173 C CB  . GLU A 1 167 ? 10.796  10.838  -5.905  1.00 30.63 ? 163  GLU A CB  1 
ATOM   1174 C CG  . GLU A 1 167 ? 9.891   11.915  -6.519  1.00 31.61 ? 163  GLU A CG  1 
ATOM   1175 C CD  . GLU A 1 167 ? 10.112  13.327  -5.920  1.00 37.99 ? 163  GLU A CD  1 
ATOM   1176 O OE1 . GLU A 1 167 ? 11.126  13.559  -5.152  1.00 40.76 ? 163  GLU A OE1 1 
ATOM   1177 O OE2 . GLU A 1 167 ? 9.235   14.187  -6.225  1.00 36.86 ? 163  GLU A OE2 1 
ATOM   1178 O OXT . GLU A 1 167 ? 12.604  8.538   -5.996  1.00 28.28 ? 163  GLU A OXT 1 
HETATM 1179 C C35 . 12P B 2 .   ? 0.792   -5.517  -7.266  1.00 18.83 ? 1164 12P A C35 1 
HETATM 1180 O O34 . 12P B 2 .   ? -0.163  -4.886  -6.256  1.00 38.08 ? 1164 12P A O34 1 
HETATM 1181 C C33 . 12P B 2 .   ? -1.008  -5.991  -5.742  1.00 42.52 ? 1164 12P A C33 1 
HETATM 1182 C C32 . 12P B 2 .   ? -1.892  -6.438  -6.905  1.00 41.98 ? 1164 12P A C32 1 
HETATM 1183 O O31 . 12P B 2 .   ? -2.738  -7.592  -6.832  1.00 44.74 ? 1164 12P A O31 1 
HETATM 1184 C C30 . 12P B 2 .   ? -3.722  -7.505  -7.887  1.00 40.03 ? 1164 12P A C30 1 
HETATM 1185 C C29 . 12P B 2 .   ? -2.919  -7.582  -9.142  1.00 37.98 ? 1164 12P A C29 1 
HETATM 1186 O O28 . 12P B 2 .   ? -3.708  -7.960  -10.277 1.00 47.02 ? 1164 12P A O28 1 
HETATM 1187 C C27 . 12P B 2 .   ? -2.993  -8.633  -11.351 1.00 39.62 ? 1164 12P A C27 1 
HETATM 1188 C C26 . 12P B 2 .   ? -1.514  -8.790  -11.055 1.00 43.29 ? 1164 12P A C26 1 
HETATM 1189 O O25 . 12P B 2 .   ? -0.902  -9.700  -12.004 1.00 49.38 ? 1164 12P A O25 1 
HETATM 1190 C C24 . 12P B 2 .   ? -0.076  -10.725 -11.482 1.00 43.69 ? 1164 12P A C24 1 
HETATM 1191 C C23 . 12P B 2 .   ? -1.088  -11.803 -11.368 1.00 42.99 ? 1164 12P A C23 1 
HETATM 1192 O O22 . 12P B 2 .   ? -0.385  -12.903 -10.875 1.00 47.70 ? 1164 12P A O22 1 
HETATM 1193 C C21 . 12P B 2 .   ? -1.292  -13.771 -10.191 1.00 47.84 ? 1164 12P A C21 1 
HETATM 1194 C C20 . 12P B 2 .   ? -1.287  -13.269 -8.771  1.00 48.66 ? 1164 12P A C20 1 
HETATM 1195 O O19 . 12P B 2 .   ? -1.835  -14.173 -7.807  1.00 56.92 ? 1164 12P A O19 1 
HETATM 1196 C C18 . 12P B 2 .   ? -1.949  -13.483 -6.529  1.00 55.77 ? 1164 12P A C18 1 
HETATM 1197 O O14 . G14 C 3 .   ? -3.349  7.191   12.838  1.00 28.37 ? 1165 G14 A O14 1 
HETATM 1198 C C12 . G14 C 3 .   ? -2.507  6.430   12.422  1.00 30.56 ? 1165 G14 A C12 1 
HETATM 1199 O O13 . G14 C 3 .   ? -2.250  5.390   13.064  1.00 32.30 ? 1165 G14 A O13 1 
HETATM 1200 C C10 . G14 C 3 .   ? -1.797  6.800   11.073  1.00 23.21 ? 1165 G14 A C10 1 
HETATM 1201 C C9  . G14 C 3 .   ? -2.192  7.819   10.262  1.00 26.79 ? 1165 G14 A C9  1 
HETATM 1202 N N8  . G14 C 3 .   ? -1.291  7.825   9.285   1.00 24.14 ? 1165 G14 A N8  1 
HETATM 1203 C C7  . G14 C 3 .   ? -0.345  6.895   9.521   1.00 29.04 ? 1165 G14 A C7  1 
HETATM 1204 N N11 . G14 C 3 .   ? -0.635  6.257   10.688  1.00 26.58 ? 1165 G14 A N11 1 
HETATM 1205 C C6  . G14 C 3 .   ? 0.735   6.653   8.686   1.00 29.21 ? 1165 G14 A C6  1 
HETATM 1206 C C1  . G14 C 3 .   ? 1.222   7.703   7.900   1.00 26.87 ? 1165 G14 A C1  1 
HETATM 1207 C C2  . G14 C 3 .   ? 2.301   7.482   7.013   1.00 25.34 ? 1165 G14 A C2  1 
HETATM 1208 C C3  . G14 C 3 .   ? 2.929   6.217   6.994   1.00 27.66 ? 1165 G14 A C3  1 
HETATM 1209 C C4  . G14 C 3 .   ? 2.465   5.170   7.820   1.00 29.08 ? 1165 G14 A C4  1 
HETATM 1210 C C5  . G14 C 3 .   ? 1.351   5.383   8.665   1.00 30.35 ? 1165 G14 A C5  1 
HETATM 1211 O O   . HOH D 4 .   ? -3.947  -11.942 -11.400 1.00 48.55 ? 2001 HOH A O   1 
HETATM 1212 O O   . HOH D 4 .   ? 12.333  -4.559  -8.135  1.00 38.20 ? 2002 HOH A O   1 
HETATM 1213 O O   . HOH D 4 .   ? 9.717   -16.709 -0.296  1.00 44.17 ? 2003 HOH A O   1 
HETATM 1214 O O   . HOH D 4 .   ? 7.126   -21.147 -10.923 1.00 56.18 ? 2004 HOH A O   1 
HETATM 1215 O O   . HOH D 4 .   ? -1.614  -9.846  -18.307 1.00 32.39 ? 2005 HOH A O   1 
HETATM 1216 O O   . HOH D 4 .   ? -3.761  -16.388 -10.640 1.00 55.95 ? 2006 HOH A O   1 
HETATM 1217 O O   . HOH D 4 .   ? -2.487  -17.597 -7.525  1.00 42.59 ? 2007 HOH A O   1 
HETATM 1218 O O   . HOH D 4 .   ? -3.412  -21.416 -18.771 1.00 47.00 ? 2008 HOH A O   1 
HETATM 1219 O O   . HOH D 4 .   ? -7.250  -10.630 7.334   1.00 45.92 ? 2009 HOH A O   1 
HETATM 1220 O O   . HOH D 4 .   ? -1.659  -11.804 -18.271 1.00 46.60 ? 2010 HOH A O   1 
HETATM 1221 O O   . HOH D 4 .   ? 2.333   -13.524 -18.431 1.00 36.91 ? 2011 HOH A O   1 
HETATM 1222 O O   . HOH D 4 .   ? -2.987  -15.557 -16.415 1.00 36.85 ? 2012 HOH A O   1 
HETATM 1223 O O   . HOH D 4 .   ? 4.450   -18.947 -17.609 1.00 44.29 ? 2013 HOH A O   1 
HETATM 1224 O O   . HOH D 4 .   ? 5.371   -14.569 -16.346 1.00 48.26 ? 2014 HOH A O   1 
HETATM 1225 O O   . HOH D 4 .   ? 1.094   -14.226 -3.571  1.00 56.46 ? 2015 HOH A O   1 
HETATM 1226 O O   . HOH D 4 .   ? 4.850   -10.348 2.606   1.00 20.86 ? 2016 HOH A O   1 
HETATM 1227 O O   . HOH D 4 .   ? 7.460   -4.532  -5.242  1.00 25.73 ? 2017 HOH A O   1 
HETATM 1228 O O   . HOH D 4 .   ? -0.076  -9.067  -4.384  1.00 38.66 ? 2018 HOH A O   1 
HETATM 1229 O O   . HOH D 4 .   ? -1.883  -10.578 -8.561  1.00 35.28 ? 2019 HOH A O   1 
HETATM 1230 O O   . HOH D 4 .   ? -16.859 11.443  5.289   1.00 54.31 ? 2020 HOH A O   1 
HETATM 1231 O O   . HOH D 4 .   ? -2.943  -9.395  -14.333 1.00 42.82 ? 2021 HOH A O   1 
HETATM 1232 O O   . HOH D 4 .   ? 1.290   -7.636  -14.125 1.00 36.67 ? 2022 HOH A O   1 
HETATM 1233 O O   . HOH D 4 .   ? -16.643 -2.854  4.538   1.00 51.12 ? 2023 HOH A O   1 
HETATM 1234 O O   . HOH D 4 .   ? -17.897 -0.120  2.029   1.00 46.26 ? 2024 HOH A O   1 
HETATM 1235 O O   . HOH D 4 .   ? -3.494  -11.062 7.437   1.00 40.76 ? 2025 HOH A O   1 
HETATM 1236 O O   . HOH D 4 .   ? 3.293   -6.682  -17.791 1.00 34.59 ? 2026 HOH A O   1 
HETATM 1237 O O   . HOH D 4 .   ? 4.245   -7.376  -15.611 1.00 34.53 ? 2027 HOH A O   1 
HETATM 1238 O O   . HOH D 4 .   ? -8.380  -11.414 9.334   1.00 46.83 ? 2028 HOH A O   1 
HETATM 1239 O O   . HOH D 4 .   ? -15.737 -4.373  0.450   1.00 45.30 ? 2029 HOH A O   1 
HETATM 1240 O O   . HOH D 4 .   ? -15.300 0.135   -2.059  1.00 50.45 ? 2030 HOH A O   1 
HETATM 1241 O O   . HOH D 4 .   ? -14.148 2.564   -5.351  1.00 45.06 ? 2031 HOH A O   1 
HETATM 1242 O O   . HOH D 4 .   ? -0.585  -0.354  -13.128 1.00 32.52 ? 2032 HOH A O   1 
HETATM 1243 O O   . HOH D 4 .   ? 0.189   -0.476  -10.597 1.00 36.81 ? 2033 HOH A O   1 
HETATM 1244 O O   . HOH D 4 .   ? 18.430  4.451   2.378   1.00 47.48 ? 2034 HOH A O   1 
HETATM 1245 O O   . HOH D 4 .   ? 17.816  6.061   4.109   1.00 33.83 ? 2035 HOH A O   1 
HETATM 1246 O O   . HOH D 4 .   ? -12.165 -3.521  -10.643 1.00 35.44 ? 2036 HOH A O   1 
HETATM 1247 O O   . HOH D 4 .   ? 14.037  15.385  0.026   1.00 53.80 ? 2037 HOH A O   1 
HETATM 1248 O O   . HOH D 4 .   ? 2.483   12.386  -7.989  1.00 40.33 ? 2038 HOH A O   1 
HETATM 1249 O O   . HOH D 4 .   ? -0.015  11.575  -4.061  1.00 25.91 ? 2039 HOH A O   1 
HETATM 1250 O O   . HOH D 4 .   ? -3.118  -3.907  10.220  1.00 30.72 ? 2040 HOH A O   1 
HETATM 1251 O O   . HOH D 4 .   ? 13.792  -4.934  3.205   1.00 38.46 ? 2041 HOH A O   1 
HETATM 1252 O O   . HOH D 4 .   ? 6.576   -2.765  13.041  1.00 45.63 ? 2042 HOH A O   1 
HETATM 1253 O O   . HOH D 4 .   ? -3.235  -4.410  13.655  1.00 42.97 ? 2043 HOH A O   1 
HETATM 1254 O O   . HOH D 4 .   ? -7.646  -0.712  18.542  1.00 40.81 ? 2044 HOH A O   1 
HETATM 1255 O O   . HOH D 4 .   ? -15.821 12.842  7.057   1.00 42.98 ? 2045 HOH A O   1 
HETATM 1256 O O   . HOH D 4 .   ? -7.696  11.352  9.867   1.00 37.69 ? 2046 HOH A O   1 
HETATM 1257 O O   . HOH D 4 .   ? -14.952 9.659   3.157   1.00 44.63 ? 2047 HOH A O   1 
HETATM 1258 O O   . HOH D 4 .   ? -16.868 8.752   5.798   1.00 52.86 ? 2048 HOH A O   1 
HETATM 1259 O O   . HOH D 4 .   ? -15.651 5.871   6.323   1.00 39.99 ? 2049 HOH A O   1 
HETATM 1260 O O   . HOH D 4 .   ? -15.365 1.205   10.048  1.00 27.55 ? 2050 HOH A O   1 
HETATM 1261 O O   . HOH D 4 .   ? -18.052 9.725   12.232  1.00 38.83 ? 2051 HOH A O   1 
HETATM 1262 O O   . HOH D 4 .   ? -18.955 11.227  14.896  1.00 48.52 ? 2052 HOH A O   1 
HETATM 1263 O O   . HOH D 4 .   ? -15.865 14.193  19.269  1.00 45.11 ? 2053 HOH A O   1 
HETATM 1264 O O   . HOH D 4 .   ? -18.246 6.922   13.987  1.00 39.44 ? 2054 HOH A O   1 
HETATM 1265 O O   . HOH D 4 .   ? -18.703 4.503   13.141  1.00 48.19 ? 2055 HOH A O   1 
HETATM 1266 O O   . HOH D 4 .   ? -16.015 -0.288  6.061   1.00 38.56 ? 2056 HOH A O   1 
HETATM 1267 O O   . HOH D 4 .   ? -15.262 2.565   3.439   1.00 33.34 ? 2057 HOH A O   1 
HETATM 1268 O O   . HOH D 4 .   ? -14.804 -9.787  9.121   1.00 39.61 ? 2058 HOH A O   1 
HETATM 1269 O O   . HOH D 4 .   ? -10.226 -6.713  13.271  1.00 38.87 ? 2059 HOH A O   1 
HETATM 1270 O O   . HOH D 4 .   ? -3.581  -6.725  14.751  1.00 56.53 ? 2060 HOH A O   1 
HETATM 1271 O O   . HOH D 4 .   ? -2.354  -8.983  10.561  1.00 39.18 ? 2061 HOH A O   1 
HETATM 1272 O O   . HOH D 4 .   ? -10.502 -9.948  3.171   1.00 38.15 ? 2062 HOH A O   1 
HETATM 1273 O O   . HOH D 4 .   ? -10.696 -9.584  10.676  1.00 27.11 ? 2063 HOH A O   1 
HETATM 1274 O O   . HOH D 4 .   ? -15.110 -4.732  3.271   1.00 25.59 ? 2064 HOH A O   1 
HETATM 1275 O O   . HOH D 4 .   ? -14.507 -3.678  -1.940  1.00 33.99 ? 2065 HOH A O   1 
HETATM 1276 O O   . HOH D 4 .   ? -13.024 -1.478  -2.414  1.00 28.07 ? 2066 HOH A O   1 
HETATM 1277 O O   . HOH D 4 .   ? -6.342  -6.700  -5.522  1.00 35.38 ? 2067 HOH A O   1 
HETATM 1278 O O   . HOH D 4 .   ? -4.334  -7.232  -3.726  1.00 35.04 ? 2068 HOH A O   1 
HETATM 1279 O O   . HOH D 4 .   ? -13.129 -3.091  -7.025  1.00 46.09 ? 2069 HOH A O   1 
HETATM 1280 O O   . HOH D 4 .   ? -13.328 -0.310  -4.775  1.00 39.02 ? 2070 HOH A O   1 
HETATM 1281 O O   . HOH D 4 .   ? -15.149 2.643   -0.581  1.00 36.56 ? 2071 HOH A O   1 
HETATM 1282 O O   . HOH D 4 .   ? -12.531 2.553   2.882   1.00 30.63 ? 2072 HOH A O   1 
HETATM 1283 O O   . HOH D 4 .   ? -4.562  3.841   -12.452 1.00 27.97 ? 2073 HOH A O   1 
HETATM 1284 O O   . HOH D 4 .   ? 0.891   -3.139  -10.245 1.00 42.44 ? 2074 HOH A O   1 
HETATM 1285 O O   . HOH D 4 .   ? -2.117  -2.423  -14.294 1.00 27.69 ? 2075 HOH A O   1 
HETATM 1286 O O   . HOH D 4 .   ? -0.030  -6.209  -11.970 1.00 40.40 ? 2076 HOH A O   1 
HETATM 1287 O O   . HOH D 4 .   ? -12.011 -1.857  -12.345 1.00 33.13 ? 2077 HOH A O   1 
HETATM 1288 O O   . HOH D 4 .   ? -10.366 7.719   -10.009 1.00 51.68 ? 2078 HOH A O   1 
HETATM 1289 O O   . HOH D 4 .   ? -15.336 2.890   -9.626  1.00 50.90 ? 2079 HOH A O   1 
HETATM 1290 O O   . HOH D 4 .   ? -2.955  5.262   -10.522 1.00 28.46 ? 2080 HOH A O   1 
HETATM 1291 O O   . HOH D 4 .   ? -0.290  11.997  -6.651  1.00 37.37 ? 2081 HOH A O   1 
HETATM 1292 O O   . HOH D 4 .   ? -6.534  15.467  -2.412  1.00 25.66 ? 2082 HOH A O   1 
HETATM 1293 O O   . HOH D 4 .   ? -9.556  14.077  1.263   1.00 25.37 ? 2083 HOH A O   1 
HETATM 1294 O O   . HOH D 4 .   ? -7.947  14.139  -5.781  1.00 52.57 ? 2084 HOH A O   1 
HETATM 1295 O O   . HOH D 4 .   ? -16.020 9.686   -2.564  1.00 42.29 ? 2085 HOH A O   1 
HETATM 1296 O O   . HOH D 4 .   ? -10.818 3.885   4.567   1.00 27.38 ? 2086 HOH A O   1 
HETATM 1297 O O   . HOH D 4 .   ? -3.531  8.965   2.466   1.00 18.86 ? 2087 HOH A O   1 
HETATM 1298 O O   . HOH D 4 .   ? -5.946  8.986   10.826  1.00 33.89 ? 2088 HOH A O   1 
HETATM 1299 O O   . HOH D 4 .   ? -13.175 5.037   7.411   1.00 28.94 ? 2089 HOH A O   1 
HETATM 1300 O O   . HOH D 4 .   ? -3.761  10.818  10.272  1.00 38.36 ? 2090 HOH A O   1 
HETATM 1301 O O   . HOH D 4 .   ? -7.601  15.413  7.667   1.00 54.42 ? 2091 HOH A O   1 
HETATM 1302 O O   . HOH D 4 .   ? -0.281  14.899  6.293   1.00 44.87 ? 2092 HOH A O   1 
HETATM 1303 O O   . HOH D 4 .   ? -4.360  18.777  -2.199  1.00 20.28 ? 2093 HOH A O   1 
HETATM 1304 O O   . HOH D 4 .   ? -5.879  17.527  -4.238  1.00 24.96 ? 2094 HOH A O   1 
HETATM 1305 O O   . HOH D 4 .   ? 1.839   17.198  -3.989  1.00 47.31 ? 2095 HOH A O   1 
HETATM 1306 O O   . HOH D 4 .   ? 0.150   15.202  -6.282  1.00 51.93 ? 2096 HOH A O   1 
HETATM 1307 O O   . HOH D 4 .   ? 2.243   17.541  -0.646  1.00 34.98 ? 2097 HOH A O   1 
HETATM 1308 O O   . HOH D 4 .   ? 8.291   13.845  4.387   1.00 34.85 ? 2098 HOH A O   1 
HETATM 1309 O O   . HOH D 4 .   ? 13.884  13.054  6.264   1.00 58.50 ? 2099 HOH A O   1 
HETATM 1310 O O   . HOH D 4 .   ? 11.891  2.801   10.850  1.00 36.24 ? 2100 HOH A O   1 
HETATM 1311 O O   . HOH D 4 .   ? 4.983   5.476   10.137  1.00 41.83 ? 2101 HOH A O   1 
HETATM 1312 O O   . HOH D 4 .   ? 8.186   -0.039  13.264  1.00 40.98 ? 2102 HOH A O   1 
HETATM 1313 O O   . HOH D 4 .   ? 15.323  -4.083  6.291   1.00 52.83 ? 2103 HOH A O   1 
HETATM 1314 O O   . HOH D 4 .   ? 7.235   -4.578  4.386   1.00 22.93 ? 2104 HOH A O   1 
HETATM 1315 O O   . HOH D 4 .   ? 11.537  5.230   7.485   1.00 30.68 ? 2105 HOH A O   1 
HETATM 1316 O O   . HOH D 4 .   ? 13.356  -2.607  1.948   1.00 31.27 ? 2106 HOH A O   1 
HETATM 1317 O O   . HOH D 4 .   ? 13.303  -4.128  -4.882  1.00 38.71 ? 2107 HOH A O   1 
HETATM 1318 O O   . HOH D 4 .   ? 13.423  3.055   -9.274  1.00 37.84 ? 2108 HOH A O   1 
HETATM 1319 O O   . HOH D 4 .   ? 10.013  -3.533  -6.471  1.00 22.93 ? 2109 HOH A O   1 
HETATM 1320 O O   . HOH D 4 .   ? 5.026   -4.674  -9.262  1.00 30.94 ? 2110 HOH A O   1 
HETATM 1321 O O   . HOH D 4 .   ? 2.287   0.521   -10.467 1.00 36.80 ? 2111 HOH A O   1 
HETATM 1322 O O   . HOH D 4 .   ? 2.540   -3.544  -8.407  1.00 26.45 ? 2112 HOH A O   1 
HETATM 1323 O O   . HOH D 4 .   ? 3.818   -1.180  12.304  1.00 35.49 ? 2113 HOH A O   1 
HETATM 1324 O O   . HOH D 4 .   ? 4.272   11.140  -3.449  1.00 24.13 ? 2114 HOH A O   1 
HETATM 1325 O O   . HOH D 4 .   ? 4.050   13.031  -5.404  1.00 35.02 ? 2115 HOH A O   1 
HETATM 1326 O O   . HOH D 4 .   ? 14.347  9.467   -4.322  1.00 45.71 ? 2116 HOH A O   1 
HETATM 1327 O O   . HOH D 4 .   ? -4.325  -11.032 -8.815  1.00 56.16 ? 2117 HOH A O   1 
HETATM 1328 O O   . HOH D 4 .   ? -3.742  -10.954 -5.980  1.00 50.12 ? 2118 HOH A O   1 
HETATM 1329 O O   . HOH D 4 .   ? -4.209  3.787   13.433  1.00 24.31 ? 2119 HOH A O   1 
# 
loop_
_pdbx_poly_seq_scheme.asym_id 
_pdbx_poly_seq_scheme.entity_id 
_pdbx_poly_seq_scheme.seq_id 
_pdbx_poly_seq_scheme.mon_id 
_pdbx_poly_seq_scheme.ndb_seq_num 
_pdbx_poly_seq_scheme.pdb_seq_num 
_pdbx_poly_seq_scheme.auth_seq_num 
_pdbx_poly_seq_scheme.pdb_mon_id 
_pdbx_poly_seq_scheme.auth_mon_id 
_pdbx_poly_seq_scheme.pdb_strand_id 
_pdbx_poly_seq_scheme.pdb_ins_code 
_pdbx_poly_seq_scheme.hetero 
A 1 1   GLY 1   -3  ?   ?   ?   A . n 
A 1 2   SER 2   -2  ?   ?   ?   A . n 
A 1 3   HIS 3   -1  ?   ?   ?   A . n 
A 1 4   GLY 4   0   ?   ?   ?   A . n 
A 1 5   MET 5   1   ?   ?   ?   A . n 
A 1 6   ALA 6   2   ?   ?   ?   A . n 
A 1 7   ASP 7   3   ?   ?   ?   A . n 
A 1 8   GLU 8   4   ?   ?   ?   A . n 
A 1 9   GLU 9   5   ?   ?   ?   A . n 
A 1 10  LYS 10  6   ?   ?   ?   A . n 
A 1 11  LEU 11  7   7   LEU LEU A . n 
A 1 12  PRO 12  8   8   PRO PRO A . n 
A 1 13  PRO 13  9   9   PRO PRO A . n 
A 1 14  GLY 14  10  10  GLY GLY A . n 
A 1 15  TRP 15  11  11  TRP TRP A . n 
A 1 16  GLU 16  12  12  GLU GLU A . n 
A 1 17  LYS 17  13  13  LYS LYS A . n 
A 1 18  ALA 18  14  14  ALA ALA A . n 
A 1 19  MET 19  15  15  MET MET A . n 
A 1 20  SER 20  16  16  SER SER A . n 
A 1 21  ARG 21  17  17  ARG ARG A . n 
A 1 22  SER 22  18  18  SER SER A . n 
A 1 23  SER 23  19  19  SER SER A . n 
A 1 24  GLY 24  20  20  GLY GLY A . n 
A 1 25  ARG 25  21  21  ARG ARG A . n 
A 1 26  VAL 26  22  22  VAL VAL A . n 
A 1 27  TYR 27  23  23  TYR TYR A . n 
A 1 28  TYR 28  24  24  TYR TYR A . n 
A 1 29  PHE 29  25  25  PHE PHE A . n 
A 1 30  ASN 30  26  26  ASN ASN A . n 
A 1 31  HIS 31  27  27  HIS HIS A . n 
A 1 32  ILE 32  28  28  ILE ILE A . n 
A 1 33  THR 33  29  29  THR THR A . n 
A 1 34  ASN 34  30  30  ASN ASN A . n 
A 1 35  ALA 35  31  31  ALA ALA A . n 
A 1 36  SER 36  32  32  SER SER A . n 
A 1 37  GLN 37  33  33  GLN GLN A . n 
A 1 38  TRP 38  34  34  TRP TRP A . n 
A 1 39  GLU 39  35  35  GLU GLU A . n 
A 1 40  ARG 40  36  36  ARG ARG A . n 
A 1 41  PRO 41  37  37  PRO PRO A . n 
A 1 42  SER 42  38  ?   ?   ?   A . n 
A 1 43  GLY 43  39  ?   ?   ?   A . n 
A 1 44  ASN 44  40  ?   ?   ?   A . n 
A 1 45  SER 45  41  ?   ?   ?   A . n 
A 1 46  SER 46  42  ?   ?   ?   A . n 
A 1 47  SER 47  43  ?   ?   ?   A . n 
A 1 48  GLY 48  44  ?   ?   ?   A . n 
A 1 49  GLY 49  45  ?   ?   ?   A . n 
A 1 50  LYS 50  46  ?   ?   ?   A . n 
A 1 51  ASN 51  47  ?   ?   ?   A . n 
A 1 52  GLY 52  48  ?   ?   ?   A . n 
A 1 53  GLN 53  49  ?   ?   ?   A . n 
A 1 54  GLY 54  50  ?   ?   ?   A . n 
A 1 55  GLU 55  51  51  GLU GLU A . n 
A 1 56  PRO 56  52  52  PRO PRO A . n 
A 1 57  ALA 57  53  53  ALA ALA A . n 
A 1 58  ARG 58  54  54  ARG ARG A . n 
A 1 59  VAL 59  55  55  VAL VAL A . n 
A 1 60  ARG 60  56  56  ARG ARG A . n 
A 1 61  CYS 61  57  57  CYS CYS A . n 
A 1 62  SER 62  58  58  SER SER A . n 
A 1 63  HIS 63  59  59  HIS HIS A . n 
A 1 64  LEU 64  60  60  LEU LEU A . n 
A 1 65  LEU 65  61  61  LEU LEU A . n 
A 1 66  VAL 66  62  62  VAL VAL A . n 
A 1 67  LYS 67  63  63  LYS LYS A . n 
A 1 68  HIS 68  64  64  HIS HIS A . n 
A 1 69  SER 69  65  65  SER SER A . n 
A 1 70  GLN 70  66  66  GLN GLN A . n 
A 1 71  SER 71  67  67  SER SER A . n 
A 1 72  ARG 72  68  68  ARG ARG A . n 
A 1 73  ARG 73  69  69  ARG ARG A . n 
A 1 74  PRO 74  70  70  PRO PRO A . n 
A 1 75  SER 75  71  71  SER SER A . n 
A 1 76  SER 76  72  72  SER SER A . n 
A 1 77  TRP 77  73  73  TRP TRP A . n 
A 1 78  ARG 78  74  74  ARG ARG A . n 
A 1 79  GLN 79  75  75  GLN GLN A . n 
A 1 80  GLU 80  76  76  GLU GLU A . n 
A 1 81  LYS 81  77  77  LYS LYS A . n 
A 1 82  ILE 82  78  78  ILE ILE A . n 
A 1 83  THR 83  79  79  THR THR A . n 
A 1 84  ARG 84  80  80  ARG ARG A . n 
A 1 85  THR 85  81  81  THR THR A . n 
A 1 86  LYS 86  82  82  LYS LYS A . n 
A 1 87  GLU 87  83  83  GLU GLU A . n 
A 1 88  GLU 88  84  84  GLU GLU A . n 
A 1 89  ALA 89  85  85  ALA ALA A . n 
A 1 90  LEU 90  86  86  LEU LEU A . n 
A 1 91  GLU 91  87  87  GLU GLU A . n 
A 1 92  LEU 92  88  88  LEU LEU A . n 
A 1 93  ILE 93  89  89  ILE ILE A . n 
A 1 94  ASN 94  90  90  ASN ASN A . n 
A 1 95  GLY 95  91  91  GLY GLY A . n 
A 1 96  TYR 96  92  92  TYR TYR A . n 
A 1 97  ILE 97  93  93  ILE ILE A . n 
A 1 98  GLN 98  94  94  GLN GLN A . n 
A 1 99  LYS 99  95  95  LYS LYS A . n 
A 1 100 ILE 100 96  96  ILE ILE A . n 
A 1 101 LYS 101 97  97  LYS LYS A . n 
A 1 102 SER 102 98  98  SER SER A . n 
A 1 103 GLY 103 99  99  GLY GLY A . n 
A 1 104 GLU 104 100 100 GLU GLU A . n 
A 1 105 GLU 105 101 101 GLU GLU A . n 
A 1 106 ASP 106 102 102 ASP ASP A . n 
A 1 107 PHE 107 103 103 PHE PHE A . n 
A 1 108 GLU 108 104 104 GLU GLU A . n 
A 1 109 SER 109 105 105 SER SER A . n 
A 1 110 LEU 110 106 106 LEU LEU A . n 
A 1 111 ALA 111 107 107 ALA ALA A . n 
A 1 112 SER 112 108 108 SER SER A . n 
A 1 113 GLN 113 109 109 GLN GLN A . n 
A 1 114 PHE 114 110 110 PHE PHE A . n 
A 1 115 SER 115 111 111 SER SER A . n 
A 1 116 ASP 116 112 112 ASP ASP A . n 
A 1 117 CYS 117 113 113 CYS CYS A . n 
A 1 118 SER 118 114 114 SER SER A . n 
A 1 119 SER 119 115 115 SER SER A . n 
A 1 120 ALA 120 116 116 ALA ALA A . n 
A 1 121 LYS 121 117 117 LYS LYS A . n 
A 1 122 ALA 122 118 118 ALA ALA A . n 
A 1 123 ARG 123 119 119 ARG ARG A . n 
A 1 124 GLY 124 120 120 GLY GLY A . n 
A 1 125 ASP 125 121 121 ASP ASP A . n 
A 1 126 LEU 126 122 122 LEU LEU A . n 
A 1 127 GLY 127 123 123 GLY GLY A . n 
A 1 128 ALA 128 124 124 ALA ALA A . n 
A 1 129 PHE 129 125 125 PHE PHE A . n 
A 1 130 SER 130 126 126 SER SER A . n 
A 1 131 ARG 131 127 127 ARG ARG A . n 
A 1 132 GLY 132 128 128 GLY GLY A . n 
A 1 133 GLN 133 129 129 GLN GLN A . n 
A 1 134 MET 134 130 130 MET MET A . n 
A 1 135 GLN 135 131 131 GLN GLN A . n 
A 1 136 LYS 136 132 132 LYS LYS A . n 
A 1 137 PRO 137 133 133 PRO PRO A . n 
A 1 138 PHE 138 134 134 PHE PHE A . n 
A 1 139 GLU 139 135 135 GLU GLU A . n 
A 1 140 ASP 140 136 136 ASP ASP A . n 
A 1 141 ALA 141 137 137 ALA ALA A . n 
A 1 142 SER 142 138 138 SER SER A . n 
A 1 143 PHE 143 139 139 PHE PHE A . n 
A 1 144 ALA 144 140 140 ALA ALA A . n 
A 1 145 LEU 145 141 141 LEU LEU A . n 
A 1 146 ARG 146 142 142 ARG ARG A . n 
A 1 147 THR 147 143 143 THR THR A . n 
A 1 148 GLY 148 144 144 GLY GLY A . n 
A 1 149 GLU 149 145 145 GLU GLU A . n 
A 1 150 MET 150 146 146 MET MET A . n 
A 1 151 SER 151 147 147 SER SER A . n 
A 1 152 GLY 152 148 148 GLY GLY A . n 
A 1 153 PRO 153 149 149 PRO PRO A . n 
A 1 154 VAL 154 150 150 VAL VAL A . n 
A 1 155 PHE 155 151 151 PHE PHE A . n 
A 1 156 THR 156 152 152 THR THR A . n 
A 1 157 ASP 157 153 153 ASP ASP A . n 
A 1 158 SER 158 154 154 SER SER A . n 
A 1 159 GLY 159 155 155 GLY GLY A . n 
A 1 160 ILE 160 156 156 ILE ILE A . n 
A 1 161 HIS 161 157 157 HIS HIS A . n 
A 1 162 ILE 162 158 158 ILE ILE A . n 
A 1 163 ILE 163 159 159 ILE ILE A . n 
A 1 164 LEU 164 160 160 LEU LEU A . n 
A 1 165 ARG 165 161 161 ARG ARG A . n 
A 1 166 THR 166 162 162 THR THR A . n 
A 1 167 GLU 167 163 163 GLU GLU A . n 
# 
loop_
_pdbx_nonpoly_scheme.asym_id 
_pdbx_nonpoly_scheme.entity_id 
_pdbx_nonpoly_scheme.mon_id 
_pdbx_nonpoly_scheme.ndb_seq_num 
_pdbx_nonpoly_scheme.pdb_seq_num 
_pdbx_nonpoly_scheme.auth_seq_num 
_pdbx_nonpoly_scheme.pdb_mon_id 
_pdbx_nonpoly_scheme.auth_mon_id 
_pdbx_nonpoly_scheme.pdb_strand_id 
_pdbx_nonpoly_scheme.pdb_ins_code 
B 2 12P 1   1164 1164 12P 12P A . 
C 3 G14 1   1165 1165 G14 G14 A . 
D 4 HOH 1   2001 2001 HOH HOH A . 
D 4 HOH 2   2002 2002 HOH HOH A . 
D 4 HOH 3   2003 2003 HOH HOH A . 
D 4 HOH 4   2004 2004 HOH HOH A . 
D 4 HOH 5   2005 2005 HOH HOH A . 
D 4 HOH 6   2006 2006 HOH HOH A . 
D 4 HOH 7   2007 2007 HOH HOH A . 
D 4 HOH 8   2008 2008 HOH HOH A . 
D 4 HOH 9   2009 2009 HOH HOH A . 
D 4 HOH 10  2010 2010 HOH HOH A . 
D 4 HOH 11  2011 2011 HOH HOH A . 
D 4 HOH 12  2012 2012 HOH HOH A . 
D 4 HOH 13  2013 2013 HOH HOH A . 
D 4 HOH 14  2014 2014 HOH HOH A . 
D 4 HOH 15  2015 2015 HOH HOH A . 
D 4 HOH 16  2016 2016 HOH HOH A . 
D 4 HOH 17  2017 2017 HOH HOH A . 
D 4 HOH 18  2018 2018 HOH HOH A . 
D 4 HOH 19  2019 2019 HOH HOH A . 
D 4 HOH 20  2020 2020 HOH HOH A . 
D 4 HOH 21  2021 2021 HOH HOH A . 
D 4 HOH 22  2022 2022 HOH HOH A . 
D 4 HOH 23  2023 2023 HOH HOH A . 
D 4 HOH 24  2024 2024 HOH HOH A . 
D 4 HOH 25  2025 2025 HOH HOH A . 
D 4 HOH 26  2026 2026 HOH HOH A . 
D 4 HOH 27  2027 2027 HOH HOH A . 
D 4 HOH 28  2028 2028 HOH HOH A . 
D 4 HOH 29  2029 2029 HOH HOH A . 
D 4 HOH 30  2030 2030 HOH HOH A . 
D 4 HOH 31  2031 2031 HOH HOH A . 
D 4 HOH 32  2032 2032 HOH HOH A . 
D 4 HOH 33  2033 2033 HOH HOH A . 
D 4 HOH 34  2034 2034 HOH HOH A . 
D 4 HOH 35  2035 2035 HOH HOH A . 
D 4 HOH 36  2036 2036 HOH HOH A . 
D 4 HOH 37  2037 2037 HOH HOH A . 
D 4 HOH 38  2038 2038 HOH HOH A . 
D 4 HOH 39  2039 2039 HOH HOH A . 
D 4 HOH 40  2040 2040 HOH HOH A . 
D 4 HOH 41  2041 2041 HOH HOH A . 
D 4 HOH 42  2042 2042 HOH HOH A . 
D 4 HOH 43  2043 2043 HOH HOH A . 
D 4 HOH 44  2044 2044 HOH HOH A . 
D 4 HOH 45  2045 2045 HOH HOH A . 
D 4 HOH 46  2046 2046 HOH HOH A . 
D 4 HOH 47  2047 2047 HOH HOH A . 
D 4 HOH 48  2048 2048 HOH HOH A . 
D 4 HOH 49  2049 2049 HOH HOH A . 
D 4 HOH 50  2050 2050 HOH HOH A . 
D 4 HOH 51  2051 2051 HOH HOH A . 
D 4 HOH 52  2052 2052 HOH HOH A . 
D 4 HOH 53  2053 2053 HOH HOH A . 
D 4 HOH 54  2054 2054 HOH HOH A . 
D 4 HOH 55  2055 2055 HOH HOH A . 
D 4 HOH 56  2056 2056 HOH HOH A . 
D 4 HOH 57  2057 2057 HOH HOH A . 
D 4 HOH 58  2058 2058 HOH HOH A . 
D 4 HOH 59  2059 2059 HOH HOH A . 
D 4 HOH 60  2060 2060 HOH HOH A . 
D 4 HOH 61  2061 2061 HOH HOH A . 
D 4 HOH 62  2062 2062 HOH HOH A . 
D 4 HOH 63  2063 2063 HOH HOH A . 
D 4 HOH 64  2064 2064 HOH HOH A . 
D 4 HOH 65  2065 2065 HOH HOH A . 
D 4 HOH 66  2066 2066 HOH HOH A . 
D 4 HOH 67  2067 2067 HOH HOH A . 
D 4 HOH 68  2068 2068 HOH HOH A . 
D 4 HOH 69  2069 2069 HOH HOH A . 
D 4 HOH 70  2070 2070 HOH HOH A . 
D 4 HOH 71  2071 2071 HOH HOH A . 
D 4 HOH 72  2072 2072 HOH HOH A . 
D 4 HOH 73  2073 2073 HOH HOH A . 
D 4 HOH 74  2074 2074 HOH HOH A . 
D 4 HOH 75  2075 2075 HOH HOH A . 
D 4 HOH 76  2076 2076 HOH HOH A . 
D 4 HOH 77  2077 2077 HOH HOH A . 
D 4 HOH 78  2078 2078 HOH HOH A . 
D 4 HOH 79  2079 2079 HOH HOH A . 
D 4 HOH 80  2080 2080 HOH HOH A . 
D 4 HOH 81  2081 2081 HOH HOH A . 
D 4 HOH 82  2082 2082 HOH HOH A . 
D 4 HOH 83  2083 2083 HOH HOH A . 
D 4 HOH 84  2084 2084 HOH HOH A . 
D 4 HOH 85  2085 2085 HOH HOH A . 
D 4 HOH 86  2086 2086 HOH HOH A . 
D 4 HOH 87  2087 2087 HOH HOH A . 
D 4 HOH 88  2088 2088 HOH HOH A . 
D 4 HOH 89  2089 2089 HOH HOH A . 
D 4 HOH 90  2090 2090 HOH HOH A . 
D 4 HOH 91  2091 2091 HOH HOH A . 
D 4 HOH 92  2092 2092 HOH HOH A . 
D 4 HOH 93  2093 2093 HOH HOH A . 
D 4 HOH 94  2094 2094 HOH HOH A . 
D 4 HOH 95  2095 2095 HOH HOH A . 
D 4 HOH 96  2096 2096 HOH HOH A . 
D 4 HOH 97  2097 2097 HOH HOH A . 
D 4 HOH 98  2098 2098 HOH HOH A . 
D 4 HOH 99  2099 2099 HOH HOH A . 
D 4 HOH 100 2100 2100 HOH HOH A . 
D 4 HOH 101 2101 2101 HOH HOH A . 
D 4 HOH 102 2102 2102 HOH HOH A . 
D 4 HOH 103 2103 2103 HOH HOH A . 
D 4 HOH 104 2104 2104 HOH HOH A . 
D 4 HOH 105 2105 2105 HOH HOH A . 
D 4 HOH 106 2106 2106 HOH HOH A . 
D 4 HOH 107 2107 2107 HOH HOH A . 
D 4 HOH 108 2108 2108 HOH HOH A . 
D 4 HOH 109 2109 2109 HOH HOH A . 
D 4 HOH 110 2110 2110 HOH HOH A . 
D 4 HOH 111 2111 2111 HOH HOH A . 
D 4 HOH 112 2112 2112 HOH HOH A . 
D 4 HOH 113 2113 2113 HOH HOH A . 
D 4 HOH 114 2114 2114 HOH HOH A . 
D 4 HOH 115 2115 2115 HOH HOH A . 
D 4 HOH 116 2116 2116 HOH HOH A . 
D 4 HOH 117 2117 2117 HOH HOH A . 
D 4 HOH 118 2118 2118 HOH HOH A . 
D 4 HOH 119 2119 2119 HOH HOH A . 
# 
_pdbx_struct_assembly.id                   1 
_pdbx_struct_assembly.details              author_and_software_defined_assembly 
_pdbx_struct_assembly.method_details       PISA 
_pdbx_struct_assembly.oligomeric_details   monomeric 
_pdbx_struct_assembly.oligomeric_count     1 
# 
_pdbx_struct_assembly_gen.assembly_id       1 
_pdbx_struct_assembly_gen.oper_expression   1 
_pdbx_struct_assembly_gen.asym_id_list      A,B,C,D 
# 
_pdbx_struct_oper_list.id                   1 
_pdbx_struct_oper_list.type                 'identity operation' 
_pdbx_struct_oper_list.name                 1_555 
_pdbx_struct_oper_list.symmetry_operation   x,y,z 
_pdbx_struct_oper_list.matrix[1][1]         1.0000000000 
_pdbx_struct_oper_list.matrix[1][2]         0.0000000000 
_pdbx_struct_oper_list.matrix[1][3]         0.0000000000 
_pdbx_struct_oper_list.vector[1]            0.0000000000 
_pdbx_struct_oper_list.matrix[2][1]         0.0000000000 
_pdbx_struct_oper_list.matrix[2][2]         1.0000000000 
_pdbx_struct_oper_list.matrix[2][3]         0.0000000000 
_pdbx_struct_oper_list.vector[2]            0.0000000000 
_pdbx_struct_oper_list.matrix[3][1]         0.0000000000 
_pdbx_struct_oper_list.matrix[3][2]         0.0000000000 
_pdbx_struct_oper_list.matrix[3][3]         1.0000000000 
_pdbx_struct_oper_list.vector[3]            0.0000000000 
# 
loop_
_pdbx_audit_revision_history.ordinal 
_pdbx_audit_revision_history.data_content_type 
_pdbx_audit_revision_history.major_revision 
_pdbx_audit_revision_history.minor_revision 
_pdbx_audit_revision_history.revision_date 
1 'Structure model' 1 0 2011-01-12 
2 'Structure model' 1 1 2011-05-08 
3 'Structure model' 1 2 2011-07-13 
4 'Structure model' 1 3 2019-01-30 
5 'Structure model' 1 4 2019-02-06 
6 'Structure model' 1 5 2023-12-20 
# 
_pdbx_audit_revision_details.ordinal             1 
_pdbx_audit_revision_details.revision_ordinal    1 
_pdbx_audit_revision_details.data_content_type   'Structure model' 
_pdbx_audit_revision_details.provider            repository 
_pdbx_audit_revision_details.type                'Initial release' 
_pdbx_audit_revision_details.description         ? 
_pdbx_audit_revision_details.details             ? 
# 
loop_
_pdbx_audit_revision_group.ordinal 
_pdbx_audit_revision_group.revision_ordinal 
_pdbx_audit_revision_group.data_content_type 
_pdbx_audit_revision_group.group 
1  2 'Structure model' 'Version format compliance' 
2  3 'Structure model' 'Version format compliance' 
3  4 'Structure model' 'Data collection'           
4  4 'Structure model' 'Experimental preparation'  
5  4 'Structure model' Other                       
6  5 'Structure model' 'Data collection'           
7  5 'Structure model' 'Experimental preparation'  
8  6 'Structure model' 'Data collection'           
9  6 'Structure model' 'Database references'       
10 6 'Structure model' 'Derived calculations'      
11 6 'Structure model' Other                       
12 6 'Structure model' 'Refinement description'    
# 
loop_
_pdbx_audit_revision_category.ordinal 
_pdbx_audit_revision_category.revision_ordinal 
_pdbx_audit_revision_category.data_content_type 
_pdbx_audit_revision_category.category 
1  4 'Structure model' exptl_crystal_grow            
2  4 'Structure model' pdbx_database_proc            
3  4 'Structure model' pdbx_database_status          
4  5 'Structure model' exptl_crystal_grow            
5  6 'Structure model' chem_comp_atom                
6  6 'Structure model' chem_comp_bond                
7  6 'Structure model' database_2                    
8  6 'Structure model' pdbx_database_status          
9  6 'Structure model' pdbx_initial_refinement_model 
10 6 'Structure model' struct_site                   
# 
loop_
_pdbx_audit_revision_item.ordinal 
_pdbx_audit_revision_item.revision_ordinal 
_pdbx_audit_revision_item.data_content_type 
_pdbx_audit_revision_item.item 
1 4 'Structure model' '_exptl_crystal_grow.method'                  
2 4 'Structure model' '_pdbx_database_status.recvd_author_approval' 
3 5 'Structure model' '_exptl_crystal_grow.temp'                    
4 6 'Structure model' '_database_2.pdbx_DOI'                        
5 6 'Structure model' '_database_2.pdbx_database_accession'         
6 6 'Structure model' '_pdbx_database_status.status_code_sf'        
7 6 'Structure model' '_struct_site.pdbx_auth_asym_id'              
8 6 'Structure model' '_struct_site.pdbx_auth_comp_id'              
9 6 'Structure model' '_struct_site.pdbx_auth_seq_id'               
# 
loop_
_software.name 
_software.classification 
_software.version 
_software.citation_id 
_software.pdbx_ordinal 
_software.date 
_software.type 
_software.location 
_software.language 
REFMAC refinement       5.5.0109 ? 1 ? ? ? ? 
d*TREK 'data reduction' .        ? 2 ? ? ? ? 
d*TREK 'data scaling'   .        ? 3 ? ? ? ? 
AMoRE  phasing          .        ? 4 ? ? ? ? 
# 
_pdbx_entry_details.entry_id                 2XP4 
_pdbx_entry_details.compound_details         'ENGINEERED RESIDUE IN CHAIN A, ARG  14 TO ALA' 
_pdbx_entry_details.source_details           ? 
_pdbx_entry_details.nonpolymer_details       ? 
_pdbx_entry_details.sequence_details         ? 
_pdbx_entry_details.has_ligand_of_interest   ? 
# 
loop_
_pdbx_validate_close_contact.id 
_pdbx_validate_close_contact.PDB_model_num 
_pdbx_validate_close_contact.auth_atom_id_1 
_pdbx_validate_close_contact.auth_asym_id_1 
_pdbx_validate_close_contact.auth_comp_id_1 
_pdbx_validate_close_contact.auth_seq_id_1 
_pdbx_validate_close_contact.PDB_ins_code_1 
_pdbx_validate_close_contact.label_alt_id_1 
_pdbx_validate_close_contact.auth_atom_id_2 
_pdbx_validate_close_contact.auth_asym_id_2 
_pdbx_validate_close_contact.auth_comp_id_2 
_pdbx_validate_close_contact.auth_seq_id_2 
_pdbx_validate_close_contact.PDB_ins_code_2 
_pdbx_validate_close_contact.label_alt_id_2 
_pdbx_validate_close_contact.dist 
1 1 O   A HOH 2005 ? ? O A HOH 2010 ? ? 1.96 
2 1 NH2 A ARG 119  ? B O A HOH 2096 ? ? 2.11 
3 1 OE2 A GLU 104  ? ? O A HOH 2081 ? ? 2.16 
4 1 OE1 A GLU 100  ? ? O A HOH 2077 ? ? 2.16 
# 
loop_
_pdbx_validate_rmsd_bond.id 
_pdbx_validate_rmsd_bond.PDB_model_num 
_pdbx_validate_rmsd_bond.auth_atom_id_1 
_pdbx_validate_rmsd_bond.auth_asym_id_1 
_pdbx_validate_rmsd_bond.auth_comp_id_1 
_pdbx_validate_rmsd_bond.auth_seq_id_1 
_pdbx_validate_rmsd_bond.PDB_ins_code_1 
_pdbx_validate_rmsd_bond.label_alt_id_1 
_pdbx_validate_rmsd_bond.auth_atom_id_2 
_pdbx_validate_rmsd_bond.auth_asym_id_2 
_pdbx_validate_rmsd_bond.auth_comp_id_2 
_pdbx_validate_rmsd_bond.auth_seq_id_2 
_pdbx_validate_rmsd_bond.PDB_ins_code_2 
_pdbx_validate_rmsd_bond.label_alt_id_2 
_pdbx_validate_rmsd_bond.bond_value 
_pdbx_validate_rmsd_bond.bond_target_value 
_pdbx_validate_rmsd_bond.bond_deviation 
_pdbx_validate_rmsd_bond.bond_standard_deviation 
_pdbx_validate_rmsd_bond.linker_flag 
1 1 CD1 A PHE 25  ? ? CE1 A PHE 25  ? ? 1.509 1.388 0.121 0.020 N 
2 1 CG  A GLU 87  ? B CD  A GLU 87  ? B 1.608 1.515 0.093 0.015 N 
3 1 CD  A GLU 104 ? ? OE1 A GLU 104 ? ? 1.339 1.252 0.087 0.011 N 
4 1 CZ  A PHE 125 ? ? CE2 A PHE 125 ? ? 1.494 1.369 0.125 0.019 N 
# 
_pdbx_validate_rmsd_angle.id                         1 
_pdbx_validate_rmsd_angle.PDB_model_num              1 
_pdbx_validate_rmsd_angle.auth_atom_id_1             NE 
_pdbx_validate_rmsd_angle.auth_asym_id_1             A 
_pdbx_validate_rmsd_angle.auth_comp_id_1             ARG 
_pdbx_validate_rmsd_angle.auth_seq_id_1              119 
_pdbx_validate_rmsd_angle.PDB_ins_code_1             ? 
_pdbx_validate_rmsd_angle.label_alt_id_1             B 
_pdbx_validate_rmsd_angle.auth_atom_id_2             CZ 
_pdbx_validate_rmsd_angle.auth_asym_id_2             A 
_pdbx_validate_rmsd_angle.auth_comp_id_2             ARG 
_pdbx_validate_rmsd_angle.auth_seq_id_2              119 
_pdbx_validate_rmsd_angle.PDB_ins_code_2             ? 
_pdbx_validate_rmsd_angle.label_alt_id_2             B 
_pdbx_validate_rmsd_angle.auth_atom_id_3             NH1 
_pdbx_validate_rmsd_angle.auth_asym_id_3             A 
_pdbx_validate_rmsd_angle.auth_comp_id_3             ARG 
_pdbx_validate_rmsd_angle.auth_seq_id_3              119 
_pdbx_validate_rmsd_angle.PDB_ins_code_3             ? 
_pdbx_validate_rmsd_angle.label_alt_id_3             B 
_pdbx_validate_rmsd_angle.angle_value                123.92 
_pdbx_validate_rmsd_angle.angle_target_value         120.30 
_pdbx_validate_rmsd_angle.angle_deviation            3.62 
_pdbx_validate_rmsd_angle.angle_standard_deviation   0.50 
_pdbx_validate_rmsd_angle.linker_flag                N 
# 
loop_
_pdbx_validate_torsion.id 
_pdbx_validate_torsion.PDB_model_num 
_pdbx_validate_torsion.auth_comp_id 
_pdbx_validate_torsion.auth_asym_id 
_pdbx_validate_torsion.auth_seq_id 
_pdbx_validate_torsion.PDB_ins_code 
_pdbx_validate_torsion.label_alt_id 
_pdbx_validate_torsion.phi 
_pdbx_validate_torsion.psi 
1 1 PRO A 8  ? ? -47.14 166.75 
2 1 PRO A 70 ? ? -69.68 59.20  
# 
loop_
_pdbx_distant_solvent_atoms.id 
_pdbx_distant_solvent_atoms.PDB_model_num 
_pdbx_distant_solvent_atoms.auth_atom_id 
_pdbx_distant_solvent_atoms.label_alt_id 
_pdbx_distant_solvent_atoms.auth_asym_id 
_pdbx_distant_solvent_atoms.auth_comp_id 
_pdbx_distant_solvent_atoms.auth_seq_id 
_pdbx_distant_solvent_atoms.PDB_ins_code 
_pdbx_distant_solvent_atoms.neighbor_macromolecule_distance 
_pdbx_distant_solvent_atoms.neighbor_ligand_distance 
1 1 O ? A HOH 2024 ? 6.29 . 
2 1 O ? A HOH 2025 ? 5.81 . 
# 
loop_
_pdbx_unobs_or_zero_occ_atoms.id 
_pdbx_unobs_or_zero_occ_atoms.PDB_model_num 
_pdbx_unobs_or_zero_occ_atoms.polymer_flag 
_pdbx_unobs_or_zero_occ_atoms.occupancy_flag 
_pdbx_unobs_or_zero_occ_atoms.auth_asym_id 
_pdbx_unobs_or_zero_occ_atoms.auth_comp_id 
_pdbx_unobs_or_zero_occ_atoms.auth_seq_id 
_pdbx_unobs_or_zero_occ_atoms.PDB_ins_code 
_pdbx_unobs_or_zero_occ_atoms.auth_atom_id 
_pdbx_unobs_or_zero_occ_atoms.label_alt_id 
_pdbx_unobs_or_zero_occ_atoms.label_asym_id 
_pdbx_unobs_or_zero_occ_atoms.label_comp_id 
_pdbx_unobs_or_zero_occ_atoms.label_seq_id 
_pdbx_unobs_or_zero_occ_atoms.label_atom_id 
1  1 N 1 A 12P 1164 ? O37 ? B 12P 1 O37 
2  1 N 1 A 12P 1164 ? C36 ? B 12P 1 C36 
3  1 N 1 A 12P 1164 ? C17 ? B 12P 1 C17 
4  1 N 1 A 12P 1164 ? O16 ? B 12P 1 O16 
5  1 N 1 A 12P 1164 ? C15 ? B 12P 1 C15 
6  1 N 1 A 12P 1164 ? C14 ? B 12P 1 C14 
7  1 N 1 A 12P 1164 ? O13 ? B 12P 1 O13 
8  1 N 1 A 12P 1164 ? C12 ? B 12P 1 C12 
9  1 N 1 A 12P 1164 ? C11 ? B 12P 1 C11 
10 1 N 1 A 12P 1164 ? O10 ? B 12P 1 O10 
11 1 N 1 A 12P 1164 ? C9  ? B 12P 1 C9  
12 1 N 1 A 12P 1164 ? C8  ? B 12P 1 C8  
13 1 N 1 A 12P 1164 ? O7  ? B 12P 1 O7  
14 1 N 1 A 12P 1164 ? C6  ? B 12P 1 C6  
15 1 N 1 A 12P 1164 ? C5  ? B 12P 1 C5  
16 1 N 1 A 12P 1164 ? O4  ? B 12P 1 O4  
17 1 N 1 A 12P 1164 ? C3  ? B 12P 1 C3  
18 1 N 1 A 12P 1164 ? C2  ? B 12P 1 C2  
19 1 N 1 A 12P 1164 ? O1  ? B 12P 1 O1  
# 
loop_
_pdbx_unobs_or_zero_occ_residues.id 
_pdbx_unobs_or_zero_occ_residues.PDB_model_num 
_pdbx_unobs_or_zero_occ_residues.polymer_flag 
_pdbx_unobs_or_zero_occ_residues.occupancy_flag 
_pdbx_unobs_or_zero_occ_residues.auth_asym_id 
_pdbx_unobs_or_zero_occ_residues.auth_comp_id 
_pdbx_unobs_or_zero_occ_residues.auth_seq_id 
_pdbx_unobs_or_zero_occ_residues.PDB_ins_code 
_pdbx_unobs_or_zero_occ_residues.label_asym_id 
_pdbx_unobs_or_zero_occ_residues.label_comp_id 
_pdbx_unobs_or_zero_occ_residues.label_seq_id 
1  1 Y 1 A GLY -3 ? A GLY 1  
2  1 Y 1 A SER -2 ? A SER 2  
3  1 Y 1 A HIS -1 ? A HIS 3  
4  1 Y 1 A GLY 0  ? A GLY 4  
5  1 Y 1 A MET 1  ? A MET 5  
6  1 Y 1 A ALA 2  ? A ALA 6  
7  1 Y 1 A ASP 3  ? A ASP 7  
8  1 Y 1 A GLU 4  ? A GLU 8  
9  1 Y 1 A GLU 5  ? A GLU 9  
10 1 Y 1 A LYS 6  ? A LYS 10 
11 1 Y 1 A SER 38 ? A SER 42 
12 1 Y 1 A GLY 39 ? A GLY 43 
13 1 Y 1 A ASN 40 ? A ASN 44 
14 1 Y 1 A SER 41 ? A SER 45 
15 1 Y 1 A SER 42 ? A SER 46 
16 1 Y 1 A SER 43 ? A SER 47 
17 1 Y 1 A GLY 44 ? A GLY 48 
18 1 Y 1 A GLY 45 ? A GLY 49 
19 1 Y 1 A LYS 46 ? A LYS 50 
20 1 Y 1 A ASN 47 ? A ASN 51 
21 1 Y 1 A GLY 48 ? A GLY 52 
22 1 Y 1 A GLN 49 ? A GLN 53 
23 1 Y 1 A GLY 50 ? A GLY 54 
# 
loop_
_chem_comp_atom.comp_id 
_chem_comp_atom.atom_id 
_chem_comp_atom.type_symbol 
_chem_comp_atom.pdbx_aromatic_flag 
_chem_comp_atom.pdbx_stereo_config 
_chem_comp_atom.pdbx_ordinal 
12P O37  O N N 1   
12P C36  C N N 2   
12P C35  C N N 3   
12P O34  O N N 4   
12P C33  C N N 5   
12P C32  C N N 6   
12P O31  O N N 7   
12P C30  C N N 8   
12P C29  C N N 9   
12P O28  O N N 10  
12P C27  C N N 11  
12P C26  C N N 12  
12P O25  O N N 13  
12P C24  C N N 14  
12P C23  C N N 15  
12P O22  O N N 16  
12P C21  C N N 17  
12P C20  C N N 18  
12P O19  O N N 19  
12P C18  C N N 20  
12P C17  C N N 21  
12P O16  O N N 22  
12P C15  C N N 23  
12P C14  C N N 24  
12P O13  O N N 25  
12P C12  C N N 26  
12P C11  C N N 27  
12P O10  O N N 28  
12P C9   C N N 29  
12P C8   C N N 30  
12P O7   O N N 31  
12P C6   C N N 32  
12P C5   C N N 33  
12P O4   O N N 34  
12P C3   C N N 35  
12P C2   C N N 36  
12P O1   O N N 37  
12P H37  H N N 38  
12P H361 H N N 39  
12P H362 H N N 40  
12P H351 H N N 41  
12P H352 H N N 42  
12P H331 H N N 43  
12P H332 H N N 44  
12P H321 H N N 45  
12P H322 H N N 46  
12P H301 H N N 47  
12P H302 H N N 48  
12P H291 H N N 49  
12P H292 H N N 50  
12P H271 H N N 51  
12P H272 H N N 52  
12P H261 H N N 53  
12P H262 H N N 54  
12P H241 H N N 55  
12P H242 H N N 56  
12P H231 H N N 57  
12P H232 H N N 58  
12P H211 H N N 59  
12P H212 H N N 60  
12P H201 H N N 61  
12P H202 H N N 62  
12P H181 H N N 63  
12P H182 H N N 64  
12P H171 H N N 65  
12P H172 H N N 66  
12P H151 H N N 67  
12P H152 H N N 68  
12P H141 H N N 69  
12P H142 H N N 70  
12P H121 H N N 71  
12P H122 H N N 72  
12P H111 H N N 73  
12P H112 H N N 74  
12P H91  H N N 75  
12P H92  H N N 76  
12P H81  H N N 77  
12P H82  H N N 78  
12P H61  H N N 79  
12P H62  H N N 80  
12P H51  H N N 81  
12P H52  H N N 82  
12P H31  H N N 83  
12P H32  H N N 84  
12P H21  H N N 85  
12P H22  H N N 86  
12P HO1  H N N 87  
ALA N    N N N 88  
ALA CA   C N S 89  
ALA C    C N N 90  
ALA O    O N N 91  
ALA CB   C N N 92  
ALA OXT  O N N 93  
ALA H    H N N 94  
ALA H2   H N N 95  
ALA HA   H N N 96  
ALA HB1  H N N 97  
ALA HB2  H N N 98  
ALA HB3  H N N 99  
ALA HXT  H N N 100 
ARG N    N N N 101 
ARG CA   C N S 102 
ARG C    C N N 103 
ARG O    O N N 104 
ARG CB   C N N 105 
ARG CG   C N N 106 
ARG CD   C N N 107 
ARG NE   N N N 108 
ARG CZ   C N N 109 
ARG NH1  N N N 110 
ARG NH2  N N N 111 
ARG OXT  O N N 112 
ARG H    H N N 113 
ARG H2   H N N 114 
ARG HA   H N N 115 
ARG HB2  H N N 116 
ARG HB3  H N N 117 
ARG HG2  H N N 118 
ARG HG3  H N N 119 
ARG HD2  H N N 120 
ARG HD3  H N N 121 
ARG HE   H N N 122 
ARG HH11 H N N 123 
ARG HH12 H N N 124 
ARG HH21 H N N 125 
ARG HH22 H N N 126 
ARG HXT  H N N 127 
ASN N    N N N 128 
ASN CA   C N S 129 
ASN C    C N N 130 
ASN O    O N N 131 
ASN CB   C N N 132 
ASN CG   C N N 133 
ASN OD1  O N N 134 
ASN ND2  N N N 135 
ASN OXT  O N N 136 
ASN H    H N N 137 
ASN H2   H N N 138 
ASN HA   H N N 139 
ASN HB2  H N N 140 
ASN HB3  H N N 141 
ASN HD21 H N N 142 
ASN HD22 H N N 143 
ASN HXT  H N N 144 
ASP N    N N N 145 
ASP CA   C N S 146 
ASP C    C N N 147 
ASP O    O N N 148 
ASP CB   C N N 149 
ASP CG   C N N 150 
ASP OD1  O N N 151 
ASP OD2  O N N 152 
ASP OXT  O N N 153 
ASP H    H N N 154 
ASP H2   H N N 155 
ASP HA   H N N 156 
ASP HB2  H N N 157 
ASP HB3  H N N 158 
ASP HD2  H N N 159 
ASP HXT  H N N 160 
CYS N    N N N 161 
CYS CA   C N R 162 
CYS C    C N N 163 
CYS O    O N N 164 
CYS CB   C N N 165 
CYS SG   S N N 166 
CYS OXT  O N N 167 
CYS H    H N N 168 
CYS H2   H N N 169 
CYS HA   H N N 170 
CYS HB2  H N N 171 
CYS HB3  H N N 172 
CYS HG   H N N 173 
CYS HXT  H N N 174 
G14 O14  O N N 175 
G14 C12  C N N 176 
G14 O13  O N N 177 
G14 C10  C Y N 178 
G14 C9   C Y N 179 
G14 N8   N Y N 180 
G14 C7   C Y N 181 
G14 N11  N Y N 182 
G14 C6   C Y N 183 
G14 C1   C Y N 184 
G14 C2   C Y N 185 
G14 C3   C Y N 186 
G14 C4   C Y N 187 
G14 C5   C Y N 188 
G14 HO14 H N N 189 
G14 H9   H N N 190 
G14 H1   H N N 191 
G14 H2   H N N 192 
G14 H3   H N N 193 
G14 H4   H N N 194 
G14 H5   H N N 195 
G14 HN8  H N N 196 
GLN N    N N N 197 
GLN CA   C N S 198 
GLN C    C N N 199 
GLN O    O N N 200 
GLN CB   C N N 201 
GLN CG   C N N 202 
GLN CD   C N N 203 
GLN OE1  O N N 204 
GLN NE2  N N N 205 
GLN OXT  O N N 206 
GLN H    H N N 207 
GLN H2   H N N 208 
GLN HA   H N N 209 
GLN HB2  H N N 210 
GLN HB3  H N N 211 
GLN HG2  H N N 212 
GLN HG3  H N N 213 
GLN HE21 H N N 214 
GLN HE22 H N N 215 
GLN HXT  H N N 216 
GLU N    N N N 217 
GLU CA   C N S 218 
GLU C    C N N 219 
GLU O    O N N 220 
GLU CB   C N N 221 
GLU CG   C N N 222 
GLU CD   C N N 223 
GLU OE1  O N N 224 
GLU OE2  O N N 225 
GLU OXT  O N N 226 
GLU H    H N N 227 
GLU H2   H N N 228 
GLU HA   H N N 229 
GLU HB2  H N N 230 
GLU HB3  H N N 231 
GLU HG2  H N N 232 
GLU HG3  H N N 233 
GLU HE2  H N N 234 
GLU HXT  H N N 235 
GLY N    N N N 236 
GLY CA   C N N 237 
GLY C    C N N 238 
GLY O    O N N 239 
GLY OXT  O N N 240 
GLY H    H N N 241 
GLY H2   H N N 242 
GLY HA2  H N N 243 
GLY HA3  H N N 244 
GLY HXT  H N N 245 
HIS N    N N N 246 
HIS CA   C N S 247 
HIS C    C N N 248 
HIS O    O N N 249 
HIS CB   C N N 250 
HIS CG   C Y N 251 
HIS ND1  N Y N 252 
HIS CD2  C Y N 253 
HIS CE1  C Y N 254 
HIS NE2  N Y N 255 
HIS OXT  O N N 256 
HIS H    H N N 257 
HIS H2   H N N 258 
HIS HA   H N N 259 
HIS HB2  H N N 260 
HIS HB3  H N N 261 
HIS HD1  H N N 262 
HIS HD2  H N N 263 
HIS HE1  H N N 264 
HIS HE2  H N N 265 
HIS HXT  H N N 266 
HOH O    O N N 267 
HOH H1   H N N 268 
HOH H2   H N N 269 
ILE N    N N N 270 
ILE CA   C N S 271 
ILE C    C N N 272 
ILE O    O N N 273 
ILE CB   C N S 274 
ILE CG1  C N N 275 
ILE CG2  C N N 276 
ILE CD1  C N N 277 
ILE OXT  O N N 278 
ILE H    H N N 279 
ILE H2   H N N 280 
ILE HA   H N N 281 
ILE HB   H N N 282 
ILE HG12 H N N 283 
ILE HG13 H N N 284 
ILE HG21 H N N 285 
ILE HG22 H N N 286 
ILE HG23 H N N 287 
ILE HD11 H N N 288 
ILE HD12 H N N 289 
ILE HD13 H N N 290 
ILE HXT  H N N 291 
LEU N    N N N 292 
LEU CA   C N S 293 
LEU C    C N N 294 
LEU O    O N N 295 
LEU CB   C N N 296 
LEU CG   C N N 297 
LEU CD1  C N N 298 
LEU CD2  C N N 299 
LEU OXT  O N N 300 
LEU H    H N N 301 
LEU H2   H N N 302 
LEU HA   H N N 303 
LEU HB2  H N N 304 
LEU HB3  H N N 305 
LEU HG   H N N 306 
LEU HD11 H N N 307 
LEU HD12 H N N 308 
LEU HD13 H N N 309 
LEU HD21 H N N 310 
LEU HD22 H N N 311 
LEU HD23 H N N 312 
LEU HXT  H N N 313 
LYS N    N N N 314 
LYS CA   C N S 315 
LYS C    C N N 316 
LYS O    O N N 317 
LYS CB   C N N 318 
LYS CG   C N N 319 
LYS CD   C N N 320 
LYS CE   C N N 321 
LYS NZ   N N N 322 
LYS OXT  O N N 323 
LYS H    H N N 324 
LYS H2   H N N 325 
LYS HA   H N N 326 
LYS HB2  H N N 327 
LYS HB3  H N N 328 
LYS HG2  H N N 329 
LYS HG3  H N N 330 
LYS HD2  H N N 331 
LYS HD3  H N N 332 
LYS HE2  H N N 333 
LYS HE3  H N N 334 
LYS HZ1  H N N 335 
LYS HZ2  H N N 336 
LYS HZ3  H N N 337 
LYS HXT  H N N 338 
MET N    N N N 339 
MET CA   C N S 340 
MET C    C N N 341 
MET O    O N N 342 
MET CB   C N N 343 
MET CG   C N N 344 
MET SD   S N N 345 
MET CE   C N N 346 
MET OXT  O N N 347 
MET H    H N N 348 
MET H2   H N N 349 
MET HA   H N N 350 
MET HB2  H N N 351 
MET HB3  H N N 352 
MET HG2  H N N 353 
MET HG3  H N N 354 
MET HE1  H N N 355 
MET HE2  H N N 356 
MET HE3  H N N 357 
MET HXT  H N N 358 
PHE N    N N N 359 
PHE CA   C N S 360 
PHE C    C N N 361 
PHE O    O N N 362 
PHE CB   C N N 363 
PHE CG   C Y N 364 
PHE CD1  C Y N 365 
PHE CD2  C Y N 366 
PHE CE1  C Y N 367 
PHE CE2  C Y N 368 
PHE CZ   C Y N 369 
PHE OXT  O N N 370 
PHE H    H N N 371 
PHE H2   H N N 372 
PHE HA   H N N 373 
PHE HB2  H N N 374 
PHE HB3  H N N 375 
PHE HD1  H N N 376 
PHE HD2  H N N 377 
PHE HE1  H N N 378 
PHE HE2  H N N 379 
PHE HZ   H N N 380 
PHE HXT  H N N 381 
PRO N    N N N 382 
PRO CA   C N S 383 
PRO C    C N N 384 
PRO O    O N N 385 
PRO CB   C N N 386 
PRO CG   C N N 387 
PRO CD   C N N 388 
PRO OXT  O N N 389 
PRO H    H N N 390 
PRO HA   H N N 391 
PRO HB2  H N N 392 
PRO HB3  H N N 393 
PRO HG2  H N N 394 
PRO HG3  H N N 395 
PRO HD2  H N N 396 
PRO HD3  H N N 397 
PRO HXT  H N N 398 
SER N    N N N 399 
SER CA   C N S 400 
SER C    C N N 401 
SER O    O N N 402 
SER CB   C N N 403 
SER OG   O N N 404 
SER OXT  O N N 405 
SER H    H N N 406 
SER H2   H N N 407 
SER HA   H N N 408 
SER HB2  H N N 409 
SER HB3  H N N 410 
SER HG   H N N 411 
SER HXT  H N N 412 
THR N    N N N 413 
THR CA   C N S 414 
THR C    C N N 415 
THR O    O N N 416 
THR CB   C N R 417 
THR OG1  O N N 418 
THR CG2  C N N 419 
THR OXT  O N N 420 
THR H    H N N 421 
THR H2   H N N 422 
THR HA   H N N 423 
THR HB   H N N 424 
THR HG1  H N N 425 
THR HG21 H N N 426 
THR HG22 H N N 427 
THR HG23 H N N 428 
THR HXT  H N N 429 
TRP N    N N N 430 
TRP CA   C N S 431 
TRP C    C N N 432 
TRP O    O N N 433 
TRP CB   C N N 434 
TRP CG   C Y N 435 
TRP CD1  C Y N 436 
TRP CD2  C Y N 437 
TRP NE1  N Y N 438 
TRP CE2  C Y N 439 
TRP CE3  C Y N 440 
TRP CZ2  C Y N 441 
TRP CZ3  C Y N 442 
TRP CH2  C Y N 443 
TRP OXT  O N N 444 
TRP H    H N N 445 
TRP H2   H N N 446 
TRP HA   H N N 447 
TRP HB2  H N N 448 
TRP HB3  H N N 449 
TRP HD1  H N N 450 
TRP HE1  H N N 451 
TRP HE3  H N N 452 
TRP HZ2  H N N 453 
TRP HZ3  H N N 454 
TRP HH2  H N N 455 
TRP HXT  H N N 456 
TYR N    N N N 457 
TYR CA   C N S 458 
TYR C    C N N 459 
TYR O    O N N 460 
TYR CB   C N N 461 
TYR CG   C Y N 462 
TYR CD1  C Y N 463 
TYR CD2  C Y N 464 
TYR CE1  C Y N 465 
TYR CE2  C Y N 466 
TYR CZ   C Y N 467 
TYR OH   O N N 468 
TYR OXT  O N N 469 
TYR H    H N N 470 
TYR H2   H N N 471 
TYR HA   H N N 472 
TYR HB2  H N N 473 
TYR HB3  H N N 474 
TYR HD1  H N N 475 
TYR HD2  H N N 476 
TYR HE1  H N N 477 
TYR HE2  H N N 478 
TYR HH   H N N 479 
TYR HXT  H N N 480 
VAL N    N N N 481 
VAL CA   C N S 482 
VAL C    C N N 483 
VAL O    O N N 484 
VAL CB   C N N 485 
VAL CG1  C N N 486 
VAL CG2  C N N 487 
VAL OXT  O N N 488 
VAL H    H N N 489 
VAL H2   H N N 490 
VAL HA   H N N 491 
VAL HB   H N N 492 
VAL HG11 H N N 493 
VAL HG12 H N N 494 
VAL HG13 H N N 495 
VAL HG21 H N N 496 
VAL HG22 H N N 497 
VAL HG23 H N N 498 
VAL HXT  H N N 499 
# 
loop_
_chem_comp_bond.comp_id 
_chem_comp_bond.atom_id_1 
_chem_comp_bond.atom_id_2 
_chem_comp_bond.value_order 
_chem_comp_bond.pdbx_aromatic_flag 
_chem_comp_bond.pdbx_stereo_config 
_chem_comp_bond.pdbx_ordinal 
12P O37 C36  sing N N 1   
12P O37 H37  sing N N 2   
12P C36 C35  sing N N 3   
12P C36 H361 sing N N 4   
12P C36 H362 sing N N 5   
12P C35 O34  sing N N 6   
12P C35 H351 sing N N 7   
12P C35 H352 sing N N 8   
12P O34 C33  sing N N 9   
12P C33 C32  sing N N 10  
12P C33 H331 sing N N 11  
12P C33 H332 sing N N 12  
12P C32 O31  sing N N 13  
12P C32 H321 sing N N 14  
12P C32 H322 sing N N 15  
12P O31 C30  sing N N 16  
12P C30 C29  sing N N 17  
12P C30 H301 sing N N 18  
12P C30 H302 sing N N 19  
12P C29 O28  sing N N 20  
12P C29 H291 sing N N 21  
12P C29 H292 sing N N 22  
12P O28 C27  sing N N 23  
12P C27 C26  sing N N 24  
12P C27 H271 sing N N 25  
12P C27 H272 sing N N 26  
12P C26 O25  sing N N 27  
12P C26 H261 sing N N 28  
12P C26 H262 sing N N 29  
12P O25 C24  sing N N 30  
12P C24 C23  sing N N 31  
12P C24 H241 sing N N 32  
12P C24 H242 sing N N 33  
12P C23 O22  sing N N 34  
12P C23 H231 sing N N 35  
12P C23 H232 sing N N 36  
12P O22 C21  sing N N 37  
12P C21 C20  sing N N 38  
12P C21 H211 sing N N 39  
12P C21 H212 sing N N 40  
12P C20 O19  sing N N 41  
12P C20 H201 sing N N 42  
12P C20 H202 sing N N 43  
12P O19 C18  sing N N 44  
12P C18 C17  sing N N 45  
12P C18 H181 sing N N 46  
12P C18 H182 sing N N 47  
12P C17 O16  sing N N 48  
12P C17 H171 sing N N 49  
12P C17 H172 sing N N 50  
12P O16 C15  sing N N 51  
12P C15 C14  sing N N 52  
12P C15 H151 sing N N 53  
12P C15 H152 sing N N 54  
12P C14 O13  sing N N 55  
12P C14 H141 sing N N 56  
12P C14 H142 sing N N 57  
12P O13 C12  sing N N 58  
12P C12 C11  sing N N 59  
12P C12 H121 sing N N 60  
12P C12 H122 sing N N 61  
12P C11 O10  sing N N 62  
12P C11 H111 sing N N 63  
12P C11 H112 sing N N 64  
12P O10 C9   sing N N 65  
12P C9  C8   sing N N 66  
12P C9  H91  sing N N 67  
12P C9  H92  sing N N 68  
12P C8  O7   sing N N 69  
12P C8  H81  sing N N 70  
12P C8  H82  sing N N 71  
12P O7  C6   sing N N 72  
12P C6  C5   sing N N 73  
12P C6  H61  sing N N 74  
12P C6  H62  sing N N 75  
12P C5  O4   sing N N 76  
12P C5  H51  sing N N 77  
12P C5  H52  sing N N 78  
12P O4  C3   sing N N 79  
12P C3  C2   sing N N 80  
12P C3  H31  sing N N 81  
12P C3  H32  sing N N 82  
12P C2  O1   sing N N 83  
12P C2  H21  sing N N 84  
12P C2  H22  sing N N 85  
12P O1  HO1  sing N N 86  
ALA N   CA   sing N N 87  
ALA N   H    sing N N 88  
ALA N   H2   sing N N 89  
ALA CA  C    sing N N 90  
ALA CA  CB   sing N N 91  
ALA CA  HA   sing N N 92  
ALA C   O    doub N N 93  
ALA C   OXT  sing N N 94  
ALA CB  HB1  sing N N 95  
ALA CB  HB2  sing N N 96  
ALA CB  HB3  sing N N 97  
ALA OXT HXT  sing N N 98  
ARG N   CA   sing N N 99  
ARG N   H    sing N N 100 
ARG N   H2   sing N N 101 
ARG CA  C    sing N N 102 
ARG CA  CB   sing N N 103 
ARG CA  HA   sing N N 104 
ARG C   O    doub N N 105 
ARG C   OXT  sing N N 106 
ARG CB  CG   sing N N 107 
ARG CB  HB2  sing N N 108 
ARG CB  HB3  sing N N 109 
ARG CG  CD   sing N N 110 
ARG CG  HG2  sing N N 111 
ARG CG  HG3  sing N N 112 
ARG CD  NE   sing N N 113 
ARG CD  HD2  sing N N 114 
ARG CD  HD3  sing N N 115 
ARG NE  CZ   sing N N 116 
ARG NE  HE   sing N N 117 
ARG CZ  NH1  sing N N 118 
ARG CZ  NH2  doub N N 119 
ARG NH1 HH11 sing N N 120 
ARG NH1 HH12 sing N N 121 
ARG NH2 HH21 sing N N 122 
ARG NH2 HH22 sing N N 123 
ARG OXT HXT  sing N N 124 
ASN N   CA   sing N N 125 
ASN N   H    sing N N 126 
ASN N   H2   sing N N 127 
ASN CA  C    sing N N 128 
ASN CA  CB   sing N N 129 
ASN CA  HA   sing N N 130 
ASN C   O    doub N N 131 
ASN C   OXT  sing N N 132 
ASN CB  CG   sing N N 133 
ASN CB  HB2  sing N N 134 
ASN CB  HB3  sing N N 135 
ASN CG  OD1  doub N N 136 
ASN CG  ND2  sing N N 137 
ASN ND2 HD21 sing N N 138 
ASN ND2 HD22 sing N N 139 
ASN OXT HXT  sing N N 140 
ASP N   CA   sing N N 141 
ASP N   H    sing N N 142 
ASP N   H2   sing N N 143 
ASP CA  C    sing N N 144 
ASP CA  CB   sing N N 145 
ASP CA  HA   sing N N 146 
ASP C   O    doub N N 147 
ASP C   OXT  sing N N 148 
ASP CB  CG   sing N N 149 
ASP CB  HB2  sing N N 150 
ASP CB  HB3  sing N N 151 
ASP CG  OD1  doub N N 152 
ASP CG  OD2  sing N N 153 
ASP OD2 HD2  sing N N 154 
ASP OXT HXT  sing N N 155 
CYS N   CA   sing N N 156 
CYS N   H    sing N N 157 
CYS N   H2   sing N N 158 
CYS CA  C    sing N N 159 
CYS CA  CB   sing N N 160 
CYS CA  HA   sing N N 161 
CYS C   O    doub N N 162 
CYS C   OXT  sing N N 163 
CYS CB  SG   sing N N 164 
CYS CB  HB2  sing N N 165 
CYS CB  HB3  sing N N 166 
CYS SG  HG   sing N N 167 
CYS OXT HXT  sing N N 168 
G14 O14 C12  sing N N 169 
G14 O14 HO14 sing N N 170 
G14 O13 C12  doub N N 171 
G14 C12 C10  sing N N 172 
G14 C10 C9   doub Y N 173 
G14 C10 N11  sing Y N 174 
G14 C9  N8   sing Y N 175 
G14 C9  H9   sing N N 176 
G14 N8  C7   sing Y N 177 
G14 N11 C7   doub Y N 178 
G14 C7  C6   sing Y N 179 
G14 C6  C5   doub Y N 180 
G14 C6  C1   sing Y N 181 
G14 C1  C2   doub Y N 182 
G14 C1  H1   sing N N 183 
G14 C2  C3   sing Y N 184 
G14 C2  H2   sing N N 185 
G14 C4  C3   doub Y N 186 
G14 C3  H3   sing N N 187 
G14 C5  C4   sing Y N 188 
G14 C4  H4   sing N N 189 
G14 C5  H5   sing N N 190 
G14 N8  HN8  sing N N 191 
GLN N   CA   sing N N 192 
GLN N   H    sing N N 193 
GLN N   H2   sing N N 194 
GLN CA  C    sing N N 195 
GLN CA  CB   sing N N 196 
GLN CA  HA   sing N N 197 
GLN C   O    doub N N 198 
GLN C   OXT  sing N N 199 
GLN CB  CG   sing N N 200 
GLN CB  HB2  sing N N 201 
GLN CB  HB3  sing N N 202 
GLN CG  CD   sing N N 203 
GLN CG  HG2  sing N N 204 
GLN CG  HG3  sing N N 205 
GLN CD  OE1  doub N N 206 
GLN CD  NE2  sing N N 207 
GLN NE2 HE21 sing N N 208 
GLN NE2 HE22 sing N N 209 
GLN OXT HXT  sing N N 210 
GLU N   CA   sing N N 211 
GLU N   H    sing N N 212 
GLU N   H2   sing N N 213 
GLU CA  C    sing N N 214 
GLU CA  CB   sing N N 215 
GLU CA  HA   sing N N 216 
GLU C   O    doub N N 217 
GLU C   OXT  sing N N 218 
GLU CB  CG   sing N N 219 
GLU CB  HB2  sing N N 220 
GLU CB  HB3  sing N N 221 
GLU CG  CD   sing N N 222 
GLU CG  HG2  sing N N 223 
GLU CG  HG3  sing N N 224 
GLU CD  OE1  doub N N 225 
GLU CD  OE2  sing N N 226 
GLU OE2 HE2  sing N N 227 
GLU OXT HXT  sing N N 228 
GLY N   CA   sing N N 229 
GLY N   H    sing N N 230 
GLY N   H2   sing N N 231 
GLY CA  C    sing N N 232 
GLY CA  HA2  sing N N 233 
GLY CA  HA3  sing N N 234 
GLY C   O    doub N N 235 
GLY C   OXT  sing N N 236 
GLY OXT HXT  sing N N 237 
HIS N   CA   sing N N 238 
HIS N   H    sing N N 239 
HIS N   H2   sing N N 240 
HIS CA  C    sing N N 241 
HIS CA  CB   sing N N 242 
HIS CA  HA   sing N N 243 
HIS C   O    doub N N 244 
HIS C   OXT  sing N N 245 
HIS CB  CG   sing N N 246 
HIS CB  HB2  sing N N 247 
HIS CB  HB3  sing N N 248 
HIS CG  ND1  sing Y N 249 
HIS CG  CD2  doub Y N 250 
HIS ND1 CE1  doub Y N 251 
HIS ND1 HD1  sing N N 252 
HIS CD2 NE2  sing Y N 253 
HIS CD2 HD2  sing N N 254 
HIS CE1 NE2  sing Y N 255 
HIS CE1 HE1  sing N N 256 
HIS NE2 HE2  sing N N 257 
HIS OXT HXT  sing N N 258 
HOH O   H1   sing N N 259 
HOH O   H2   sing N N 260 
ILE N   CA   sing N N 261 
ILE N   H    sing N N 262 
ILE N   H2   sing N N 263 
ILE CA  C    sing N N 264 
ILE CA  CB   sing N N 265 
ILE CA  HA   sing N N 266 
ILE C   O    doub N N 267 
ILE C   OXT  sing N N 268 
ILE CB  CG1  sing N N 269 
ILE CB  CG2  sing N N 270 
ILE CB  HB   sing N N 271 
ILE CG1 CD1  sing N N 272 
ILE CG1 HG12 sing N N 273 
ILE CG1 HG13 sing N N 274 
ILE CG2 HG21 sing N N 275 
ILE CG2 HG22 sing N N 276 
ILE CG2 HG23 sing N N 277 
ILE CD1 HD11 sing N N 278 
ILE CD1 HD12 sing N N 279 
ILE CD1 HD13 sing N N 280 
ILE OXT HXT  sing N N 281 
LEU N   CA   sing N N 282 
LEU N   H    sing N N 283 
LEU N   H2   sing N N 284 
LEU CA  C    sing N N 285 
LEU CA  CB   sing N N 286 
LEU CA  HA   sing N N 287 
LEU C   O    doub N N 288 
LEU C   OXT  sing N N 289 
LEU CB  CG   sing N N 290 
LEU CB  HB2  sing N N 291 
LEU CB  HB3  sing N N 292 
LEU CG  CD1  sing N N 293 
LEU CG  CD2  sing N N 294 
LEU CG  HG   sing N N 295 
LEU CD1 HD11 sing N N 296 
LEU CD1 HD12 sing N N 297 
LEU CD1 HD13 sing N N 298 
LEU CD2 HD21 sing N N 299 
LEU CD2 HD22 sing N N 300 
LEU CD2 HD23 sing N N 301 
LEU OXT HXT  sing N N 302 
LYS N   CA   sing N N 303 
LYS N   H    sing N N 304 
LYS N   H2   sing N N 305 
LYS CA  C    sing N N 306 
LYS CA  CB   sing N N 307 
LYS CA  HA   sing N N 308 
LYS C   O    doub N N 309 
LYS C   OXT  sing N N 310 
LYS CB  CG   sing N N 311 
LYS CB  HB2  sing N N 312 
LYS CB  HB3  sing N N 313 
LYS CG  CD   sing N N 314 
LYS CG  HG2  sing N N 315 
LYS CG  HG3  sing N N 316 
LYS CD  CE   sing N N 317 
LYS CD  HD2  sing N N 318 
LYS CD  HD3  sing N N 319 
LYS CE  NZ   sing N N 320 
LYS CE  HE2  sing N N 321 
LYS CE  HE3  sing N N 322 
LYS NZ  HZ1  sing N N 323 
LYS NZ  HZ2  sing N N 324 
LYS NZ  HZ3  sing N N 325 
LYS OXT HXT  sing N N 326 
MET N   CA   sing N N 327 
MET N   H    sing N N 328 
MET N   H2   sing N N 329 
MET CA  C    sing N N 330 
MET CA  CB   sing N N 331 
MET CA  HA   sing N N 332 
MET C   O    doub N N 333 
MET C   OXT  sing N N 334 
MET CB  CG   sing N N 335 
MET CB  HB2  sing N N 336 
MET CB  HB3  sing N N 337 
MET CG  SD   sing N N 338 
MET CG  HG2  sing N N 339 
MET CG  HG3  sing N N 340 
MET SD  CE   sing N N 341 
MET CE  HE1  sing N N 342 
MET CE  HE2  sing N N 343 
MET CE  HE3  sing N N 344 
MET OXT HXT  sing N N 345 
PHE N   CA   sing N N 346 
PHE N   H    sing N N 347 
PHE N   H2   sing N N 348 
PHE CA  C    sing N N 349 
PHE CA  CB   sing N N 350 
PHE CA  HA   sing N N 351 
PHE C   O    doub N N 352 
PHE C   OXT  sing N N 353 
PHE CB  CG   sing N N 354 
PHE CB  HB2  sing N N 355 
PHE CB  HB3  sing N N 356 
PHE CG  CD1  doub Y N 357 
PHE CG  CD2  sing Y N 358 
PHE CD1 CE1  sing Y N 359 
PHE CD1 HD1  sing N N 360 
PHE CD2 CE2  doub Y N 361 
PHE CD2 HD2  sing N N 362 
PHE CE1 CZ   doub Y N 363 
PHE CE1 HE1  sing N N 364 
PHE CE2 CZ   sing Y N 365 
PHE CE2 HE2  sing N N 366 
PHE CZ  HZ   sing N N 367 
PHE OXT HXT  sing N N 368 
PRO N   CA   sing N N 369 
PRO N   CD   sing N N 370 
PRO N   H    sing N N 371 
PRO CA  C    sing N N 372 
PRO CA  CB   sing N N 373 
PRO CA  HA   sing N N 374 
PRO C   O    doub N N 375 
PRO C   OXT  sing N N 376 
PRO CB  CG   sing N N 377 
PRO CB  HB2  sing N N 378 
PRO CB  HB3  sing N N 379 
PRO CG  CD   sing N N 380 
PRO CG  HG2  sing N N 381 
PRO CG  HG3  sing N N 382 
PRO CD  HD2  sing N N 383 
PRO CD  HD3  sing N N 384 
PRO OXT HXT  sing N N 385 
SER N   CA   sing N N 386 
SER N   H    sing N N 387 
SER N   H2   sing N N 388 
SER CA  C    sing N N 389 
SER CA  CB   sing N N 390 
SER CA  HA   sing N N 391 
SER C   O    doub N N 392 
SER C   OXT  sing N N 393 
SER CB  OG   sing N N 394 
SER CB  HB2  sing N N 395 
SER CB  HB3  sing N N 396 
SER OG  HG   sing N N 397 
SER OXT HXT  sing N N 398 
THR N   CA   sing N N 399 
THR N   H    sing N N 400 
THR N   H2   sing N N 401 
THR CA  C    sing N N 402 
THR CA  CB   sing N N 403 
THR CA  HA   sing N N 404 
THR C   O    doub N N 405 
THR C   OXT  sing N N 406 
THR CB  OG1  sing N N 407 
THR CB  CG2  sing N N 408 
THR CB  HB   sing N N 409 
THR OG1 HG1  sing N N 410 
THR CG2 HG21 sing N N 411 
THR CG2 HG22 sing N N 412 
THR CG2 HG23 sing N N 413 
THR OXT HXT  sing N N 414 
TRP N   CA   sing N N 415 
TRP N   H    sing N N 416 
TRP N   H2   sing N N 417 
TRP CA  C    sing N N 418 
TRP CA  CB   sing N N 419 
TRP CA  HA   sing N N 420 
TRP C   O    doub N N 421 
TRP C   OXT  sing N N 422 
TRP CB  CG   sing N N 423 
TRP CB  HB2  sing N N 424 
TRP CB  HB3  sing N N 425 
TRP CG  CD1  doub Y N 426 
TRP CG  CD2  sing Y N 427 
TRP CD1 NE1  sing Y N 428 
TRP CD1 HD1  sing N N 429 
TRP CD2 CE2  doub Y N 430 
TRP CD2 CE3  sing Y N 431 
TRP NE1 CE2  sing Y N 432 
TRP NE1 HE1  sing N N 433 
TRP CE2 CZ2  sing Y N 434 
TRP CE3 CZ3  doub Y N 435 
TRP CE3 HE3  sing N N 436 
TRP CZ2 CH2  doub Y N 437 
TRP CZ2 HZ2  sing N N 438 
TRP CZ3 CH2  sing Y N 439 
TRP CZ3 HZ3  sing N N 440 
TRP CH2 HH2  sing N N 441 
TRP OXT HXT  sing N N 442 
TYR N   CA   sing N N 443 
TYR N   H    sing N N 444 
TYR N   H2   sing N N 445 
TYR CA  C    sing N N 446 
TYR CA  CB   sing N N 447 
TYR CA  HA   sing N N 448 
TYR C   O    doub N N 449 
TYR C   OXT  sing N N 450 
TYR CB  CG   sing N N 451 
TYR CB  HB2  sing N N 452 
TYR CB  HB3  sing N N 453 
TYR CG  CD1  doub Y N 454 
TYR CG  CD2  sing Y N 455 
TYR CD1 CE1  sing Y N 456 
TYR CD1 HD1  sing N N 457 
TYR CD2 CE2  doub Y N 458 
TYR CD2 HD2  sing N N 459 
TYR CE1 CZ   doub Y N 460 
TYR CE1 HE1  sing N N 461 
TYR CE2 CZ   sing Y N 462 
TYR CE2 HE2  sing N N 463 
TYR CZ  OH   sing N N 464 
TYR OH  HH   sing N N 465 
TYR OXT HXT  sing N N 466 
VAL N   CA   sing N N 467 
VAL N   H    sing N N 468 
VAL N   H2   sing N N 469 
VAL CA  C    sing N N 470 
VAL CA  CB   sing N N 471 
VAL CA  HA   sing N N 472 
VAL C   O    doub N N 473 
VAL C   OXT  sing N N 474 
VAL CB  CG1  sing N N 475 
VAL CB  CG2  sing N N 476 
VAL CB  HB   sing N N 477 
VAL CG1 HG11 sing N N 478 
VAL CG1 HG12 sing N N 479 
VAL CG1 HG13 sing N N 480 
VAL CG2 HG21 sing N N 481 
VAL CG2 HG22 sing N N 482 
VAL CG2 HG23 sing N N 483 
VAL OXT HXT  sing N N 484 
# 
loop_
_pdbx_entity_nonpoly.entity_id 
_pdbx_entity_nonpoly.name 
_pdbx_entity_nonpoly.comp_id 
2 'DODECAETHYLENE GLYCOL'                   12P 
3 '2-phenyl-1H-imidazole-4-carboxylic acid' G14 
4 water                                     HOH 
# 
_pdbx_initial_refinement_model.id               1 
_pdbx_initial_refinement_model.entity_id_list   ? 
_pdbx_initial_refinement_model.type             'experimental model' 
_pdbx_initial_refinement_model.source_name      PDB 
_pdbx_initial_refinement_model.accession_code   3KCE 
_pdbx_initial_refinement_model.details          'PDB ENTRY 3KCE' 
# 
